data_6KR3
#
_entry.id   6KR3
#
_cell.length_a   178.845
_cell.length_b   209.975
_cell.length_c   157.873
_cell.angle_alpha   90.000
_cell.angle_beta   90.000
_cell.angle_gamma   90.000
#
_symmetry.space_group_name_H-M   'C 2 2 21'
#
loop_
_entity.id
_entity.type
_entity.pdbx_description
1 polymer 'Genome polyprotein'
2 non-polymer 'IODIDE ION'
3 non-polymer S-ADENOSYL-L-HOMOCYSTEINE
4 non-polymer 'ZINC ION'
5 non-polymer GLYCEROL
6 water water
#
_entity_poly.entity_id   1
_entity_poly.type   'polypeptide(L)'
_entity_poly.pdbx_seq_one_letter_code
;MGTGNTGETLGEKWKNRLNALGKSEFQIYKKSGIQEVDRTLAKEGIKRGETDHHAVSRGSAKLRWFVERNLVTPEGKVVD
LGCGRGGWSYYCGGLKNVKEVKGLTKGGPGHEEPIPMSTYGWNLVRLQSGVDVFFTPPEKCDTLLCDIGESSPNPTVEAG
RTLRVLNLVENWLNNNTQFCIKVLNPYMPSVIEKMEALQRKYGGALVRNPLSRNSTHEMYWVSNASGNIVSSVNMISRML
INRFTMRHKKATYEPDVDLGSGTRNIGIESETPNLDIIGKRIEKIKQEHETSWHYDQDHPYKTWAYHGSYETKQTGSASS
MVNGVVRLLTKPWDIIPMVTQMAMTDTTPFGQQRVFKEKVDTRTQEPKEGTKKLMKITAEWLWKELGKKKTPRMCTREEF
TRKVRSNAALGAIFTDENKWKSAREAVEDSGFWELVDKERNLHLEGKCETCVYNMMGKREKKLGEFGKAKGSRAIWYMWL
GARFLEFEALGFLNEDHWFSRENSLSGVEGEGLHKLGYILRDVSKKEGGAMYADDTAGWDTRITLEDLKNEEMVTNHMEG
EHKKLAEAIFKLTYQNKVVRVQRPTPRGTVMDIISRRDQRGSGQVVTYGLNTFTNMEAQLIRQMEGEGVFKSIQHLTVTE
EIAVKNWLVRVGRERLSRMAISGDDCVVKPLDDRFASALTALNDMGKVRKDIQQWEPSRGWNDWTQVPFCSHHFHELIMK
DGRVLVVPCRNQDELIGRARISQGAGWSLRETACLGKSYAQMWSLMYFHRRDLRLAANAICSAVPSHWVPTSRTTWSIHA
THEWMTTEDMLTVWNRVWIQENPWMEDKTPVESWEEIPYLGKREDQWCGSLIGLTSRATWAKNIQTAINQVRSLIGNEEY
TDYMPSMKRFRREEEEAGVLWGSSSHHHHHH
;
_entity_poly.pdbx_strand_id   A,B
#
# COMPACT_ATOMS: atom_id res chain seq x y z
N THR A 9 -22.04 25.16 25.23
CA THR A 9 -21.36 24.10 24.48
C THR A 9 -20.47 24.71 23.38
N LEU A 10 -19.47 23.97 22.88
CA LEU A 10 -18.47 24.52 21.94
C LEU A 10 -17.66 23.39 21.27
N GLY A 11 -16.32 23.39 21.45
CA GLY A 11 -15.46 22.22 21.33
C GLY A 11 -15.78 21.13 22.34
N GLU A 12 -16.62 21.41 23.33
CA GLU A 12 -17.14 20.34 24.18
C GLU A 12 -18.02 19.44 23.37
N LYS A 13 -18.67 20.01 22.35
CA LYS A 13 -19.36 19.17 21.40
C LYS A 13 -18.41 18.12 20.83
N TRP A 14 -17.15 18.51 20.63
CA TRP A 14 -16.14 17.54 20.24
C TRP A 14 -15.88 16.53 21.35
N LYS A 15 -15.74 16.99 22.61
CA LYS A 15 -15.25 16.08 23.64
C LYS A 15 -16.26 14.96 23.95
N ASN A 16 -17.56 15.22 23.82
CA ASN A 16 -18.50 14.12 24.10
C ASN A 16 -18.62 13.17 22.92
N ARG A 17 -18.54 13.70 21.69
CA ARG A 17 -18.36 12.81 20.56
C ARG A 17 -17.18 11.87 20.77
N LEU A 18 -16.14 12.33 21.47
CA LEU A 18 -14.93 11.53 21.66
C LEU A 18 -15.06 10.57 22.82
N ASN A 19 -15.55 11.06 23.96
CA ASN A 19 -15.74 10.20 25.10
C ASN A 19 -16.76 9.11 24.78
N ALA A 20 -17.74 9.44 23.95
CA ALA A 20 -18.74 8.45 23.57
C ALA A 20 -18.30 7.76 22.29
N LEU A 21 -17.29 6.91 22.39
CA LEU A 21 -16.71 6.38 21.16
C LEU A 21 -15.81 5.19 21.48
N GLY A 22 -16.04 4.09 20.79
CA GLY A 22 -15.49 2.80 21.12
C GLY A 22 -13.97 2.74 21.26
N LYS A 23 -13.47 1.62 21.76
CA LYS A 23 -12.04 1.52 22.04
C LYS A 23 -11.23 1.56 20.75
N SER A 24 -11.66 0.81 19.73
CA SER A 24 -10.86 0.73 18.52
C SER A 24 -11.07 1.95 17.64
N GLU A 25 -12.32 2.38 17.46
CA GLU A 25 -12.52 3.65 16.78
C GLU A 25 -11.60 4.70 17.39
N PHE A 26 -11.45 4.68 18.71
CA PHE A 26 -10.63 5.66 19.41
C PHE A 26 -9.19 5.64 18.91
N GLN A 27 -8.57 4.46 18.98
CA GLN A 27 -7.20 4.32 18.50
C GLN A 27 -7.11 4.64 17.00
N ILE A 28 -8.13 4.31 16.20
CA ILE A 28 -8.12 4.68 14.79
C ILE A 28 -8.14 6.21 14.67
N TYR A 29 -9.00 6.85 15.45
CA TYR A 29 -9.22 8.29 15.33
C TYR A 29 -8.03 9.07 15.83
N LYS A 30 -7.26 8.47 16.73
CA LYS A 30 -6.20 9.16 17.46
C LYS A 30 -5.14 9.67 16.50
N LYS A 31 -4.75 8.85 15.54
CA LYS A 31 -3.62 9.11 14.66
C LYS A 31 -4.11 9.15 13.21
N SER A 32 -4.97 10.13 12.89
CA SER A 32 -5.64 10.22 11.60
C SER A 32 -5.28 11.52 10.93
N GLY A 33 -4.52 11.43 9.84
CA GLY A 33 -4.13 12.65 9.17
C GLY A 33 -3.25 13.54 10.01
N ILE A 34 -2.76 13.00 11.12
CA ILE A 34 -1.82 13.72 11.96
C ILE A 34 -0.43 13.48 11.43
N GLN A 35 0.52 14.20 11.98
CA GLN A 35 1.93 14.00 11.69
C GLN A 35 2.53 13.19 12.83
N GLU A 36 3.25 12.15 12.46
CA GLU A 36 3.90 11.29 13.44
C GLU A 36 5.36 11.23 13.10
N VAL A 37 6.15 10.76 14.05
CA VAL A 37 7.57 10.61 13.88
C VAL A 37 7.91 9.17 14.20
N ASP A 38 8.84 8.59 13.43
CA ASP A 38 9.15 7.17 13.60
C ASP A 38 10.10 6.99 14.78
N ARG A 39 9.57 6.44 15.87
CA ARG A 39 10.35 6.31 17.08
C ARG A 39 10.93 4.93 17.26
N THR A 40 10.57 3.98 16.38
CA THR A 40 11.05 2.61 16.53
C THR A 40 12.55 2.57 16.79
N LEU A 41 13.31 3.40 16.07
CA LEU A 41 14.76 3.36 16.14
C LEU A 41 15.29 3.89 17.47
N ALA A 42 14.97 5.14 17.80
CA ALA A 42 15.41 5.70 19.07
C ALA A 42 15.01 4.84 20.25
N LYS A 43 13.76 4.37 20.26
CA LYS A 43 13.30 3.53 21.37
C LYS A 43 14.11 2.24 21.48
N GLU A 44 14.43 1.60 20.34
CA GLU A 44 15.30 0.42 20.36
C GLU A 44 16.73 0.79 20.77
N GLY A 45 17.24 1.92 20.28
CA GLY A 45 18.61 2.29 20.60
C GLY A 45 18.80 2.76 22.03
N ILE A 46 17.75 3.33 22.63
CA ILE A 46 17.88 3.80 24.01
C ILE A 46 17.85 2.61 24.97
N LYS A 47 17.14 1.54 24.61
CA LYS A 47 17.22 0.31 25.39
C LYS A 47 18.61 -0.32 25.30
N ARG A 48 19.22 -0.32 24.12
CA ARG A 48 20.56 -0.89 23.95
C ARG A 48 21.63 -0.04 24.62
N GLY A 49 21.21 1.04 25.28
CA GLY A 49 22.13 1.88 26.02
C GLY A 49 22.65 3.08 25.26
N GLU A 50 22.26 3.26 24.00
CA GLU A 50 22.80 4.40 23.26
C GLU A 50 22.29 5.69 23.90
N THR A 51 23.23 6.47 24.42
CA THR A 51 22.95 7.70 25.16
C THR A 51 23.27 8.96 24.35
N ASP A 52 23.33 8.86 23.03
CA ASP A 52 23.30 10.10 22.25
C ASP A 52 22.73 9.86 20.85
N HIS A 53 22.49 10.99 20.16
CA HIS A 53 21.72 11.15 18.92
C HIS A 53 20.23 11.10 19.20
N HIS A 54 19.78 10.05 19.89
CA HIS A 54 18.35 9.81 20.02
C HIS A 54 17.63 10.87 20.87
N ALA A 55 16.37 11.11 20.52
CA ALA A 55 15.50 11.90 21.40
C ALA A 55 14.83 10.95 22.37
N VAL A 56 14.45 11.46 23.55
CA VAL A 56 13.93 10.62 24.61
C VAL A 56 12.43 10.48 24.54
N SER A 57 11.78 11.16 23.62
CA SER A 57 10.32 11.16 23.59
C SER A 57 9.88 11.79 22.29
N ARG A 58 8.58 11.69 22.05
CA ARG A 58 7.97 12.48 20.99
C ARG A 58 8.14 13.97 21.20
N GLY A 59 8.44 14.40 22.43
CA GLY A 59 8.46 15.82 22.74
C GLY A 59 9.46 16.63 21.94
N SER A 60 10.66 16.10 21.73
CA SER A 60 11.66 16.85 20.97
C SER A 60 11.09 17.26 19.64
N ALA A 61 10.57 16.30 18.88
CA ALA A 61 10.00 16.63 17.58
C ALA A 61 8.97 17.73 17.74
N LYS A 62 7.98 17.50 18.62
CA LYS A 62 6.95 18.47 18.92
C LYS A 62 7.53 19.86 19.09
N LEU A 63 8.52 20.01 19.96
CA LEU A 63 9.07 21.34 20.17
C LEU A 63 9.84 21.83 18.96
N ARG A 64 10.53 20.94 18.23
CA ARG A 64 11.23 21.38 17.02
C ARG A 64 10.25 21.99 16.02
N TRP A 65 9.03 21.46 15.96
CA TRP A 65 8.05 22.06 15.06
C TRP A 65 7.81 23.52 15.40
N PHE A 66 7.79 23.87 16.69
CA PHE A 66 7.61 25.28 17.02
C PHE A 66 8.86 26.08 16.71
N VAL A 67 10.03 25.57 17.12
CA VAL A 67 11.25 26.37 17.05
C VAL A 67 11.61 26.71 15.61
N GLU A 68 11.48 25.73 14.70
CA GLU A 68 11.93 26.00 13.34
C GLU A 68 11.06 27.02 12.63
N ARG A 69 9.86 27.28 13.12
CA ARG A 69 9.04 28.34 12.58
C ARG A 69 9.12 29.63 13.38
N ASN A 70 10.04 29.70 14.34
CA ASN A 70 10.22 30.88 15.20
C ASN A 70 9.02 31.17 16.09
N LEU A 71 8.09 30.22 16.26
CA LEU A 71 6.99 30.42 17.19
C LEU A 71 7.49 30.45 18.63
N VAL A 72 8.60 29.78 18.93
CA VAL A 72 9.40 30.08 20.10
C VAL A 72 10.85 30.17 19.65
N THR A 73 11.56 31.15 20.18
CA THR A 73 13.00 31.29 19.98
C THR A 73 13.67 31.14 21.33
N PRO A 74 13.87 29.90 21.80
CA PRO A 74 14.49 29.72 23.12
C PRO A 74 15.88 30.31 23.12
N GLU A 75 16.28 30.86 24.28
CA GLU A 75 17.53 31.60 24.44
C GLU A 75 17.83 31.83 25.91
N GLY A 76 19.09 31.71 26.29
CA GLY A 76 19.50 32.09 27.62
C GLY A 76 19.24 30.99 28.62
N LYS A 77 18.65 31.34 29.76
CA LYS A 77 18.24 30.34 30.73
C LYS A 77 16.90 29.79 30.25
N VAL A 78 16.78 28.48 30.22
CA VAL A 78 15.55 27.86 29.78
C VAL A 78 15.10 27.01 30.93
N VAL A 79 14.03 27.41 31.56
CA VAL A 79 13.35 26.58 32.54
C VAL A 79 12.31 25.77 31.79
N ASP A 80 12.11 24.53 32.22
CA ASP A 80 11.23 23.59 31.53
C ASP A 80 10.46 22.83 32.60
N LEU A 81 9.25 23.29 32.89
CA LEU A 81 8.43 22.70 33.96
C LEU A 81 7.71 21.47 33.46
N GLY A 82 7.79 20.39 34.22
CA GLY A 82 7.23 19.16 33.75
C GLY A 82 8.04 18.59 32.60
N CYS A 83 9.36 18.52 32.77
CA CYS A 83 10.27 18.11 31.70
C CYS A 83 10.23 16.62 31.43
N GLY A 84 9.64 15.83 32.34
CA GLY A 84 9.49 14.40 32.07
C GLY A 84 10.85 13.79 31.79
N ARG A 85 10.94 13.03 30.68
CA ARG A 85 12.21 12.38 30.37
C ARG A 85 13.24 13.39 29.92
N GLY A 86 12.81 14.50 29.32
CA GLY A 86 13.75 15.52 28.90
C GLY A 86 13.63 15.97 27.47
N GLY A 87 12.57 15.53 26.77
CA GLY A 87 12.46 15.81 25.36
C GLY A 87 12.68 17.27 25.00
N TRP A 88 12.09 18.18 25.78
CA TRP A 88 12.21 19.60 25.43
C TRP A 88 13.54 20.17 25.88
N SER A 89 14.01 19.83 27.07
CA SER A 89 15.21 20.50 27.55
C SER A 89 16.47 19.96 26.86
N TYR A 90 16.50 18.66 26.54
CA TYR A 90 17.59 18.15 25.74
C TYR A 90 17.63 18.86 24.39
N TYR A 91 16.51 18.81 23.67
CA TYR A 91 16.40 19.55 22.43
C TYR A 91 16.90 21.00 22.57
N CYS A 92 16.47 21.70 23.62
CA CYS A 92 16.93 23.07 23.77
C CYS A 92 18.43 23.18 24.01
N GLY A 93 19.07 22.08 24.44
CA GLY A 93 20.48 22.15 24.78
C GLY A 93 21.35 22.42 23.56
N GLY A 94 21.00 21.83 22.43
CA GLY A 94 21.72 22.02 21.20
C GLY A 94 21.38 23.26 20.42
N LEU A 95 20.40 24.05 20.88
CA LEU A 95 19.96 25.23 20.15
C LEU A 95 20.93 26.38 20.37
N LYS A 96 21.05 27.21 19.33
CA LYS A 96 22.19 28.13 19.20
C LYS A 96 22.31 29.04 20.41
N ASN A 97 21.28 29.83 20.65
CA ASN A 97 21.38 30.94 21.58
C ASN A 97 21.12 30.52 23.03
N VAL A 98 20.97 29.24 23.30
CA VAL A 98 20.64 28.77 24.65
C VAL A 98 21.93 28.57 25.42
N LYS A 99 21.92 28.99 26.70
CA LYS A 99 23.11 28.94 27.55
C LYS A 99 22.99 28.01 28.74
N GLU A 100 21.78 27.72 29.19
CA GLU A 100 21.54 26.84 30.33
C GLU A 100 20.12 26.30 30.19
N VAL A 101 19.90 25.10 30.70
CA VAL A 101 18.56 24.53 30.67
C VAL A 101 18.33 23.81 31.98
N LYS A 102 17.27 24.17 32.71
CA LYS A 102 16.90 23.46 33.92
C LYS A 102 15.53 22.85 33.73
N GLY A 103 15.43 21.55 33.94
CA GLY A 103 14.20 20.81 33.81
C GLY A 103 13.76 20.29 35.17
N LEU A 104 12.51 20.58 35.51
CA LEU A 104 11.93 20.20 36.79
C LEU A 104 10.74 19.32 36.46
N THR A 105 10.70 18.11 37.03
CA THR A 105 9.54 17.25 36.85
C THR A 105 9.29 16.50 38.16
N LYS A 106 8.02 16.12 38.34
CA LYS A 106 7.59 15.41 39.54
C LYS A 106 8.40 14.13 39.71
N GLY A 107 8.34 13.25 38.73
CA GLY A 107 8.92 11.95 38.95
C GLY A 107 8.14 11.14 39.95
N GLY A 108 8.62 9.94 40.28
CA GLY A 108 8.01 9.11 41.29
C GLY A 108 7.00 8.15 40.70
N PRO A 109 6.61 7.12 41.49
CA PRO A 109 5.73 6.07 40.98
C PRO A 109 4.45 6.59 40.36
N GLY A 110 4.33 6.40 39.05
CA GLY A 110 3.22 6.90 38.29
C GLY A 110 3.61 7.94 37.24
N HIS A 111 4.83 8.46 37.30
CA HIS A 111 5.28 9.53 36.43
C HIS A 111 6.61 9.19 35.79
N GLU A 112 6.97 9.98 34.78
CA GLU A 112 8.21 9.79 34.04
C GLU A 112 9.40 10.31 34.84
N GLU A 113 10.47 9.48 34.97
CA GLU A 113 11.76 9.94 35.47
C GLU A 113 12.66 10.39 34.31
N PRO A 114 13.43 11.48 34.45
CA PRO A 114 14.33 11.90 33.36
C PRO A 114 15.31 10.81 32.90
N ILE A 115 15.78 10.92 31.66
CA ILE A 115 16.70 9.96 31.06
C ILE A 115 18.04 10.65 30.83
N PRO A 116 19.16 10.05 31.23
CA PRO A 116 20.46 10.69 31.01
C PRO A 116 20.89 10.40 29.59
N MET A 117 21.52 11.38 28.95
CA MET A 117 21.82 11.32 27.53
C MET A 117 23.02 12.21 27.21
N SER A 118 23.91 11.68 26.37
CA SER A 118 25.07 12.38 25.85
C SER A 118 24.75 13.19 24.60
N THR A 119 23.45 13.40 24.34
CA THR A 119 22.90 14.38 23.39
C THR A 119 23.69 15.67 23.32
N TYR A 120 23.86 16.24 22.12
CA TYR A 120 24.60 17.49 22.00
C TYR A 120 24.06 18.56 22.94
N GLY A 121 24.96 19.11 23.74
CA GLY A 121 24.61 20.14 24.69
C GLY A 121 24.25 19.65 26.07
N TRP A 122 24.12 18.33 26.26
CA TRP A 122 23.75 17.77 27.57
C TRP A 122 24.45 18.45 28.74
N ASN A 123 25.69 18.92 28.55
CA ASN A 123 26.41 19.54 29.67
C ASN A 123 25.70 20.77 30.21
N LEU A 124 24.87 21.41 29.39
CA LEU A 124 24.11 22.60 29.82
C LEU A 124 22.72 22.26 30.32
N VAL A 125 22.42 21.00 30.55
CA VAL A 125 21.07 20.55 30.82
C VAL A 125 21.06 19.85 32.17
N ARG A 126 20.43 20.50 33.16
CA ARG A 126 20.24 19.94 34.50
C ARG A 126 18.77 19.54 34.68
N LEU A 127 18.49 18.24 34.68
CA LEU A 127 17.15 17.75 34.97
C LEU A 127 17.06 17.29 36.42
N GLN A 128 16.13 17.87 37.17
CA GLN A 128 15.82 17.39 38.50
C GLN A 128 14.44 16.75 38.55
N SER A 129 14.36 15.58 39.18
CA SER A 129 13.10 14.95 39.51
C SER A 129 12.64 15.32 40.93
N GLY A 130 11.65 14.61 41.45
CA GLY A 130 11.10 14.90 42.77
C GLY A 130 10.82 16.37 43.00
N VAL A 131 10.13 17.02 42.08
CA VAL A 131 9.88 18.46 42.18
C VAL A 131 8.45 18.72 41.74
N ASP A 132 7.68 19.36 42.61
CA ASP A 132 6.34 19.76 42.23
C ASP A 132 6.39 21.23 41.79
N VAL A 133 6.33 21.49 40.49
CA VAL A 133 6.51 22.86 40.03
C VAL A 133 5.43 23.78 40.56
N PHE A 134 4.33 23.22 41.08
CA PHE A 134 3.33 24.07 41.70
C PHE A 134 3.80 24.61 43.05
N PHE A 135 4.82 24.00 43.66
CA PHE A 135 5.26 24.35 45.00
C PHE A 135 6.67 24.94 45.04
N THR A 136 7.20 25.38 43.92
CA THR A 136 8.60 25.79 43.97
C THR A 136 8.73 27.24 43.56
N PRO A 137 9.68 27.95 44.16
CA PRO A 137 9.83 29.38 43.89
C PRO A 137 10.23 29.63 42.46
N PRO A 138 9.63 30.61 41.81
CA PRO A 138 10.13 31.09 40.51
C PRO A 138 11.62 31.39 40.54
N GLU A 139 12.20 31.47 39.34
CA GLU A 139 13.63 31.74 39.16
C GLU A 139 13.77 32.62 37.94
N LYS A 140 14.77 33.49 37.95
CA LYS A 140 15.05 34.23 36.73
C LYS A 140 15.18 33.24 35.57
N CYS A 141 14.57 33.59 34.42
CA CYS A 141 14.76 32.81 33.21
C CYS A 141 14.41 33.64 31.98
N ASP A 142 15.07 33.37 30.86
CA ASP A 142 14.82 34.12 29.64
C ASP A 142 13.88 33.42 28.66
N THR A 143 13.72 32.10 28.75
CA THR A 143 12.63 31.42 28.05
C THR A 143 12.07 30.37 29.00
N LEU A 144 10.74 30.25 29.02
CA LEU A 144 10.04 29.38 29.96
C LEU A 144 9.17 28.44 29.16
N LEU A 145 9.35 27.14 29.39
CA LEU A 145 8.58 26.10 28.72
C LEU A 145 7.78 25.37 29.79
N CYS A 146 6.59 24.93 29.42
CA CYS A 146 5.81 24.09 30.32
C CYS A 146 4.95 23.16 29.47
N ASP A 147 4.86 21.89 29.89
CA ASP A 147 4.15 20.87 29.12
C ASP A 147 3.26 20.02 30.04
N ILE A 148 2.74 20.61 31.13
CA ILE A 148 1.85 19.97 32.10
C ILE A 148 0.40 20.05 31.64
N GLY A 149 -0.40 19.05 31.99
CA GLY A 149 -1.80 19.03 31.60
C GLY A 149 -2.37 17.64 31.42
N GLU A 150 -2.88 17.05 32.50
CA GLU A 150 -3.42 15.69 32.47
C GLU A 150 -4.74 15.66 31.75
N SER A 151 -4.85 14.83 30.71
CA SER A 151 -6.18 14.85 30.11
C SER A 151 -7.16 14.09 31.01
N SER A 152 -8.45 14.22 30.72
CA SER A 152 -9.52 13.65 31.52
C SER A 152 -10.77 13.59 30.66
N PRO A 153 -11.57 12.51 30.78
CA PRO A 153 -12.87 12.51 30.09
C PRO A 153 -13.69 13.76 30.40
N ASN A 154 -13.51 14.30 31.60
CA ASN A 154 -14.35 15.38 32.09
C ASN A 154 -13.76 16.74 31.75
N PRO A 155 -14.44 17.54 30.95
CA PRO A 155 -13.85 18.82 30.52
C PRO A 155 -13.68 19.82 31.64
N THR A 156 -14.67 19.92 32.55
CA THR A 156 -14.52 20.81 33.69
C THR A 156 -13.27 20.47 34.51
N VAL A 157 -13.03 19.17 34.75
CA VAL A 157 -11.78 18.78 35.39
C VAL A 157 -10.58 19.43 34.68
N GLU A 158 -10.50 19.31 33.36
CA GLU A 158 -9.29 19.74 32.67
C GLU A 158 -9.10 21.24 32.71
N ALA A 159 -10.19 21.99 32.52
CA ALA A 159 -10.12 23.43 32.69
C ALA A 159 -9.51 23.77 34.04
N GLY A 160 -9.86 22.99 35.07
CA GLY A 160 -9.30 23.15 36.39
C GLY A 160 -7.80 23.03 36.34
N ARG A 161 -7.32 21.86 35.91
CA ARG A 161 -5.88 21.67 35.73
C ARG A 161 -5.30 22.66 34.73
N THR A 162 -6.02 22.96 33.66
CA THR A 162 -5.47 23.92 32.72
C THR A 162 -5.28 25.27 33.38
N LEU A 163 -6.28 25.70 34.16
CA LEU A 163 -6.19 27.00 34.81
C LEU A 163 -5.12 26.99 35.89
N ARG A 164 -4.95 25.86 36.57
CA ARG A 164 -3.86 25.73 37.52
C ARG A 164 -2.52 26.03 36.85
N VAL A 165 -2.25 25.39 35.70
CA VAL A 165 -0.92 25.57 35.11
C VAL A 165 -0.82 26.96 34.51
N LEU A 166 -1.95 27.51 34.05
CA LEU A 166 -1.91 28.87 33.54
C LEU A 166 -1.57 29.84 34.66
N ASN A 167 -2.14 29.61 35.85
CA ASN A 167 -1.84 30.49 36.97
C ASN A 167 -0.43 30.33 37.46
N LEU A 168 0.29 29.37 36.93
CA LEU A 168 1.65 29.07 37.35
C LEU A 168 2.67 29.66 36.41
N VAL A 169 2.53 29.47 35.10
CA VAL A 169 3.47 30.08 34.19
C VAL A 169 3.43 31.59 34.34
N GLU A 170 2.34 32.13 34.88
CA GLU A 170 2.27 33.58 35.04
C GLU A 170 3.24 34.08 36.11
N ASN A 171 3.43 33.30 37.18
CA ASN A 171 4.43 33.66 38.19
C ASN A 171 5.84 33.60 37.64
N TRP A 172 6.07 32.79 36.61
CA TRP A 172 7.40 32.64 36.06
C TRP A 172 7.66 33.63 34.93
N LEU A 173 6.61 34.15 34.31
CA LEU A 173 6.81 35.05 33.19
C LEU A 173 7.25 36.42 33.69
N ASN A 174 8.15 37.04 32.93
CA ASN A 174 8.38 38.47 32.86
C ASN A 174 7.84 38.92 31.51
N ASN A 175 8.04 40.18 31.17
CA ASN A 175 7.42 40.66 29.94
C ASN A 175 8.31 40.42 28.71
N ASN A 176 9.63 40.39 28.89
CA ASN A 176 10.49 40.03 27.78
C ASN A 176 10.62 38.50 27.59
N THR A 177 9.97 37.70 28.44
CA THR A 177 10.21 36.25 28.44
C THR A 177 9.64 35.57 27.20
N GLN A 178 10.38 34.58 26.71
CA GLN A 178 9.96 33.70 25.64
C GLN A 178 9.31 32.46 26.24
N PHE A 179 8.28 31.94 25.56
CA PHE A 179 7.56 30.85 26.22
C PHE A 179 6.84 29.95 25.25
N CYS A 180 6.45 28.79 25.79
CA CYS A 180 5.76 27.72 25.08
C CYS A 180 5.05 26.89 26.13
N ILE A 181 3.75 27.16 26.31
CA ILE A 181 2.99 26.63 27.43
C ILE A 181 1.86 25.80 26.86
N LYS A 182 1.78 24.56 27.28
CA LYS A 182 0.67 23.71 26.88
C LYS A 182 -0.60 24.23 27.51
N VAL A 183 -1.65 24.36 26.71
CA VAL A 183 -2.96 24.63 27.26
C VAL A 183 -3.80 23.41 26.99
N LEU A 184 -3.87 22.52 27.98
CA LEU A 184 -4.47 21.20 27.81
C LEU A 184 -5.85 21.28 27.23
N ASN A 185 -6.65 22.20 27.73
CA ASN A 185 -8.05 22.34 27.32
C ASN A 185 -8.36 23.81 27.12
N PRO A 186 -8.17 24.34 25.92
CA PRO A 186 -8.32 25.78 25.71
C PRO A 186 -9.72 26.13 25.24
N TYR A 187 -10.62 25.17 25.23
CA TYR A 187 -11.94 25.43 24.70
C TYR A 187 -12.97 25.59 25.79
N MET A 188 -12.56 25.60 27.01
CA MET A 188 -13.54 25.89 28.00
C MET A 188 -13.53 27.38 28.26
N PRO A 189 -14.67 28.02 28.55
CA PRO A 189 -14.63 29.48 28.79
C PRO A 189 -13.89 29.88 30.08
N SER A 190 -13.83 28.99 31.08
CA SER A 190 -12.79 29.13 32.11
C SER A 190 -11.45 29.49 31.46
N VAL A 191 -10.96 28.67 30.52
CA VAL A 191 -9.68 28.98 29.89
C VAL A 191 -9.79 30.09 28.85
N ILE A 192 -10.85 30.15 28.05
CA ILE A 192 -10.87 31.18 27.00
C ILE A 192 -10.81 32.57 27.62
N GLU A 193 -11.25 32.71 28.89
CA GLU A 193 -11.25 33.99 29.57
C GLU A 193 -9.88 34.34 30.13
N LYS A 194 -9.24 33.38 30.82
CA LYS A 194 -7.90 33.62 31.32
C LYS A 194 -6.89 33.79 30.19
N MET A 195 -7.02 33.00 29.12
CA MET A 195 -6.04 33.13 28.03
C MET A 195 -6.10 34.52 27.39
N GLU A 196 -7.31 35.06 27.20
CA GLU A 196 -7.47 36.43 26.71
C GLU A 196 -6.76 37.43 27.62
N ALA A 197 -7.04 37.34 28.93
CA ALA A 197 -6.30 38.15 29.90
C ALA A 197 -4.80 38.03 29.69
N LEU A 198 -4.27 36.80 29.81
CA LEU A 198 -2.85 36.55 29.62
C LEU A 198 -2.36 37.12 28.30
N GLN A 199 -3.09 36.89 27.21
CA GLN A 199 -2.65 37.41 25.92
C GLN A 199 -2.55 38.92 25.93
N ARG A 200 -3.40 39.59 26.72
CA ARG A 200 -3.36 41.05 26.76
C ARG A 200 -2.06 41.54 27.40
N LYS A 201 -1.68 40.95 28.53
CA LYS A 201 -0.42 41.32 29.18
C LYS A 201 0.79 40.83 28.40
N TYR A 202 0.91 39.52 28.24
CA TYR A 202 2.17 38.94 27.81
C TYR A 202 2.21 38.64 26.31
N GLY A 203 1.10 38.82 25.59
CA GLY A 203 1.07 38.59 24.15
C GLY A 203 1.09 37.11 23.79
N GLY A 204 1.56 36.84 22.60
CA GLY A 204 1.53 35.50 22.02
C GLY A 204 0.14 35.13 21.57
N ALA A 205 -0.03 33.85 21.28
CA ALA A 205 -1.31 33.30 20.85
C ALA A 205 -1.26 31.79 21.01
N LEU A 206 -2.42 31.16 20.90
CA LEU A 206 -2.52 29.72 20.93
C LEU A 206 -2.24 29.15 19.54
N VAL A 207 -1.53 28.03 19.49
CA VAL A 207 -1.12 27.42 18.22
C VAL A 207 -1.21 25.91 18.37
N ARG A 208 -1.83 25.23 17.41
CA ARG A 208 -1.94 23.78 17.50
C ARG A 208 -0.75 23.12 16.82
N ASN A 209 -0.16 22.12 17.50
CA ASN A 209 0.94 21.35 16.94
C ASN A 209 0.43 20.17 16.12
N PRO A 210 0.77 20.10 14.84
CA PRO A 210 0.26 18.98 14.04
C PRO A 210 0.71 17.62 14.49
N LEU A 211 1.71 17.53 15.37
CA LEU A 211 2.15 16.24 15.89
C LEU A 211 1.36 15.79 17.11
N SER A 212 0.44 16.63 17.62
CA SER A 212 -0.45 16.17 18.68
C SER A 212 -1.44 15.20 18.11
N ARG A 213 -1.76 14.17 18.86
CA ARG A 213 -2.76 13.25 18.39
C ARG A 213 -4.13 13.93 18.44
N ASN A 214 -5.07 13.38 17.68
CA ASN A 214 -6.42 13.91 17.57
C ASN A 214 -7.22 13.78 18.85
N SER A 215 -6.76 12.97 19.82
CA SER A 215 -7.49 12.71 21.04
C SER A 215 -7.24 13.76 22.12
N THR A 216 -6.59 14.87 21.79
CA THR A 216 -6.39 15.92 22.77
C THR A 216 -6.48 17.27 22.07
N HIS A 217 -7.09 18.23 22.74
CA HIS A 217 -7.31 19.54 22.15
C HIS A 217 -6.15 20.47 22.40
N GLU A 218 -5.00 19.92 22.84
CA GLU A 218 -3.86 20.75 23.23
C GLU A 218 -3.67 21.85 22.23
N MET A 219 -3.40 23.02 22.74
CA MET A 219 -2.86 24.09 21.95
C MET A 219 -1.82 24.73 22.84
N TYR A 220 -0.85 25.36 22.20
CA TYR A 220 0.31 25.83 22.93
C TYR A 220 0.32 27.35 22.86
N TRP A 221 0.44 27.96 24.01
CA TRP A 221 0.56 29.41 24.06
C TRP A 221 2.03 29.69 23.79
N VAL A 222 2.35 30.09 22.56
CA VAL A 222 3.73 30.32 22.15
C VAL A 222 3.95 31.80 21.90
N SER A 223 5.09 32.30 22.38
CA SER A 223 5.29 33.73 22.56
C SER A 223 5.27 34.51 21.25
N ASN A 224 6.05 34.11 20.27
CA ASN A 224 6.20 34.89 19.03
C ASN A 224 5.07 34.68 18.01
N ALA A 225 3.96 34.12 18.43
CA ALA A 225 2.80 34.02 17.56
C ALA A 225 1.83 35.15 17.86
N SER A 226 0.90 35.34 16.95
CA SER A 226 -0.15 36.32 17.17
C SER A 226 -1.44 35.76 16.63
N GLY A 227 -2.54 36.26 17.17
CA GLY A 227 -3.83 35.86 16.65
C GLY A 227 -4.90 35.97 17.69
N ASN A 228 -6.14 35.92 17.22
CA ASN A 228 -7.25 35.99 18.13
C ASN A 228 -7.53 34.61 18.73
N ILE A 229 -7.82 34.59 20.04
CA ILE A 229 -7.95 33.35 20.82
C ILE A 229 -9.15 32.52 20.40
N VAL A 230 -10.36 33.07 20.54
CA VAL A 230 -11.56 32.26 20.40
C VAL A 230 -11.62 31.65 18.99
N SER A 231 -11.27 32.43 17.97
CA SER A 231 -11.29 31.89 16.62
C SER A 231 -10.24 30.79 16.45
N SER A 232 -9.01 31.01 16.92
CA SER A 232 -8.02 29.94 16.80
C SER A 232 -8.52 28.67 17.48
N VAL A 233 -9.10 28.81 18.67
CA VAL A 233 -9.62 27.64 19.35
C VAL A 233 -10.72 26.95 18.52
N ASN A 234 -11.60 27.73 17.88
CA ASN A 234 -12.71 27.11 17.18
C ASN A 234 -12.26 26.47 15.89
N MET A 235 -11.28 27.09 15.21
CA MET A 235 -10.69 26.46 14.04
C MET A 235 -10.25 25.03 14.37
N ILE A 236 -9.56 24.86 15.50
CA ILE A 236 -9.12 23.52 15.88
C ILE A 236 -10.32 22.62 16.21
N SER A 237 -11.35 23.20 16.83
CA SER A 237 -12.48 22.39 17.25
C SER A 237 -13.18 21.78 16.04
N ARG A 238 -13.32 22.52 14.95
CA ARG A 238 -13.99 21.91 13.82
C ARG A 238 -13.02 21.02 13.05
N MET A 239 -11.73 21.36 13.06
CA MET A 239 -10.76 20.47 12.41
C MET A 239 -10.75 19.10 13.07
N LEU A 240 -10.76 19.06 14.41
CA LEU A 240 -10.84 17.79 15.11
C LEU A 240 -12.19 17.13 14.87
N ILE A 241 -13.24 17.91 14.67
CA ILE A 241 -14.52 17.26 14.41
C ILE A 241 -14.54 16.65 13.02
N ASN A 242 -14.27 17.47 11.99
CA ASN A 242 -14.13 16.99 10.61
C ASN A 242 -13.45 15.64 10.57
N ARG A 243 -12.38 15.49 11.37
CA ARG A 243 -11.56 14.28 11.38
C ARG A 243 -12.22 13.05 12.02
N PHE A 244 -13.38 13.18 12.67
CA PHE A 244 -14.09 11.96 13.07
C PHE A 244 -14.54 11.19 11.86
N THR A 245 -14.93 11.90 10.80
CA THR A 245 -15.55 11.34 9.61
C THR A 245 -14.57 11.13 8.47
N MET A 246 -13.38 11.73 8.56
CA MET A 246 -12.30 11.63 7.58
C MET A 246 -12.13 10.24 6.96
N ARG A 247 -12.44 10.15 5.67
CA ARG A 247 -11.88 9.09 4.86
C ARG A 247 -10.39 9.33 4.79
N HIS A 248 -9.66 8.27 4.49
CA HIS A 248 -8.20 8.33 4.29
C HIS A 248 -7.46 8.73 5.56
N LYS A 249 -7.57 7.88 6.59
CA LYS A 249 -7.04 8.28 7.89
C LYS A 249 -5.57 7.88 8.05
N LYS A 250 -4.83 7.72 6.98
CA LYS A 250 -3.42 7.40 7.19
C LYS A 250 -2.72 8.62 7.76
N ALA A 251 -1.55 8.40 8.34
CA ALA A 251 -0.79 9.42 9.03
C ALA A 251 0.52 9.69 8.32
N THR A 252 0.91 10.96 8.25
CA THR A 252 2.16 11.34 7.60
C THR A 252 3.34 11.22 8.56
N TYR A 253 4.49 10.78 8.04
CA TYR A 253 5.60 10.41 8.90
C TYR A 253 6.80 11.30 8.67
N GLU A 254 7.30 11.88 9.74
CA GLU A 254 8.50 12.67 9.81
C GLU A 254 9.62 11.80 10.34
N PRO A 255 10.86 12.03 9.93
CA PRO A 255 11.97 11.41 10.64
C PRO A 255 12.20 12.14 11.96
N ASP A 256 12.69 11.38 12.94
CA ASP A 256 12.76 11.94 14.26
C ASP A 256 13.91 12.95 14.37
N VAL A 257 13.92 13.69 15.48
CA VAL A 257 15.00 14.63 15.74
C VAL A 257 16.31 13.88 15.92
N ASP A 258 17.36 14.33 15.23
CA ASP A 258 18.73 13.89 15.51
C ASP A 258 19.35 14.91 16.46
N LEU A 259 19.48 14.55 17.72
CA LEU A 259 19.87 15.51 18.75
C LEU A 259 21.38 15.62 18.94
N GLY A 260 22.19 15.14 18.02
CA GLY A 260 23.60 15.45 18.09
C GLY A 260 24.33 14.54 19.06
N SER A 261 25.49 15.03 19.51
CA SER A 261 26.33 14.32 20.46
C SER A 261 27.42 15.26 20.97
N GLY A 262 27.96 14.91 22.13
CA GLY A 262 29.09 15.64 22.69
C GLY A 262 28.69 16.95 23.35
N THR A 263 29.68 17.56 24.02
CA THR A 263 29.44 18.73 24.84
C THR A 263 29.51 20.02 24.03
N ARG A 264 29.00 21.10 24.64
CA ARG A 264 28.94 22.44 24.05
C ARG A 264 29.87 23.40 24.80
N ASN A 265 30.63 24.19 24.05
CA ASN A 265 31.59 25.13 24.63
C ASN A 265 31.60 26.42 23.83
N ILE A 266 31.18 27.54 24.45
CA ILE A 266 31.10 28.81 23.72
C ILE A 266 32.40 29.08 22.97
N GLY A 267 33.53 28.83 23.64
CA GLY A 267 34.82 29.10 23.03
C GLY A 267 35.13 28.23 21.83
N ILE A 268 34.89 26.92 21.95
CA ILE A 268 35.43 25.96 20.98
C ILE A 268 34.57 25.91 19.73
N GLU A 269 33.25 25.87 19.90
CA GLU A 269 32.39 25.92 18.73
C GLU A 269 32.56 27.27 18.03
N SER A 270 31.97 27.36 16.83
CA SER A 270 31.97 28.56 15.97
C SER A 270 33.26 28.62 15.14
N GLU A 271 33.13 28.74 13.83
CA GLU A 271 34.29 28.80 12.95
C GLU A 271 34.88 30.21 12.99
N THR A 272 36.18 30.31 13.27
CA THR A 272 36.91 31.52 12.96
C THR A 272 37.45 31.39 11.54
N PRO A 273 36.79 31.97 10.52
CA PRO A 273 37.27 31.81 9.15
C PRO A 273 38.55 32.59 8.91
N ASN A 274 39.27 32.22 7.85
CA ASN A 274 40.42 32.99 7.37
C ASN A 274 40.01 33.71 6.07
N LEU A 275 39.25 34.80 6.22
CA LEU A 275 38.61 35.54 5.12
C LEU A 275 39.64 36.09 4.15
N ASP A 276 40.91 36.05 4.52
CA ASP A 276 42.01 36.27 3.59
C ASP A 276 42.18 35.12 2.56
N ILE A 277 41.24 34.18 2.46
CA ILE A 277 41.34 33.05 1.55
C ILE A 277 39.97 32.78 0.96
N ILE A 278 38.96 32.71 1.83
CA ILE A 278 37.59 32.55 1.34
C ILE A 278 37.03 33.85 0.80
N GLY A 279 37.84 34.91 0.76
CA GLY A 279 37.36 36.28 0.60
C GLY A 279 36.96 36.68 -0.80
N LYS A 280 37.95 36.79 -1.69
CA LYS A 280 37.71 37.05 -3.10
C LYS A 280 36.58 36.15 -3.60
N ARG A 281 36.38 35.02 -2.92
CA ARG A 281 35.29 34.09 -3.25
C ARG A 281 33.91 34.62 -2.90
N ILE A 282 33.71 35.21 -1.70
CA ILE A 282 32.35 35.62 -1.33
C ILE A 282 31.93 36.89 -2.08
N GLU A 283 32.78 37.92 -2.13
CA GLU A 283 32.30 39.20 -2.63
C GLU A 283 31.93 39.05 -4.10
N LYS A 284 32.43 38.00 -4.75
CA LYS A 284 31.95 37.67 -6.09
C LYS A 284 30.47 37.25 -6.06
N ILE A 285 30.09 36.39 -5.11
CA ILE A 285 28.67 36.01 -5.03
C ILE A 285 27.81 37.25 -4.75
N LYS A 286 28.31 38.12 -3.85
CA LYS A 286 27.68 39.39 -3.50
C LYS A 286 27.33 40.23 -4.72
N GLN A 287 28.31 40.44 -5.59
CA GLN A 287 28.10 41.30 -6.75
C GLN A 287 27.05 40.71 -7.66
N GLU A 288 27.04 39.38 -7.76
CA GLU A 288 26.10 38.71 -8.64
C GLU A 288 24.69 38.91 -8.10
N HIS A 289 24.60 39.59 -6.95
CA HIS A 289 23.33 40.01 -6.38
C HIS A 289 23.45 41.47 -5.90
N GLU A 290 23.95 41.71 -4.67
CA GLU A 290 24.17 43.07 -4.15
C GLU A 290 22.89 43.90 -4.06
N THR A 291 21.87 43.54 -4.83
CA THR A 291 20.54 44.13 -4.78
C THR A 291 19.66 43.42 -3.75
N SER A 292 19.23 42.19 -4.07
CA SER A 292 18.49 41.35 -3.13
C SER A 292 19.34 40.90 -1.93
N TRP A 293 20.65 41.08 -1.99
CA TRP A 293 21.52 40.65 -0.91
C TRP A 293 21.22 41.38 0.39
N HIS A 294 21.33 40.65 1.52
CA HIS A 294 21.13 41.19 2.86
C HIS A 294 21.76 40.24 3.88
N TYR A 295 22.37 40.79 4.92
CA TYR A 295 22.95 39.99 6.00
C TYR A 295 21.87 39.69 7.03
N ASP A 296 21.28 38.49 6.92
CA ASP A 296 20.27 38.05 7.86
C ASP A 296 20.83 38.03 9.28
N GLN A 297 19.93 37.98 10.22
CA GLN A 297 20.21 38.15 11.62
C GLN A 297 19.86 36.92 12.43
N ASP A 298 18.74 36.27 12.12
CA ASP A 298 18.36 35.02 12.77
C ASP A 298 18.95 33.79 12.09
N HIS A 299 20.18 33.87 11.58
CA HIS A 299 20.72 32.74 10.84
C HIS A 299 20.85 31.52 11.75
N PRO A 300 20.45 30.33 11.32
CA PRO A 300 20.50 29.20 12.26
C PRO A 300 21.90 28.75 12.58
N TYR A 301 22.89 29.07 11.74
CA TYR A 301 24.13 28.32 11.76
C TYR A 301 24.88 28.58 13.05
N LYS A 302 25.34 27.49 13.69
CA LYS A 302 26.06 27.58 14.96
C LYS A 302 27.48 27.04 14.92
N THR A 303 27.82 26.13 14.02
CA THR A 303 29.22 25.72 13.86
C THR A 303 29.88 26.25 12.59
N TRP A 304 29.15 26.90 11.70
CA TRP A 304 29.66 27.45 10.45
C TRP A 304 29.66 28.98 10.50
N ALA A 305 30.38 29.58 9.55
CA ALA A 305 30.50 31.03 9.46
C ALA A 305 29.51 31.57 8.44
N TYR A 306 28.61 32.49 8.89
CA TYR A 306 27.58 33.10 8.04
C TYR A 306 28.14 34.33 7.33
N HIS A 307 27.55 34.65 6.15
CA HIS A 307 27.97 35.85 5.43
C HIS A 307 26.84 36.62 4.75
N GLY A 308 25.74 35.99 4.31
CA GLY A 308 24.65 36.72 3.66
C GLY A 308 23.75 35.81 2.87
N SER A 309 22.71 36.42 2.27
CA SER A 309 21.66 35.66 1.58
C SER A 309 21.13 36.45 0.39
N TYR A 310 20.33 35.78 -0.44
CA TYR A 310 19.81 36.34 -1.67
C TYR A 310 18.66 35.45 -2.12
N GLU A 311 17.77 36.00 -2.94
CA GLU A 311 16.61 35.22 -3.32
C GLU A 311 16.97 34.02 -4.19
N THR A 312 16.09 33.03 -4.19
CA THR A 312 16.30 31.80 -4.93
C THR A 312 14.96 31.09 -5.02
N LYS A 313 14.53 30.76 -6.23
CA LYS A 313 13.42 29.83 -6.37
C LYS A 313 13.69 28.61 -5.50
N GLN A 314 12.77 28.32 -4.57
CA GLN A 314 12.89 27.11 -3.78
C GLN A 314 13.00 25.90 -4.72
N THR A 315 13.91 24.98 -4.37
CA THR A 315 14.09 23.74 -5.13
C THR A 315 14.17 22.54 -4.18
N SER A 320 12.10 11.81 -8.61
CA SER A 320 12.25 10.40 -8.99
C SER A 320 10.94 9.83 -9.53
N MET A 321 11.00 9.30 -10.75
CA MET A 321 9.84 8.79 -11.46
C MET A 321 9.81 7.27 -11.40
N VAL A 322 8.67 6.72 -11.64
CA VAL A 322 8.55 5.27 -11.59
C VAL A 322 8.84 4.71 -12.99
N ASN A 323 9.47 3.53 -13.05
CA ASN A 323 9.80 2.87 -14.33
C ASN A 323 8.68 1.89 -14.63
N GLY A 324 7.82 2.24 -15.59
CA GLY A 324 6.63 1.44 -15.86
C GLY A 324 6.92 0.03 -16.35
N VAL A 325 8.00 -0.14 -17.12
CA VAL A 325 8.35 -1.47 -17.62
C VAL A 325 8.65 -2.41 -16.45
N VAL A 326 9.59 -2.02 -15.59
CA VAL A 326 9.86 -2.82 -14.40
C VAL A 326 8.60 -2.95 -13.56
N ARG A 327 7.94 -1.83 -13.25
CA ARG A 327 6.82 -1.89 -12.30
C ARG A 327 5.73 -2.82 -12.77
N LEU A 328 5.39 -2.77 -14.07
CA LEU A 328 4.33 -3.63 -14.58
C LEU A 328 4.67 -5.09 -14.42
N LEU A 329 5.97 -5.44 -14.38
CA LEU A 329 6.46 -6.82 -14.23
C LEU A 329 6.78 -7.23 -12.80
N THR A 330 6.59 -6.33 -11.83
CA THR A 330 6.83 -6.63 -10.43
C THR A 330 5.57 -6.31 -9.61
N LYS A 331 4.42 -6.81 -10.08
CA LYS A 331 3.14 -6.47 -9.47
C LYS A 331 3.02 -6.89 -8.02
N PRO A 332 3.49 -8.07 -7.59
CA PRO A 332 3.33 -8.43 -6.17
C PRO A 332 3.99 -7.45 -5.23
N TRP A 333 4.95 -6.65 -5.71
CA TRP A 333 5.59 -5.62 -4.92
C TRP A 333 4.85 -4.27 -4.98
N ASP A 334 3.68 -4.20 -5.62
CA ASP A 334 2.92 -2.95 -5.60
C ASP A 334 2.29 -2.64 -4.26
N ILE A 335 2.37 -3.56 -3.29
CA ILE A 335 1.82 -3.31 -1.96
C ILE A 335 2.87 -3.41 -0.86
N ILE A 336 4.07 -3.85 -1.15
CA ILE A 336 5.11 -3.83 -0.12
C ILE A 336 5.53 -2.38 0.07
N PRO A 337 5.43 -1.82 1.28
CA PRO A 337 5.66 -0.37 1.42
C PRO A 337 7.10 0.02 1.25
N MET A 338 8.03 -0.85 1.70
CA MET A 338 9.46 -0.64 1.58
C MET A 338 9.95 -0.65 0.12
N VAL A 339 9.02 -0.72 -0.84
CA VAL A 339 9.30 -0.72 -2.27
C VAL A 339 8.62 0.50 -2.87
N THR A 340 7.31 0.62 -2.64
CA THR A 340 6.54 1.70 -3.22
C THR A 340 6.84 3.06 -2.60
N GLN A 341 7.40 3.12 -1.41
CA GLN A 341 7.72 4.38 -0.75
C GLN A 341 9.08 4.92 -1.12
N MET A 342 9.91 4.15 -1.83
CA MET A 342 11.15 4.72 -2.32
C MET A 342 10.91 5.67 -3.47
N ALA A 343 9.80 5.48 -4.19
CA ALA A 343 9.42 6.34 -5.30
C ALA A 343 8.87 7.70 -4.86
N MET A 344 8.32 7.81 -3.65
CA MET A 344 7.88 9.07 -3.07
C MET A 344 9.07 9.99 -2.72
N THR A 345 8.83 11.31 -2.81
CA THR A 345 9.84 12.34 -2.52
C THR A 345 9.34 13.23 -1.40
N ASP A 346 10.16 13.35 -0.33
CA ASP A 346 9.72 13.91 0.95
C ASP A 346 10.08 15.39 1.06
N THR A 347 9.26 16.22 0.40
CA THR A 347 9.54 17.66 0.23
C THR A 347 8.80 18.48 1.30
N THR A 348 9.16 18.21 2.55
CA THR A 348 8.80 19.08 3.66
C THR A 348 9.52 20.41 3.51
N PRO A 349 8.97 21.49 4.08
CA PRO A 349 9.60 22.82 3.90
C PRO A 349 10.87 23.00 4.69
N PHE A 350 11.00 22.31 5.80
CA PHE A 350 12.17 22.40 6.63
C PHE A 350 13.06 21.17 6.54
N GLY A 351 12.77 20.27 5.59
CA GLY A 351 13.40 18.96 5.58
C GLY A 351 14.89 18.98 5.27
N GLN A 352 15.30 19.83 4.32
CA GLN A 352 16.73 20.00 4.08
C GLN A 352 17.39 20.72 5.25
N GLN A 353 16.81 21.85 5.70
CA GLN A 353 17.38 22.56 6.83
C GLN A 353 17.55 21.64 8.03
N ARG A 354 16.64 20.69 8.23
CA ARG A 354 16.76 19.77 9.37
C ARG A 354 17.97 18.88 9.26
N VAL A 355 18.25 18.34 8.08
CA VAL A 355 19.43 17.51 7.95
C VAL A 355 20.68 18.33 8.15
N PHE A 356 20.65 19.60 7.75
CA PHE A 356 21.85 20.40 7.94
C PHE A 356 22.10 20.68 9.41
N LYS A 357 21.06 21.14 10.14
CA LYS A 357 21.24 21.55 11.54
C LYS A 357 21.62 20.38 12.43
N GLU A 358 21.11 19.18 12.15
CA GLU A 358 21.37 18.02 13.00
C GLU A 358 22.63 17.27 12.61
N LYS A 359 22.92 17.13 11.32
CA LYS A 359 24.04 16.29 10.88
C LYS A 359 25.27 17.05 10.39
N VAL A 360 25.12 18.21 9.78
CA VAL A 360 26.31 18.91 9.29
C VAL A 360 26.74 20.03 10.25
N ASP A 361 25.79 20.69 10.92
CA ASP A 361 26.10 21.76 11.85
C ASP A 361 26.69 21.21 13.15
N THR A 362 27.80 20.47 13.04
CA THR A 362 28.43 19.76 14.15
C THR A 362 29.92 20.07 14.16
N ARG A 363 30.55 19.95 15.34
CA ARG A 363 31.99 20.15 15.46
C ARG A 363 32.65 18.96 16.13
N THR A 364 33.96 18.82 15.93
CA THR A 364 34.70 17.67 16.44
C THR A 364 35.89 18.13 17.25
N GLN A 365 35.90 17.78 18.55
CA GLN A 365 36.98 18.15 19.44
C GLN A 365 38.33 17.83 18.78
N GLU A 366 39.19 18.85 18.67
CA GLU A 366 40.49 18.62 18.06
C GLU A 366 41.22 17.50 18.78
N PRO A 367 41.81 16.55 18.06
CA PRO A 367 42.45 15.41 18.72
C PRO A 367 43.57 15.86 19.63
N LYS A 368 43.94 14.96 20.54
CA LYS A 368 45.05 15.17 21.44
C LYS A 368 46.40 15.09 20.72
N GLU A 369 47.42 15.69 21.35
CA GLU A 369 48.75 15.77 20.75
C GLU A 369 49.28 14.38 20.37
N GLY A 370 48.99 13.38 21.19
CA GLY A 370 49.52 12.05 20.90
C GLY A 370 48.77 11.34 19.80
N THR A 371 47.45 11.53 19.75
CA THR A 371 46.70 11.07 18.59
C THR A 371 47.28 11.66 17.32
N LYS A 372 47.60 12.96 17.37
CA LYS A 372 47.98 13.67 16.15
C LYS A 372 49.28 13.15 15.60
N LYS A 373 50.19 12.73 16.49
CA LYS A 373 51.46 12.17 16.03
C LYS A 373 51.24 10.81 15.38
N LEU A 374 50.51 9.94 16.08
CA LEU A 374 50.14 8.64 15.53
C LEU A 374 49.58 8.79 14.13
N MET A 375 48.66 9.72 13.94
CA MET A 375 48.12 9.93 12.61
C MET A 375 49.20 10.41 11.66
N LYS A 376 50.00 11.40 12.07
CA LYS A 376 50.97 11.99 11.15
C LYS A 376 52.02 10.96 10.72
N ILE A 377 52.44 10.06 11.61
CA ILE A 377 53.44 9.11 11.15
C ILE A 377 52.79 8.04 10.30
N THR A 378 51.61 7.55 10.68
CA THR A 378 50.95 6.49 9.92
C THR A 378 50.61 6.97 8.52
N ALA A 379 50.05 8.18 8.42
CA ALA A 379 49.83 8.80 7.12
C ALA A 379 51.14 8.94 6.36
N GLU A 380 52.18 9.50 7.00
CA GLU A 380 53.47 9.67 6.34
C GLU A 380 53.95 8.35 5.77
N TRP A 381 53.82 7.28 6.55
CA TRP A 381 54.21 5.96 6.11
C TRP A 381 53.36 5.50 4.95
N LEU A 382 52.05 5.66 5.08
CA LEU A 382 51.11 5.16 4.08
C LEU A 382 51.30 5.80 2.70
N TRP A 383 51.31 7.13 2.64
CA TRP A 383 51.54 7.83 1.39
C TRP A 383 52.81 7.32 0.71
N LYS A 384 53.84 7.02 1.51
CA LYS A 384 55.04 6.50 0.89
C LYS A 384 54.80 5.10 0.39
N GLU A 385 54.12 4.26 1.18
CA GLU A 385 53.84 2.90 0.75
C GLU A 385 52.93 2.86 -0.46
N LEU A 386 51.97 3.79 -0.54
CA LEU A 386 51.08 3.78 -1.68
C LEU A 386 51.83 4.17 -2.95
N GLY A 387 52.90 4.98 -2.83
CA GLY A 387 53.59 5.49 -4.00
C GLY A 387 54.91 4.80 -4.34
N LYS A 388 55.16 3.62 -3.77
CA LYS A 388 56.31 2.82 -4.18
C LYS A 388 56.24 2.47 -5.66
N LYS A 389 55.20 1.72 -6.03
CA LYS A 389 55.01 1.28 -7.39
C LYS A 389 54.06 2.19 -8.16
N LYS A 390 53.95 3.45 -7.75
CA LYS A 390 53.08 4.42 -8.42
C LYS A 390 53.69 5.81 -8.32
N THR A 391 53.41 6.67 -9.30
CA THR A 391 53.96 8.02 -9.32
C THR A 391 52.88 9.02 -9.70
N PRO A 392 52.65 10.09 -8.89
CA PRO A 392 51.59 11.06 -9.25
C PRO A 392 51.82 11.76 -10.58
N ARG A 393 50.86 12.60 -11.00
CA ARG A 393 50.86 13.27 -12.30
C ARG A 393 49.59 14.11 -12.45
N MET A 394 49.64 15.08 -13.36
CA MET A 394 48.41 15.77 -13.71
C MET A 394 47.57 14.91 -14.66
N CYS A 395 46.41 15.44 -15.00
CA CYS A 395 45.44 14.73 -15.83
C CYS A 395 44.93 15.67 -16.91
N THR A 396 45.05 15.22 -18.15
CA THR A 396 44.80 16.07 -19.31
C THR A 396 43.36 16.56 -19.37
N ARG A 397 43.18 17.76 -19.94
CA ARG A 397 41.86 18.24 -20.34
C ARG A 397 41.22 17.28 -21.36
N GLU A 398 42.01 16.83 -22.34
CA GLU A 398 41.52 15.82 -23.26
C GLU A 398 41.18 14.55 -22.51
N GLU A 399 42.06 14.16 -21.58
CA GLU A 399 41.70 13.12 -20.62
C GLU A 399 40.37 13.45 -19.93
N PHE A 400 40.19 14.72 -19.51
CA PHE A 400 38.96 15.12 -18.84
C PHE A 400 37.77 15.08 -19.80
N THR A 401 37.92 15.73 -20.97
CA THR A 401 36.84 15.72 -21.96
C THR A 401 36.48 14.30 -22.34
N ARG A 402 37.47 13.39 -22.31
CA ARG A 402 37.28 11.99 -22.68
C ARG A 402 36.12 11.37 -21.89
N LYS A 403 35.93 11.83 -20.64
CA LYS A 403 34.83 11.36 -19.81
C LYS A 403 33.54 12.06 -20.25
N VAL A 404 33.42 12.30 -21.57
CA VAL A 404 32.17 12.54 -22.28
C VAL A 404 31.33 11.26 -22.32
N ARG A 405 31.55 10.36 -21.35
CA ARG A 405 30.82 9.11 -21.16
C ARG A 405 29.97 9.15 -19.89
N SER A 406 29.72 10.34 -19.35
CA SER A 406 29.00 10.53 -18.08
C SER A 406 29.49 9.66 -16.92
N TRP A 420 25.85 27.99 -20.46
CA TRP A 420 25.79 26.62 -20.97
C TRP A 420 24.97 25.75 -20.00
N LYS A 421 24.68 24.50 -20.39
CA LYS A 421 23.88 23.58 -19.59
C LYS A 421 23.89 22.16 -20.17
N SER A 422 25.08 21.54 -20.16
CA SER A 422 25.32 20.14 -20.47
C SER A 422 26.82 19.93 -20.43
N ALA A 423 27.37 19.52 -19.28
CA ALA A 423 28.81 19.52 -19.04
C ALA A 423 29.60 19.06 -20.26
N ARG A 424 29.00 18.14 -21.04
CA ARG A 424 29.45 17.86 -22.40
C ARG A 424 29.47 19.14 -23.24
N GLU A 425 28.29 19.71 -23.53
CA GLU A 425 28.21 20.91 -24.36
C GLU A 425 29.24 21.93 -23.93
N ALA A 426 29.41 22.11 -22.61
CA ALA A 426 30.38 23.09 -22.12
C ALA A 426 31.82 22.56 -22.16
N VAL A 427 32.03 21.26 -22.28
CA VAL A 427 33.38 20.71 -22.25
C VAL A 427 34.14 21.11 -23.52
N GLU A 428 33.50 21.94 -24.35
CA GLU A 428 34.08 22.35 -25.62
C GLU A 428 33.67 23.76 -26.03
N ASP A 429 32.92 24.50 -25.20
CA ASP A 429 32.52 25.87 -25.49
C ASP A 429 33.72 26.82 -25.46
N SER A 430 34.92 26.24 -25.37
CA SER A 430 36.23 26.90 -25.56
C SER A 430 36.37 28.11 -24.62
N GLY A 431 35.38 28.99 -24.64
CA GLY A 431 35.12 29.87 -23.51
C GLY A 431 35.43 29.19 -22.19
N PHE A 432 34.64 28.16 -21.81
CA PHE A 432 34.92 27.28 -20.68
C PHE A 432 36.39 27.25 -20.29
N TRP A 433 37.20 26.62 -21.14
CA TRP A 433 38.59 26.40 -20.77
C TRP A 433 39.35 27.71 -20.59
N GLU A 434 38.79 28.83 -21.10
CA GLU A 434 39.37 30.13 -20.78
C GLU A 434 38.93 30.60 -19.40
N LEU A 435 37.72 30.21 -18.97
CA LEU A 435 37.29 30.49 -17.61
C LEU A 435 38.03 29.60 -16.63
N VAL A 436 38.06 28.29 -16.90
CA VAL A 436 38.87 27.41 -16.06
C VAL A 436 40.31 27.92 -16.08
N ASP A 437 40.76 28.45 -17.23
CA ASP A 437 42.13 28.96 -17.33
C ASP A 437 42.37 30.16 -16.41
N LYS A 438 41.40 31.08 -16.31
CA LYS A 438 41.53 32.24 -15.44
C LYS A 438 41.79 31.84 -14.01
N GLU A 439 40.81 31.17 -13.38
CA GLU A 439 40.94 30.84 -11.98
C GLU A 439 42.12 29.92 -11.73
N ARG A 440 42.50 29.12 -12.73
CA ARG A 440 43.59 28.17 -12.54
C ARG A 440 44.92 28.88 -12.36
N ASN A 441 45.14 29.98 -13.08
CA ASN A 441 46.28 30.84 -12.75
C ASN A 441 46.15 31.38 -11.33
N LEU A 442 44.94 31.79 -10.96
CA LEU A 442 44.71 32.29 -9.61
C LEU A 442 45.05 31.26 -8.55
N HIS A 443 44.66 29.98 -8.76
CA HIS A 443 45.11 28.93 -7.84
C HIS A 443 46.62 28.90 -7.79
N LEU A 444 47.26 29.18 -8.92
CA LEU A 444 48.71 29.23 -8.96
C LEU A 444 49.25 30.47 -8.26
N GLU A 445 48.54 31.59 -8.38
CA GLU A 445 48.85 32.73 -7.52
C GLU A 445 48.45 32.46 -6.07
N GLY A 446 47.37 31.72 -5.82
CA GLY A 446 46.95 31.42 -4.47
C GLY A 446 45.63 32.05 -4.05
N LYS A 447 44.64 32.05 -4.94
CA LYS A 447 43.28 32.47 -4.62
C LYS A 447 42.33 31.63 -5.46
N CYS A 448 41.03 31.68 -5.13
CA CYS A 448 39.99 31.33 -6.10
C CYS A 448 38.88 32.36 -6.03
N GLU A 449 37.93 32.19 -6.95
CA GLU A 449 36.71 32.96 -6.94
C GLU A 449 35.50 32.10 -7.28
N THR A 450 35.61 31.21 -8.25
CA THR A 450 34.51 30.32 -8.59
C THR A 450 34.86 28.89 -8.16
N CYS A 451 34.93 28.71 -6.85
CA CYS A 451 35.22 27.43 -6.21
C CYS A 451 34.33 27.28 -4.98
N VAL A 452 33.03 27.47 -5.18
CA VAL A 452 32.06 27.36 -4.10
C VAL A 452 31.31 26.05 -4.27
N TYR A 453 30.92 25.46 -3.14
CA TYR A 453 30.06 24.29 -3.18
C TYR A 453 28.60 24.73 -3.13
N ASN A 454 27.75 23.93 -3.74
CA ASN A 454 26.31 24.15 -3.68
C ASN A 454 25.69 22.92 -3.03
N MET A 455 25.05 23.10 -1.89
CA MET A 455 24.50 21.95 -1.19
C MET A 455 23.10 21.60 -1.67
N MET A 456 22.80 20.30 -1.67
CA MET A 456 21.50 19.78 -2.09
C MET A 456 21.20 18.46 -1.39
N SER A 472 18.45 12.21 4.60
CA SER A 472 19.52 11.97 5.59
C SER A 472 20.89 12.28 5.01
N ARG A 473 20.94 12.49 3.69
CA ARG A 473 22.21 12.71 3.00
C ARG A 473 22.26 14.11 2.39
N ALA A 474 23.48 14.60 2.21
CA ALA A 474 23.78 15.83 1.49
C ALA A 474 24.86 15.56 0.45
N ILE A 475 24.78 16.26 -0.70
CA ILE A 475 25.75 16.11 -1.80
C ILE A 475 26.23 17.51 -2.17
N TRP A 476 27.54 17.73 -2.14
CA TRP A 476 28.11 19.06 -2.36
C TRP A 476 28.48 19.25 -3.82
N TYR A 477 27.48 19.54 -4.64
CA TYR A 477 27.72 19.88 -6.03
C TYR A 477 28.73 21.00 -6.13
N MET A 478 29.47 21.00 -7.24
CA MET A 478 30.42 22.08 -7.50
C MET A 478 30.43 22.37 -9.00
N TRP A 479 30.90 23.58 -9.31
CA TRP A 479 30.95 24.10 -10.67
C TRP A 479 31.77 23.20 -11.58
N LEU A 480 31.22 22.89 -12.76
CA LEU A 480 31.84 21.91 -13.67
C LEU A 480 33.28 22.28 -13.98
N GLY A 481 33.58 23.56 -13.97
CA GLY A 481 34.95 24.00 -14.13
C GLY A 481 35.80 23.66 -12.92
N ALA A 482 35.29 23.98 -11.73
CA ALA A 482 36.07 23.75 -10.52
C ALA A 482 36.42 22.28 -10.36
N ARG A 483 35.49 21.39 -10.71
CA ARG A 483 35.78 19.97 -10.60
C ARG A 483 36.86 19.55 -11.59
N PHE A 484 37.07 20.31 -12.67
CA PHE A 484 38.22 20.01 -13.51
C PHE A 484 39.53 20.19 -12.75
N LEU A 485 39.78 21.40 -12.24
CA LEU A 485 41.03 21.73 -11.55
C LEU A 485 41.40 20.67 -10.50
N GLU A 486 40.42 20.26 -9.70
CA GLU A 486 40.66 19.23 -8.69
C GLU A 486 40.93 17.88 -9.34
N PHE A 487 40.29 17.59 -10.47
CA PHE A 487 40.64 16.39 -11.23
C PHE A 487 42.04 16.48 -11.80
N GLU A 488 42.41 17.63 -12.35
CA GLU A 488 43.73 17.79 -12.93
C GLU A 488 44.81 17.66 -11.87
N ALA A 489 44.54 18.13 -10.66
CA ALA A 489 45.49 17.93 -9.58
C ALA A 489 45.44 16.49 -9.06
N LEU A 490 44.31 16.10 -8.47
CA LEU A 490 44.19 14.85 -7.74
C LEU A 490 43.52 13.73 -8.52
N GLY A 491 43.23 13.94 -9.80
CA GLY A 491 42.63 12.88 -10.58
C GLY A 491 43.44 11.60 -10.58
N PHE A 492 44.75 11.72 -10.37
CA PHE A 492 45.62 10.57 -10.56
C PHE A 492 45.26 9.43 -9.61
N LEU A 493 44.72 9.77 -8.45
CA LEU A 493 44.47 8.75 -7.42
C LEU A 493 43.40 7.77 -7.87
N ASN A 494 42.30 8.28 -8.42
CA ASN A 494 41.20 7.47 -8.90
C ASN A 494 41.40 6.99 -10.33
N GLU A 495 42.42 7.50 -11.03
CA GLU A 495 42.64 7.15 -12.44
C GLU A 495 43.83 6.21 -12.66
N ASP A 496 44.84 6.25 -11.81
CA ASP A 496 45.89 5.24 -11.81
C ASP A 496 45.69 4.15 -10.75
N HIS A 497 44.50 4.10 -10.15
CA HIS A 497 44.08 3.00 -9.26
C HIS A 497 45.02 2.83 -8.07
N TRP A 498 45.13 3.91 -7.28
CA TRP A 498 46.04 3.91 -6.15
C TRP A 498 45.48 3.09 -5.00
N PHE A 499 44.16 3.04 -4.85
CA PHE A 499 43.64 2.20 -3.80
C PHE A 499 43.15 0.86 -4.35
N SER A 500 43.64 0.47 -5.52
CA SER A 500 43.47 -0.90 -5.99
C SER A 500 43.98 -1.87 -4.94
N ARG A 501 43.23 -2.94 -4.68
CA ARG A 501 43.65 -3.86 -3.63
C ARG A 501 45.09 -4.28 -3.84
N GLU A 502 45.49 -4.49 -5.09
CA GLU A 502 46.84 -4.94 -5.38
C GLU A 502 47.88 -3.89 -5.00
N ASN A 503 47.54 -2.62 -5.10
CA ASN A 503 48.55 -1.62 -4.79
C ASN A 503 48.55 -1.17 -3.33
N SER A 504 47.39 -1.15 -2.67
CA SER A 504 47.30 -0.62 -1.30
C SER A 504 46.88 -1.66 -0.28
N LEU A 505 46.80 -2.92 -0.67
CA LEU A 505 46.57 -4.07 0.24
C LEU A 505 45.20 -4.09 0.86
N SER A 506 44.68 -2.93 1.29
CA SER A 506 43.37 -2.84 1.91
C SER A 506 42.28 -2.41 0.95
N GLY A 507 42.62 -1.58 -0.05
CA GLY A 507 41.64 -1.09 -1.01
C GLY A 507 40.85 -2.19 -1.68
N VAL A 508 39.75 -1.84 -2.34
CA VAL A 508 39.01 -2.77 -3.20
C VAL A 508 38.54 -2.01 -4.42
N GLU A 509 39.25 -0.94 -4.76
CA GLU A 509 38.85 -0.13 -5.90
C GLU A 509 38.87 -0.99 -7.16
N GLY A 510 37.84 -0.83 -7.99
CA GLY A 510 37.79 -1.60 -9.22
C GLY A 510 37.50 -3.07 -9.04
N GLU A 511 36.84 -3.44 -7.95
CA GLU A 511 36.49 -4.82 -7.68
C GLU A 511 34.97 -4.96 -7.73
N GLY A 512 34.47 -5.70 -8.70
CA GLY A 512 33.04 -5.93 -8.76
C GLY A 512 32.53 -6.66 -7.53
N LEU A 513 31.21 -6.66 -7.38
CA LEU A 513 30.60 -7.37 -6.27
C LEU A 513 30.86 -8.86 -6.34
N HIS A 514 31.20 -9.35 -7.51
CA HIS A 514 31.51 -10.77 -7.70
C HIS A 514 32.93 -11.12 -7.21
N LYS A 515 33.56 -10.19 -6.50
CA LYS A 515 34.92 -10.39 -5.99
C LYS A 515 35.00 -9.99 -4.52
N LEU A 516 34.32 -8.91 -4.14
CA LEU A 516 34.33 -8.48 -2.74
C LEU A 516 34.02 -9.64 -1.80
N GLY A 517 33.13 -10.55 -2.18
CA GLY A 517 32.83 -11.64 -1.29
C GLY A 517 33.99 -12.60 -1.10
N TYR A 518 34.53 -13.13 -2.20
CA TYR A 518 35.78 -13.88 -2.15
C TYR A 518 36.88 -13.13 -1.41
N ILE A 519 36.89 -11.80 -1.49
CA ILE A 519 37.92 -11.02 -0.80
C ILE A 519 37.71 -11.02 0.71
N LEU A 520 36.48 -10.77 1.15
CA LEU A 520 36.17 -10.96 2.57
C LEU A 520 36.56 -12.36 3.00
N ARG A 521 36.16 -13.37 2.23
CA ARG A 521 36.52 -14.72 2.63
C ARG A 521 38.04 -14.86 2.74
N ASP A 522 38.77 -14.25 1.81
CA ASP A 522 40.23 -14.30 1.87
C ASP A 522 40.76 -13.70 3.16
N VAL A 523 40.11 -12.66 3.65
CA VAL A 523 40.51 -12.12 4.93
C VAL A 523 40.18 -13.07 6.05
N SER A 524 39.01 -13.74 5.99
CA SER A 524 38.65 -14.63 7.10
C SER A 524 39.69 -15.70 7.29
N LYS A 525 40.38 -16.09 6.22
CA LYS A 525 41.40 -17.12 6.29
C LYS A 525 42.53 -16.69 7.21
N LYS A 526 42.88 -15.39 7.17
CA LYS A 526 43.84 -14.82 8.10
C LYS A 526 43.52 -15.26 9.52
N GLU A 527 44.55 -15.55 10.31
CA GLU A 527 44.33 -16.03 11.66
C GLU A 527 44.36 -14.85 12.61
N GLY A 528 43.41 -14.85 13.55
CA GLY A 528 43.20 -13.65 14.32
C GLY A 528 41.90 -13.74 15.12
N GLY A 529 41.40 -12.57 15.48
CA GLY A 529 40.13 -12.52 16.18
C GLY A 529 38.91 -12.70 15.31
N ALA A 530 37.85 -11.97 15.62
CA ALA A 530 36.64 -11.94 14.81
C ALA A 530 36.76 -10.83 13.76
N MET A 531 35.81 -10.81 12.82
CA MET A 531 35.79 -9.74 11.84
C MET A 531 34.91 -8.61 12.34
N TYR A 532 35.45 -7.40 12.26
CA TYR A 532 34.77 -6.21 12.76
C TYR A 532 34.39 -5.33 11.58
N ALA A 533 33.14 -4.86 11.58
CA ALA A 533 32.67 -3.99 10.52
C ALA A 533 31.97 -2.77 11.10
N ASP A 534 32.63 -2.07 12.02
CA ASP A 534 32.03 -0.88 12.60
C ASP A 534 31.88 0.24 11.58
N ASP A 535 30.67 0.79 11.46
CA ASP A 535 30.46 1.99 10.67
C ASP A 535 30.66 3.23 11.51
N THR A 536 31.07 4.32 10.86
CA THR A 536 31.18 5.60 11.53
C THR A 536 29.89 6.39 11.35
N ALA A 537 29.37 6.95 12.45
CA ALA A 537 28.26 7.88 12.34
C ALA A 537 28.68 9.13 11.57
N GLY A 538 28.18 9.29 10.35
CA GLY A 538 28.38 10.51 9.58
C GLY A 538 29.83 10.82 9.28
N TRP A 539 30.51 9.87 8.63
CA TRP A 539 31.96 9.94 8.43
C TRP A 539 32.43 11.27 7.89
N ASP A 540 31.79 11.78 6.85
CA ASP A 540 32.38 12.95 6.20
C ASP A 540 32.36 14.17 7.10
N THR A 541 31.36 14.27 7.98
CA THR A 541 31.37 15.39 8.91
C THR A 541 32.41 15.19 10.00
N ARG A 542 32.88 13.97 10.19
CA ARG A 542 33.94 13.64 11.13
C ARG A 542 35.35 13.80 10.55
N ILE A 543 35.52 14.25 9.32
CA ILE A 543 36.88 14.54 8.86
C ILE A 543 37.39 15.78 9.59
N THR A 544 38.54 15.66 10.26
CA THR A 544 39.07 16.83 10.95
C THR A 544 40.02 17.60 10.07
N LEU A 545 40.42 18.76 10.57
CA LEU A 545 41.44 19.55 9.90
C LEU A 545 42.77 18.81 9.89
N GLU A 546 43.09 18.11 10.98
CA GLU A 546 44.30 17.29 11.00
C GLU A 546 44.19 16.24 9.91
N ASP A 547 43.01 15.63 9.78
CA ASP A 547 42.78 14.67 8.72
C ASP A 547 43.13 15.28 7.37
N LEU A 548 42.70 16.51 7.15
CA LEU A 548 42.95 17.13 5.86
C LEU A 548 44.40 17.49 5.65
N LYS A 549 45.11 17.93 6.69
CA LYS A 549 46.52 18.22 6.52
C LYS A 549 47.32 16.94 6.28
N ASN A 550 46.96 15.85 6.96
CA ASN A 550 47.60 14.56 6.73
C ASN A 550 47.48 14.11 5.27
N GLU A 551 46.27 14.21 4.69
CA GLU A 551 46.04 13.74 3.33
C GLU A 551 46.70 14.66 2.32
N GLU A 552 46.82 15.94 2.66
CA GLU A 552 47.56 16.88 1.84
C GLU A 552 49.01 16.47 1.70
N MET A 553 49.51 15.62 2.60
CA MET A 553 50.90 15.19 2.51
C MET A 553 51.21 14.42 1.23
N VAL A 554 50.23 14.11 0.39
CA VAL A 554 50.56 13.52 -0.90
C VAL A 554 51.31 14.53 -1.77
N THR A 555 51.20 15.83 -1.45
CA THR A 555 51.91 16.86 -2.22
C THR A 555 53.42 16.83 -1.98
N ASN A 556 53.86 16.25 -0.86
CA ASN A 556 55.26 15.87 -0.72
C ASN A 556 55.72 15.15 -1.98
N HIS A 557 55.13 13.98 -2.23
CA HIS A 557 55.55 13.11 -3.32
C HIS A 557 55.25 13.68 -4.70
N MET A 558 54.71 14.90 -4.76
CA MET A 558 54.58 15.66 -5.99
C MET A 558 55.64 16.75 -6.05
N GLU A 559 55.69 17.48 -7.17
CA GLU A 559 56.51 18.69 -7.27
C GLU A 559 56.43 19.22 -8.70
N GLY A 560 56.63 20.53 -8.84
CA GLY A 560 56.55 21.23 -10.11
C GLY A 560 55.27 22.06 -10.21
N GLU A 561 54.94 22.42 -11.46
CA GLU A 561 53.61 22.99 -11.71
C GLU A 561 52.54 22.26 -10.93
N HIS A 562 52.58 20.93 -10.99
CA HIS A 562 51.62 20.01 -10.36
C HIS A 562 51.39 20.35 -8.89
N LYS A 563 52.47 20.25 -8.09
CA LYS A 563 52.38 20.47 -6.65
C LYS A 563 51.66 21.76 -6.30
N LYS A 564 52.05 22.87 -6.92
CA LYS A 564 51.40 24.14 -6.62
C LYS A 564 49.88 24.02 -6.81
N LEU A 565 49.46 23.26 -7.82
CA LEU A 565 48.03 23.12 -8.11
C LEU A 565 47.33 22.27 -7.07
N ALA A 566 47.86 21.08 -6.82
CA ALA A 566 47.38 20.23 -5.75
C ALA A 566 47.74 20.75 -4.37
N GLU A 567 48.32 21.93 -4.25
CA GLU A 567 48.39 22.63 -2.99
C GLU A 567 47.21 23.56 -2.82
N ALA A 568 46.80 24.19 -3.93
CA ALA A 568 45.65 25.08 -3.90
C ALA A 568 44.39 24.28 -3.64
N ILE A 569 44.21 23.17 -4.34
CA ILE A 569 43.05 22.31 -4.10
C ILE A 569 42.92 22.01 -2.61
N PHE A 570 43.96 21.41 -2.02
CA PHE A 570 43.91 21.10 -0.59
C PHE A 570 43.71 22.37 0.24
N LYS A 571 44.68 23.29 0.20
CA LYS A 571 44.65 24.45 1.09
C LYS A 571 43.47 25.37 0.78
N LEU A 572 43.15 25.59 -0.51
CA LEU A 572 42.20 26.64 -0.86
C LEU A 572 40.75 26.17 -0.85
N THR A 573 40.48 24.95 -1.28
CA THR A 573 39.09 24.57 -1.48
C THR A 573 38.67 23.36 -0.64
N TYR A 574 39.61 22.68 0.00
CA TYR A 574 39.30 21.55 0.88
C TYR A 574 39.38 21.94 2.34
N GLN A 575 40.46 22.58 2.74
CA GLN A 575 40.59 22.99 4.13
C GLN A 575 39.89 24.31 4.40
N ASN A 576 39.44 25.02 3.36
CA ASN A 576 38.86 26.36 3.52
C ASN A 576 37.69 26.51 2.53
N LYS A 577 36.57 25.85 2.80
CA LYS A 577 35.44 25.83 1.86
C LYS A 577 34.49 26.99 2.09
N VAL A 578 33.72 27.31 1.04
CA VAL A 578 32.57 28.19 1.10
C VAL A 578 31.44 27.52 0.35
N VAL A 579 30.24 27.63 0.90
CA VAL A 579 29.13 26.79 0.50
C VAL A 579 27.88 27.63 0.36
N ARG A 580 26.99 27.24 -0.56
CA ARG A 580 25.64 27.78 -0.58
C ARG A 580 24.61 26.72 -0.22
N VAL A 581 23.69 27.11 0.66
CA VAL A 581 22.59 26.26 1.10
C VAL A 581 21.34 27.11 1.07
N GLN A 582 20.22 26.51 0.72
CA GLN A 582 18.97 27.25 0.75
C GLN A 582 18.44 27.26 2.17
N ARG A 583 17.50 28.17 2.44
CA ARG A 583 16.87 28.22 3.76
C ARG A 583 15.56 29.00 3.74
N PRO A 584 14.49 28.47 4.33
CA PRO A 584 13.19 29.14 4.26
C PRO A 584 13.07 30.25 5.30
N THR A 585 12.85 31.48 4.84
CA THR A 585 12.58 32.64 5.68
C THR A 585 11.12 33.01 5.57
N PRO A 586 10.60 33.78 6.54
CA PRO A 586 9.23 34.30 6.42
C PRO A 586 9.03 35.24 5.25
N ARG A 587 10.11 35.62 4.55
CA ARG A 587 10.03 36.39 3.31
C ARG A 587 10.25 35.52 2.08
N GLY A 588 10.12 34.20 2.21
CA GLY A 588 10.38 33.28 1.12
C GLY A 588 11.82 32.80 1.09
N THR A 589 12.03 31.69 0.39
CA THR A 589 13.33 31.00 0.43
C THR A 589 14.47 31.93 0.06
N VAL A 590 15.60 31.74 0.75
CA VAL A 590 16.84 32.46 0.46
C VAL A 590 18.00 31.47 0.39
N MET A 591 19.07 31.90 -0.25
CA MET A 591 20.27 31.10 -0.37
C MET A 591 21.31 31.77 0.52
N ASP A 592 21.46 31.28 1.75
CA ASP A 592 22.61 31.70 2.51
C ASP A 592 23.87 31.14 1.88
N ILE A 593 24.97 31.84 2.11
CA ILE A 593 26.28 31.32 1.79
C ILE A 593 27.10 31.36 3.07
N ILE A 594 27.69 30.22 3.43
CA ILE A 594 28.45 30.08 4.66
C ILE A 594 29.78 29.40 4.33
N SER A 595 30.64 29.29 5.34
CA SER A 595 31.98 28.76 5.11
C SER A 595 32.45 28.01 6.35
N ARG A 596 33.24 26.98 6.12
CA ARG A 596 33.78 26.17 7.21
C ARG A 596 35.01 25.44 6.72
N ARG A 597 36.00 25.31 7.61
CA ARG A 597 37.29 24.70 7.33
C ARG A 597 37.28 23.17 7.44
N ASP A 598 36.82 22.65 8.58
CA ASP A 598 36.58 21.23 8.90
C ASP A 598 35.88 20.44 7.80
N GLN A 599 35.74 19.13 8.01
CA GLN A 599 34.84 18.26 7.23
C GLN A 599 35.32 18.00 5.81
N ARG A 600 34.78 16.94 5.20
CA ARG A 600 35.06 16.58 3.83
C ARG A 600 34.01 17.10 2.88
N GLY A 601 34.38 18.09 2.09
CA GLY A 601 33.64 18.35 0.87
C GLY A 601 34.52 18.23 -0.37
N SER A 602 34.08 17.45 -1.36
CA SER A 602 34.78 17.41 -2.64
C SER A 602 34.04 16.57 -3.68
N GLY A 603 34.68 16.36 -4.83
CA GLY A 603 34.02 15.56 -5.84
C GLY A 603 33.82 14.17 -5.27
N GLN A 604 32.54 13.78 -5.14
CA GLN A 604 32.18 12.41 -4.70
C GLN A 604 33.07 11.32 -5.32
N VAL A 605 33.69 11.56 -6.48
CA VAL A 605 34.65 10.56 -7.00
C VAL A 605 36.06 10.70 -6.44
N VAL A 606 36.44 11.88 -5.94
CA VAL A 606 37.78 12.11 -5.38
C VAL A 606 37.83 11.84 -3.87
N THR A 607 36.72 12.16 -3.17
CA THR A 607 36.62 11.90 -1.75
C THR A 607 36.74 10.42 -1.45
N TYR A 608 36.19 9.58 -2.33
CA TYR A 608 36.38 8.15 -2.17
C TYR A 608 37.83 7.80 -1.92
N GLY A 609 38.75 8.40 -2.67
CA GLY A 609 40.14 8.12 -2.45
C GLY A 609 40.61 8.45 -1.06
N LEU A 610 40.44 9.71 -0.69
CA LEU A 610 40.94 10.16 0.61
C LEU A 610 40.21 9.48 1.76
N ASN A 611 38.91 9.26 1.62
CA ASN A 611 38.19 8.57 2.69
C ASN A 611 38.77 7.20 2.94
N THR A 612 39.02 6.43 1.87
CA THR A 612 39.74 5.18 2.02
C THR A 612 41.09 5.40 2.70
N PHE A 613 41.86 6.39 2.22
CA PHE A 613 43.16 6.66 2.81
C PHE A 613 43.04 6.86 4.33
N THR A 614 42.26 7.85 4.75
CA THR A 614 42.22 8.18 6.17
C THR A 614 41.62 7.05 6.99
N ASN A 615 40.63 6.36 6.44
CA ASN A 615 40.07 5.20 7.12
C ASN A 615 41.11 4.08 7.24
N MET A 616 41.91 3.87 6.18
CA MET A 616 43.03 2.94 6.28
C MET A 616 43.95 3.35 7.42
N GLU A 617 44.33 4.63 7.43
CA GLU A 617 45.09 5.17 8.54
C GLU A 617 44.40 4.87 9.86
N ALA A 618 43.12 5.26 9.98
CA ALA A 618 42.45 5.12 11.27
C ALA A 618 42.34 3.65 11.70
N GLN A 619 42.06 2.75 10.76
CA GLN A 619 41.96 1.35 11.18
C GLN A 619 43.34 0.77 11.56
N LEU A 620 44.42 1.23 10.92
CA LEU A 620 45.75 0.83 11.35
C LEU A 620 46.02 1.30 12.78
N ILE A 621 45.83 2.60 13.03
CA ILE A 621 46.07 3.14 14.35
C ILE A 621 45.20 2.45 15.39
N ARG A 622 44.02 1.97 15.00
CA ARG A 622 43.23 1.22 15.97
C ARG A 622 43.82 -0.15 16.21
N GLN A 623 44.22 -0.84 15.15
CA GLN A 623 44.89 -2.14 15.29
C GLN A 623 46.06 -2.06 16.26
N MET A 624 46.89 -1.03 16.11
CA MET A 624 47.95 -0.75 17.05
C MET A 624 47.42 -0.71 18.48
N GLU A 625 46.51 0.21 18.74
CA GLU A 625 45.99 0.41 20.09
C GLU A 625 45.61 -0.93 20.71
N GLY A 626 45.01 -1.80 19.93
CA GLY A 626 44.62 -3.09 20.48
C GLY A 626 45.82 -3.95 20.77
N GLU A 627 46.77 -4.00 19.85
CA GLU A 627 47.97 -4.80 20.07
C GLU A 627 48.82 -4.26 21.21
N GLY A 628 48.67 -3.00 21.59
CA GLY A 628 49.43 -2.44 22.66
C GLY A 628 50.64 -1.63 22.27
N VAL A 629 50.77 -1.21 21.01
CA VAL A 629 51.97 -0.49 20.60
C VAL A 629 52.15 0.78 21.43
N PHE A 630 51.10 1.61 21.51
CA PHE A 630 51.07 2.79 22.37
C PHE A 630 49.96 2.62 23.39
N LYS A 631 50.03 3.35 24.50
CA LYS A 631 49.06 3.17 25.58
C LYS A 631 48.31 4.43 25.96
N SER A 632 48.65 5.59 25.42
CA SER A 632 47.84 6.76 25.74
C SER A 632 47.76 7.67 24.54
N ILE A 633 46.62 8.33 24.41
CA ILE A 633 46.43 9.27 23.34
C ILE A 633 47.01 10.65 23.67
N GLN A 634 47.30 10.94 24.94
CA GLN A 634 47.72 12.30 25.24
C GLN A 634 49.18 12.55 24.86
N HIS A 635 50.06 11.57 25.08
CA HIS A 635 51.47 11.73 24.73
C HIS A 635 51.99 10.44 24.13
N LEU A 636 52.88 10.62 23.15
CA LEU A 636 53.61 9.54 22.50
C LEU A 636 55.04 9.59 23.03
N THR A 637 55.37 8.73 23.99
CA THR A 637 56.75 8.68 24.47
C THR A 637 57.69 8.40 23.29
N VAL A 638 58.86 9.04 23.30
CA VAL A 638 59.85 8.85 22.24
C VAL A 638 60.04 7.35 21.99
N THR A 639 60.10 6.56 23.06
CA THR A 639 60.26 5.12 22.92
C THR A 639 58.98 4.42 22.49
N GLU A 640 57.86 5.14 22.42
CA GLU A 640 56.65 4.61 21.81
C GLU A 640 56.51 5.04 20.37
N GLU A 641 56.81 6.31 20.10
CA GLU A 641 56.89 6.84 18.75
C GLU A 641 57.82 5.98 17.91
N ILE A 642 58.71 5.22 18.55
CA ILE A 642 59.58 4.30 17.83
C ILE A 642 58.83 3.00 17.55
N ALA A 643 58.24 2.41 18.59
CA ALA A 643 57.46 1.19 18.41
C ALA A 643 56.46 1.34 17.27
N VAL A 644 55.72 2.47 17.28
CA VAL A 644 54.81 2.77 16.19
C VAL A 644 55.56 2.70 14.87
N LYS A 645 56.67 3.44 14.76
CA LYS A 645 57.43 3.45 13.51
C LYS A 645 57.89 2.05 13.11
N ASN A 646 58.27 1.24 14.09
CA ASN A 646 58.74 -0.11 13.80
C ASN A 646 57.64 -0.99 13.25
N TRP A 647 56.68 -1.35 14.12
CA TRP A 647 55.46 -2.07 13.82
C TRP A 647 55.03 -1.77 12.39
N LEU A 648 54.84 -0.47 12.10
CA LEU A 648 54.53 -0.03 10.75
C LEU A 648 55.46 -0.66 9.74
N VAL A 649 56.78 -0.53 9.94
CA VAL A 649 57.70 -1.11 8.96
C VAL A 649 57.73 -2.65 9.04
N ARG A 650 57.53 -3.24 10.22
CA ARG A 650 57.73 -4.68 10.35
C ARG A 650 56.48 -5.52 10.06
N VAL A 651 55.27 -4.98 10.25
CA VAL A 651 54.04 -5.72 10.03
C VAL A 651 52.99 -4.86 9.36
N GLY A 652 53.29 -3.57 9.12
CA GLY A 652 52.31 -2.68 8.55
C GLY A 652 51.55 -3.23 7.36
N ARG A 653 52.32 -3.75 6.41
CA ARG A 653 51.73 -4.30 5.20
C ARG A 653 50.87 -5.51 5.53
N GLU A 654 51.34 -6.35 6.44
CA GLU A 654 50.52 -7.48 6.83
C GLU A 654 49.22 -7.02 7.48
N ARG A 655 49.27 -5.96 8.32
CA ARG A 655 48.05 -5.46 8.95
C ARG A 655 47.08 -4.88 7.94
N LEU A 656 47.60 -4.18 6.92
CA LEU A 656 46.77 -3.67 5.83
C LEU A 656 46.02 -4.81 5.15
N SER A 657 46.68 -5.95 4.94
CA SER A 657 45.99 -7.04 4.25
C SER A 657 44.90 -7.67 5.10
N ARG A 658 44.85 -7.38 6.38
CA ARG A 658 43.74 -7.85 7.21
C ARG A 658 42.49 -7.01 7.03
N MET A 659 42.45 -6.10 6.07
CA MET A 659 41.37 -5.12 5.98
C MET A 659 40.81 -4.99 4.58
N ALA A 660 39.49 -4.98 4.47
CA ALA A 660 38.80 -4.58 3.26
C ALA A 660 38.18 -3.20 3.49
N ILE A 661 38.62 -2.21 2.73
CA ILE A 661 38.23 -0.83 3.00
C ILE A 661 37.79 -0.16 1.70
N SER A 662 36.54 0.31 1.67
CA SER A 662 36.01 1.18 0.61
C SER A 662 35.46 2.45 1.23
N GLY A 663 36.12 3.59 1.00
CA GLY A 663 35.79 4.81 1.70
C GLY A 663 35.56 4.60 3.19
N ASP A 664 34.45 5.12 3.71
CA ASP A 664 34.16 4.95 5.14
C ASP A 664 33.69 3.56 5.50
N ASP A 665 33.56 2.65 4.55
CA ASP A 665 33.06 1.31 4.80
C ASP A 665 34.26 0.41 4.99
N CYS A 666 34.31 -0.35 6.09
CA CYS A 666 35.55 -1.03 6.39
C CYS A 666 35.26 -2.39 7.00
N VAL A 667 36.24 -3.28 6.87
CA VAL A 667 36.19 -4.63 7.43
C VAL A 667 37.58 -4.97 7.92
N VAL A 668 37.68 -5.45 9.16
CA VAL A 668 38.96 -5.64 9.83
C VAL A 668 38.98 -6.99 10.53
N LYS A 669 39.99 -7.82 10.24
CA LYS A 669 40.29 -9.00 11.06
C LYS A 669 41.65 -8.85 11.74
N PRO A 670 41.67 -8.38 12.99
CA PRO A 670 42.95 -8.14 13.67
C PRO A 670 43.47 -9.39 14.37
N LEU A 671 44.72 -9.30 14.84
CA LEU A 671 45.40 -10.36 15.60
C LEU A 671 44.50 -11.06 16.59
N ASP A 672 44.01 -10.34 17.57
CA ASP A 672 43.15 -10.93 18.59
C ASP A 672 41.94 -10.05 18.72
N ASP A 673 41.04 -10.42 19.63
CA ASP A 673 39.82 -9.65 19.88
C ASP A 673 40.05 -8.46 20.84
N ARG A 674 41.29 -8.11 21.20
CA ARG A 674 41.55 -6.89 21.96
C ARG A 674 41.19 -5.65 21.13
N PHE A 675 40.96 -5.84 19.83
CA PHE A 675 40.56 -4.77 18.94
C PHE A 675 39.21 -4.19 19.33
N ALA A 676 38.32 -5.05 19.80
CA ALA A 676 36.95 -4.73 20.16
C ALA A 676 36.84 -3.83 21.38
N SER A 677 37.96 -3.33 21.93
CA SER A 677 37.90 -2.37 23.01
C SER A 677 38.87 -1.22 22.83
N ALA A 678 39.66 -1.23 21.74
CA ALA A 678 40.63 -0.18 21.44
C ALA A 678 39.89 1.01 20.86
N LEU A 679 39.28 1.79 21.75
CA LEU A 679 38.42 2.86 21.31
C LEU A 679 38.96 4.25 21.57
N THR A 680 40.05 4.40 22.31
CA THR A 680 40.48 5.76 22.67
C THR A 680 40.96 6.52 21.43
N ALA A 681 41.82 5.89 20.62
CA ALA A 681 42.28 6.55 19.40
C ALA A 681 41.17 6.70 18.38
N LEU A 682 40.34 5.66 18.21
CA LEU A 682 39.20 5.77 17.31
C LEU A 682 38.35 6.99 17.64
N ASN A 683 37.81 7.01 18.86
CA ASN A 683 36.96 8.11 19.27
C ASN A 683 37.66 9.44 19.14
N ASP A 684 38.95 9.53 19.50
CA ASP A 684 39.57 10.85 19.51
C ASP A 684 39.86 11.38 18.11
N MET A 685 40.15 10.51 17.14
CA MET A 685 40.26 10.94 15.75
C MET A 685 38.94 11.48 15.19
N GLY A 686 37.81 11.26 15.88
CA GLY A 686 36.51 11.69 15.44
C GLY A 686 35.66 10.58 14.85
N LYS A 687 36.26 9.43 14.54
CA LYS A 687 35.59 8.36 13.81
C LYS A 687 34.70 7.55 14.75
N VAL A 688 33.80 8.27 15.40
CA VAL A 688 32.92 7.69 16.42
C VAL A 688 32.04 6.63 15.80
N ARG A 689 32.10 5.41 16.33
CA ARG A 689 31.31 4.35 15.71
C ARG A 689 29.83 4.64 15.85
N LYS A 690 29.05 4.02 14.98
CA LYS A 690 27.64 4.34 14.83
C LYS A 690 26.79 3.25 15.45
N ASP A 691 25.83 3.67 16.29
CA ASP A 691 24.80 2.80 16.87
C ASP A 691 25.25 1.97 18.07
N ILE A 692 26.21 2.43 18.87
CA ILE A 692 26.46 1.91 20.21
C ILE A 692 27.15 2.96 21.05
N GLN A 693 27.04 2.82 22.38
CA GLN A 693 27.66 3.76 23.31
C GLN A 693 29.14 3.90 23.01
N GLN A 694 29.66 5.12 23.19
CA GLN A 694 31.00 5.47 22.73
C GLN A 694 32.07 4.50 23.20
N TRP A 695 31.90 3.90 24.39
CA TRP A 695 32.95 3.07 24.97
C TRP A 695 32.46 1.64 25.16
N GLU A 696 31.49 1.30 24.39
CA GLU A 696 30.97 -0.05 24.34
C GLU A 696 31.86 -0.92 23.44
N PRO A 697 32.29 -2.08 23.89
CA PRO A 697 33.12 -2.90 23.02
C PRO A 697 32.36 -3.22 21.75
N SER A 698 33.07 -3.14 20.62
CA SER A 698 32.52 -3.53 19.35
C SER A 698 32.19 -5.01 19.34
N ARG A 699 31.23 -5.36 18.49
CA ARG A 699 30.82 -6.74 18.34
C ARG A 699 31.44 -7.31 17.06
N GLY A 700 32.00 -8.50 17.18
CA GLY A 700 32.69 -9.13 16.07
C GLY A 700 31.89 -10.25 15.44
N TRP A 701 32.15 -10.45 14.16
CA TRP A 701 31.50 -11.51 13.44
C TRP A 701 32.42 -12.71 13.40
N ASN A 702 31.86 -13.87 13.72
CA ASN A 702 32.54 -15.15 13.69
C ASN A 702 32.13 -15.98 12.48
N ASP A 703 31.43 -15.36 11.54
CA ASP A 703 30.99 -15.99 10.29
C ASP A 703 31.06 -14.90 9.25
N TRP A 704 32.09 -14.92 8.41
CA TRP A 704 32.26 -13.84 7.45
C TRP A 704 31.05 -13.64 6.54
N THR A 705 30.20 -14.66 6.41
CA THR A 705 29.08 -14.56 5.48
C THR A 705 28.03 -13.57 5.95
N GLN A 706 28.06 -13.17 7.22
CA GLN A 706 27.16 -12.17 7.76
C GLN A 706 27.77 -10.78 7.82
N VAL A 707 29.10 -10.66 7.74
CA VAL A 707 29.80 -9.37 7.79
C VAL A 707 29.22 -8.50 6.69
N PRO A 708 28.64 -7.35 7.04
CA PRO A 708 28.15 -6.42 6.02
C PRO A 708 29.29 -5.63 5.41
N PHE A 709 29.30 -5.52 4.08
CA PHE A 709 30.33 -4.72 3.43
C PHE A 709 29.80 -4.22 2.09
N CYS A 710 30.00 -2.94 1.82
CA CYS A 710 29.59 -2.32 0.57
C CYS A 710 28.11 -2.53 0.30
N SER A 711 27.30 -2.33 1.33
CA SER A 711 25.84 -2.41 1.29
C SER A 711 25.34 -3.81 1.01
N HIS A 712 26.22 -4.82 1.03
CA HIS A 712 25.84 -6.22 0.79
C HIS A 712 26.39 -7.11 1.89
N HIS A 713 25.79 -8.30 2.02
CA HIS A 713 26.39 -9.46 2.65
C HIS A 713 26.66 -10.51 1.56
N PHE A 714 27.53 -11.48 1.83
CA PHE A 714 27.92 -12.42 0.79
C PHE A 714 27.68 -13.85 1.24
N HIS A 715 26.86 -14.58 0.51
CA HIS A 715 26.56 -15.96 0.83
C HIS A 715 27.55 -16.86 0.11
N GLU A 716 27.76 -18.04 0.66
CA GLU A 716 28.70 -18.99 0.07
C GLU A 716 27.91 -20.08 -0.60
N LEU A 717 27.89 -20.06 -1.93
CA LEU A 717 27.03 -20.92 -2.72
C LEU A 717 27.80 -22.08 -3.32
N ILE A 718 27.17 -23.26 -3.29
CA ILE A 718 27.76 -24.50 -3.79
C ILE A 718 26.93 -25.03 -4.95
N MET A 719 27.59 -25.28 -6.10
CA MET A 719 26.89 -25.69 -7.31
C MET A 719 26.43 -27.16 -7.21
N LYS A 720 25.78 -27.67 -8.25
CA LYS A 720 25.56 -29.11 -8.26
C LYS A 720 26.87 -29.85 -8.48
N ASP A 721 27.81 -29.24 -9.17
CA ASP A 721 29.10 -29.86 -9.36
C ASP A 721 30.05 -29.58 -8.21
N GLY A 722 29.59 -28.89 -7.16
CA GLY A 722 30.38 -28.75 -5.95
C GLY A 722 31.42 -27.67 -5.98
N ARG A 723 31.50 -26.90 -7.06
CA ARG A 723 32.31 -25.70 -7.04
C ARG A 723 31.63 -24.64 -6.17
N VAL A 724 32.44 -23.92 -5.39
CA VAL A 724 31.95 -22.95 -4.42
C VAL A 724 31.93 -21.55 -5.03
N LEU A 725 30.79 -20.86 -4.91
CA LEU A 725 30.71 -19.45 -5.29
C LEU A 725 30.36 -18.57 -4.10
N VAL A 726 30.94 -17.37 -4.09
CA VAL A 726 30.67 -16.37 -3.07
C VAL A 726 29.89 -15.27 -3.78
N VAL A 727 28.62 -15.13 -3.43
CA VAL A 727 27.69 -14.30 -4.19
C VAL A 727 27.23 -13.09 -3.38
N PRO A 728 27.09 -11.92 -4.00
CA PRO A 728 26.57 -10.77 -3.27
C PRO A 728 25.07 -10.90 -3.07
N CYS A 729 24.58 -10.26 -2.01
CA CYS A 729 23.19 -10.37 -1.61
C CYS A 729 22.85 -9.28 -0.60
N ARG A 730 21.62 -8.74 -0.72
CA ARG A 730 21.11 -7.68 0.14
C ARG A 730 19.60 -7.85 0.19
N ASN A 731 18.95 -7.05 1.05
CA ASN A 731 17.50 -7.01 1.10
C ASN A 731 16.92 -6.87 -0.31
N GLN A 732 16.11 -7.84 -0.73
CA GLN A 732 15.65 -7.83 -2.13
C GLN A 732 14.65 -6.71 -2.41
N ASP A 733 14.04 -6.14 -1.36
CA ASP A 733 13.22 -4.94 -1.54
C ASP A 733 14.05 -3.73 -1.98
N GLU A 734 15.25 -3.55 -1.42
CA GLU A 734 16.02 -2.40 -1.90
C GLU A 734 16.45 -2.57 -3.34
N LEU A 735 16.41 -3.79 -3.85
CA LEU A 735 16.79 -4.07 -5.22
C LEU A 735 15.62 -3.79 -6.17
N ILE A 736 14.45 -4.37 -5.87
CA ILE A 736 13.23 -4.11 -6.64
C ILE A 736 12.94 -2.62 -6.64
N GLY A 737 12.77 -2.05 -5.46
CA GLY A 737 12.52 -0.61 -5.30
C GLY A 737 13.49 0.24 -6.10
N ARG A 738 14.77 -0.13 -6.09
CA ARG A 738 15.70 0.65 -6.89
C ARG A 738 15.35 0.53 -8.37
N ALA A 739 15.12 -0.70 -8.85
CA ALA A 739 14.88 -0.92 -10.26
C ALA A 739 13.64 -0.23 -10.79
N ARG A 740 12.62 -0.02 -9.94
CA ARG A 740 11.40 0.64 -10.37
C ARG A 740 11.51 2.16 -10.41
N ILE A 741 12.69 2.72 -10.15
CA ILE A 741 12.87 4.16 -10.11
C ILE A 741 13.74 4.61 -11.28
N SER A 742 13.35 5.75 -11.86
CA SER A 742 14.01 6.32 -13.02
C SER A 742 14.72 7.63 -12.67
N GLN A 743 15.86 7.81 -13.31
CA GLN A 743 16.70 8.98 -13.20
C GLN A 743 16.33 9.99 -14.28
N GLY A 744 16.04 11.22 -13.88
CA GLY A 744 15.92 12.33 -14.82
C GLY A 744 14.60 12.42 -15.57
N ALA A 745 14.59 13.31 -16.57
CA ALA A 745 13.37 13.57 -17.33
C ALA A 745 13.61 13.29 -18.81
N GLY A 746 12.49 13.10 -19.51
CA GLY A 746 12.51 12.82 -20.94
C GLY A 746 12.69 11.37 -21.31
N TRP A 747 12.74 10.49 -20.33
CA TRP A 747 12.84 9.06 -20.62
C TRP A 747 11.69 8.64 -21.51
N SER A 748 12.03 8.26 -22.75
CA SER A 748 11.07 7.71 -23.69
C SER A 748 10.73 6.29 -23.28
N LEU A 749 9.96 5.59 -24.11
CA LEU A 749 9.65 4.24 -23.71
C LEU A 749 10.78 3.30 -24.05
N ARG A 750 11.48 3.56 -25.15
CA ARG A 750 12.61 2.72 -25.47
C ARG A 750 13.73 2.88 -24.45
N GLU A 751 13.91 4.08 -23.89
CA GLU A 751 14.90 4.24 -22.83
C GLU A 751 14.45 3.60 -21.53
N THR A 752 13.23 3.91 -21.07
CA THR A 752 12.66 3.30 -19.88
C THR A 752 12.82 1.77 -19.92
N ALA A 753 12.68 1.18 -21.11
CA ALA A 753 12.74 -0.28 -21.24
C ALA A 753 14.16 -0.80 -21.27
N CYS A 754 15.11 0.00 -21.76
CA CYS A 754 16.51 -0.37 -21.71
C CYS A 754 17.13 -0.12 -20.35
N LEU A 755 16.55 0.79 -19.56
CA LEU A 755 16.98 0.94 -18.18
C LEU A 755 16.56 -0.29 -17.38
N GLY A 756 15.32 -0.74 -17.57
CA GLY A 756 14.88 -1.96 -16.93
C GLY A 756 15.71 -3.16 -17.34
N LYS A 757 16.10 -3.22 -18.62
CA LYS A 757 16.92 -4.31 -19.11
C LYS A 757 18.30 -4.31 -18.46
N SER A 758 18.87 -3.12 -18.23
CA SER A 758 20.07 -3.03 -17.39
C SER A 758 19.84 -3.70 -16.04
N TYR A 759 18.83 -3.26 -15.29
CA TYR A 759 18.57 -3.84 -13.97
C TYR A 759 18.37 -5.36 -14.06
N ALA A 760 17.71 -5.83 -15.10
CA ALA A 760 17.44 -7.26 -15.17
C ALA A 760 18.72 -8.04 -15.45
N GLN A 761 19.43 -7.66 -16.52
CA GLN A 761 20.69 -8.31 -16.82
C GLN A 761 21.68 -8.19 -15.69
N MET A 762 21.59 -7.13 -14.88
CA MET A 762 22.42 -7.13 -13.69
C MET A 762 21.94 -8.17 -12.67
N TRP A 763 20.63 -8.30 -12.47
CA TRP A 763 20.14 -9.25 -11.48
C TRP A 763 20.63 -10.66 -11.80
N SER A 764 20.55 -11.07 -13.06
CA SER A 764 20.83 -12.44 -13.43
C SER A 764 22.31 -12.75 -13.41
N LEU A 765 23.14 -11.72 -13.44
CA LEU A 765 24.57 -11.93 -13.28
C LEU A 765 25.06 -11.78 -11.84
N MET A 766 24.38 -11.02 -10.98
CA MET A 766 24.82 -10.81 -9.61
C MET A 766 23.89 -11.45 -8.59
N TYR A 767 22.60 -11.30 -8.77
CA TYR A 767 21.61 -11.80 -7.83
C TYR A 767 20.86 -12.97 -8.43
N PHE A 768 21.56 -13.73 -9.28
CA PHE A 768 20.95 -14.90 -9.92
C PHE A 768 20.48 -15.94 -8.91
N HIS A 769 20.98 -15.88 -7.68
CA HIS A 769 20.68 -16.86 -6.64
C HIS A 769 19.43 -16.56 -5.88
N ARG A 770 18.66 -15.57 -6.29
CA ARG A 770 17.39 -15.26 -5.65
C ARG A 770 16.28 -15.55 -6.66
N ARG A 771 15.36 -16.44 -6.28
CA ARG A 771 14.27 -16.83 -7.16
C ARG A 771 13.55 -15.62 -7.79
N ASP A 772 12.98 -14.75 -6.94
CA ASP A 772 12.22 -13.63 -7.46
C ASP A 772 13.03 -12.85 -8.49
N LEU A 773 14.28 -12.52 -8.16
CA LEU A 773 15.02 -11.64 -9.04
C LEU A 773 15.45 -12.34 -10.31
N ARG A 774 15.64 -13.65 -10.28
CA ARG A 774 15.96 -14.27 -11.54
C ARG A 774 14.73 -14.48 -12.39
N LEU A 775 13.57 -14.71 -11.76
CA LEU A 775 12.32 -14.75 -12.50
C LEU A 775 12.01 -13.39 -13.09
N ALA A 776 11.99 -12.37 -12.23
CA ALA A 776 11.75 -11.02 -12.70
C ALA A 776 12.76 -10.59 -13.75
N ALA A 777 14.00 -11.07 -13.64
CA ALA A 777 14.97 -10.64 -14.64
C ALA A 777 14.67 -11.28 -15.96
N ASN A 778 14.17 -12.53 -15.94
CA ASN A 778 13.90 -13.21 -17.18
C ASN A 778 12.66 -12.65 -17.85
N ALA A 779 11.61 -12.40 -17.07
CA ALA A 779 10.44 -11.68 -17.54
C ALA A 779 10.83 -10.36 -18.23
N ILE A 780 11.66 -9.55 -17.60
CA ILE A 780 12.01 -8.27 -18.19
C ILE A 780 12.62 -8.46 -19.57
N CYS A 781 13.52 -9.44 -19.70
CA CYS A 781 14.21 -9.61 -20.97
C CYS A 781 13.33 -10.22 -22.04
N SER A 782 12.35 -11.03 -21.64
CA SER A 782 11.35 -11.50 -22.59
C SER A 782 10.43 -10.39 -23.09
N ALA A 783 10.31 -9.28 -22.35
CA ALA A 783 9.37 -8.21 -22.68
C ALA A 783 10.03 -7.00 -23.31
N VAL A 784 11.34 -6.92 -23.31
CA VAL A 784 12.08 -5.85 -23.97
C VAL A 784 12.66 -6.44 -25.24
N PRO A 785 12.50 -5.79 -26.40
CA PRO A 785 13.07 -6.34 -27.64
C PRO A 785 14.50 -6.80 -27.45
N SER A 786 14.73 -8.09 -27.74
CA SER A 786 16.00 -8.74 -27.41
C SER A 786 17.20 -8.12 -28.10
N HIS A 787 16.98 -7.24 -29.06
CA HIS A 787 18.07 -6.61 -29.79
C HIS A 787 18.47 -5.26 -29.24
N TRP A 788 17.75 -4.76 -28.23
CA TRP A 788 17.99 -3.43 -27.68
C TRP A 788 19.17 -3.48 -26.70
N VAL A 789 20.13 -2.60 -26.91
CA VAL A 789 21.31 -2.56 -26.05
C VAL A 789 20.95 -1.81 -24.77
N PRO A 790 21.12 -2.40 -23.59
CA PRO A 790 20.92 -1.65 -22.36
C PRO A 790 21.92 -0.52 -22.27
N THR A 791 21.43 0.69 -22.01
CA THR A 791 22.30 1.83 -21.79
C THR A 791 21.60 2.75 -20.80
N SER A 792 22.38 3.30 -19.85
CA SER A 792 21.85 4.10 -18.74
C SER A 792 22.89 4.41 -17.69
N ARG A 793 22.98 3.54 -16.67
CA ARG A 793 23.80 3.58 -15.44
C ARG A 793 23.02 2.93 -14.30
N THR A 794 23.56 1.86 -13.69
CA THR A 794 22.87 1.23 -12.57
C THR A 794 23.31 1.83 -11.23
N THR A 795 24.52 1.50 -10.75
CA THR A 795 24.97 2.00 -9.46
C THR A 795 26.20 2.90 -9.61
N TRP A 796 27.16 2.76 -8.70
CA TRP A 796 28.37 3.59 -8.77
C TRP A 796 29.63 2.76 -8.57
N THR A 801 33.21 -2.50 -12.09
CA THR A 801 32.66 -3.47 -13.04
C THR A 801 31.20 -3.16 -13.37
N HIS A 802 30.84 -3.43 -14.63
CA HIS A 802 29.48 -3.36 -15.16
C HIS A 802 29.35 -4.37 -16.30
N GLU A 803 29.60 -5.64 -16.04
CA GLU A 803 29.57 -6.63 -17.11
C GLU A 803 28.18 -6.87 -17.68
N TRP A 804 27.11 -6.52 -16.94
CA TRP A 804 25.76 -6.75 -17.44
C TRP A 804 25.35 -5.78 -18.54
N MET A 805 26.23 -4.86 -18.96
CA MET A 805 25.84 -3.94 -20.03
C MET A 805 26.03 -4.52 -21.43
N THR A 806 26.69 -5.66 -21.59
CA THR A 806 26.83 -6.22 -22.95
C THR A 806 25.48 -6.66 -23.51
N THR A 807 25.44 -6.82 -24.84
CA THR A 807 24.33 -7.50 -25.50
C THR A 807 24.62 -8.97 -25.76
N GLU A 808 25.68 -9.52 -25.17
CA GLU A 808 25.92 -10.94 -25.27
C GLU A 808 24.80 -11.73 -24.65
N ASP A 809 24.80 -13.03 -24.89
CA ASP A 809 23.86 -13.84 -24.14
C ASP A 809 24.32 -13.89 -22.70
N MET A 810 23.39 -13.73 -21.76
CA MET A 810 23.80 -13.56 -20.37
C MET A 810 24.53 -14.78 -19.83
N LEU A 811 24.11 -15.99 -20.22
CA LEU A 811 24.81 -17.20 -19.79
C LEU A 811 26.29 -17.17 -20.13
N THR A 812 26.64 -16.59 -21.28
CA THR A 812 28.05 -16.44 -21.64
C THR A 812 28.77 -15.53 -20.66
N VAL A 813 28.22 -14.35 -20.42
CA VAL A 813 28.82 -13.41 -19.45
C VAL A 813 28.92 -14.06 -18.10
N TRP A 814 27.91 -14.84 -17.73
CA TRP A 814 27.98 -15.57 -16.49
C TRP A 814 29.25 -16.41 -16.43
N ASN A 815 29.43 -17.30 -17.41
CA ASN A 815 30.60 -18.17 -17.42
C ASN A 815 31.89 -17.38 -17.38
N ARG A 816 31.98 -16.28 -18.13
CA ARG A 816 33.19 -15.46 -18.08
C ARG A 816 33.48 -14.98 -16.67
N VAL A 817 32.50 -14.38 -16.00
CA VAL A 817 32.84 -13.70 -14.75
C VAL A 817 32.96 -14.71 -13.61
N TRP A 818 31.99 -15.65 -13.48
CA TRP A 818 31.95 -16.59 -12.37
C TRP A 818 32.83 -17.82 -12.55
N ILE A 819 33.26 -18.16 -13.76
CA ILE A 819 34.06 -19.37 -13.95
C ILE A 819 35.38 -19.07 -14.65
N GLN A 820 35.34 -18.83 -15.96
CA GLN A 820 36.58 -18.70 -16.73
C GLN A 820 37.44 -17.53 -16.27
N GLU A 821 36.99 -16.72 -15.30
CA GLU A 821 37.83 -15.63 -14.84
C GLU A 821 37.86 -15.39 -13.34
N ASN A 822 37.05 -16.16 -12.48
CA ASN A 822 37.45 -15.77 -11.13
C ASN A 822 38.53 -16.71 -10.63
N PRO A 823 39.55 -16.12 -10.03
CA PRO A 823 40.70 -16.89 -9.52
C PRO A 823 40.34 -17.89 -8.45
N TRP A 824 39.31 -17.65 -7.67
CA TRP A 824 38.97 -18.58 -6.60
C TRP A 824 38.33 -19.86 -7.12
N MET A 825 38.40 -20.07 -8.43
CA MET A 825 37.78 -21.22 -9.05
C MET A 825 38.76 -21.80 -10.06
N GLU A 826 39.34 -22.97 -9.75
CA GLU A 826 40.40 -23.51 -10.60
C GLU A 826 39.86 -24.41 -11.71
N ASP A 827 38.76 -25.09 -11.42
CA ASP A 827 38.06 -25.94 -12.38
C ASP A 827 37.27 -25.04 -13.32
N LYS A 828 37.78 -24.85 -14.53
CA LYS A 828 37.23 -23.89 -15.48
C LYS A 828 36.22 -24.54 -16.45
N THR A 829 35.67 -25.68 -16.09
CA THR A 829 34.66 -26.30 -16.93
C THR A 829 33.45 -25.38 -17.06
N PRO A 830 32.99 -25.10 -18.27
CA PRO A 830 31.83 -24.20 -18.42
C PRO A 830 30.52 -24.89 -18.08
N VAL A 831 29.59 -24.11 -17.57
CA VAL A 831 28.22 -24.59 -17.32
C VAL A 831 27.40 -24.14 -18.50
N GLU A 832 26.43 -24.95 -18.92
CA GLU A 832 25.83 -24.72 -20.24
C GLU A 832 24.31 -24.62 -20.22
N SER A 833 23.72 -24.48 -19.06
CA SER A 833 22.30 -24.24 -18.90
C SER A 833 22.10 -23.51 -17.59
N TRP A 834 21.10 -22.61 -17.57
CA TRP A 834 20.74 -21.90 -16.35
C TRP A 834 20.25 -22.85 -15.25
N GLU A 835 19.76 -24.03 -15.62
CA GLU A 835 19.38 -25.08 -14.68
C GLU A 835 20.57 -25.67 -13.93
N GLU A 836 21.79 -25.23 -14.23
CA GLU A 836 23.00 -25.62 -13.52
C GLU A 836 23.42 -24.62 -12.46
N ILE A 837 23.07 -23.34 -12.65
CA ILE A 837 23.35 -22.26 -11.70
C ILE A 837 22.38 -22.37 -10.52
N PRO A 838 22.89 -22.31 -9.27
CA PRO A 838 22.04 -22.55 -8.11
C PRO A 838 21.39 -21.32 -7.52
N TYR A 839 20.40 -21.59 -6.68
CA TYR A 839 19.71 -20.62 -5.86
C TYR A 839 20.26 -20.70 -4.46
N LEU A 840 20.03 -19.65 -3.66
CA LEU A 840 20.12 -19.82 -2.23
C LEU A 840 19.15 -20.90 -1.78
N GLY A 841 19.27 -21.29 -0.52
CA GLY A 841 18.22 -22.10 0.06
C GLY A 841 16.95 -21.28 0.18
N LYS A 842 15.81 -21.97 0.10
CA LYS A 842 14.53 -21.30 0.29
C LYS A 842 14.58 -20.39 1.52
N ARG A 843 14.93 -20.95 2.69
CA ARG A 843 14.83 -20.18 3.92
C ARG A 843 15.75 -18.97 3.91
N GLU A 844 16.95 -19.09 3.32
CA GLU A 844 17.81 -17.92 3.16
C GLU A 844 17.17 -16.88 2.25
N ASP A 845 16.60 -17.33 1.13
CA ASP A 845 15.98 -16.43 0.18
C ASP A 845 14.89 -15.60 0.84
N GLN A 846 13.96 -16.25 1.54
CA GLN A 846 12.88 -15.53 2.20
C GLN A 846 13.34 -14.78 3.42
N TRP A 847 14.55 -15.07 3.90
CA TRP A 847 15.12 -14.29 4.98
C TRP A 847 15.75 -13.02 4.45
N CYS A 848 16.54 -13.13 3.39
CA CYS A 848 17.09 -11.98 2.67
C CYS A 848 16.03 -11.21 1.87
N GLY A 849 14.74 -11.59 1.97
CA GLY A 849 13.71 -10.76 1.42
C GLY A 849 12.70 -11.36 0.45
N SER A 850 12.91 -12.60 0.01
CA SER A 850 12.11 -13.18 -1.07
C SER A 850 10.65 -13.25 -0.70
N LEU A 851 9.85 -13.62 -1.71
CA LEU A 851 8.42 -13.79 -1.55
C LEU A 851 7.94 -15.20 -1.87
N ILE A 852 8.85 -16.11 -2.27
CA ILE A 852 8.48 -17.51 -2.52
C ILE A 852 7.61 -18.08 -1.41
N GLY A 853 6.50 -18.69 -1.79
CA GLY A 853 5.64 -19.31 -0.84
C GLY A 853 4.53 -18.42 -0.35
N LEU A 854 4.53 -17.16 -0.78
CA LEU A 854 3.39 -16.29 -0.59
C LEU A 854 2.48 -16.38 -1.81
N THR A 855 1.18 -16.55 -1.58
CA THR A 855 0.30 -16.87 -2.69
C THR A 855 0.37 -15.83 -3.79
N SER A 856 0.50 -14.55 -3.41
CA SER A 856 0.55 -13.49 -4.43
C SER A 856 1.72 -13.69 -5.38
N ARG A 857 2.90 -14.04 -4.85
CA ARG A 857 4.04 -14.30 -5.71
C ARG A 857 3.80 -15.54 -6.58
N ALA A 858 3.14 -16.57 -6.02
CA ALA A 858 2.85 -17.77 -6.79
C ALA A 858 1.93 -17.44 -7.95
N THR A 859 0.91 -16.61 -7.69
CA THR A 859 0.10 -16.09 -8.78
C THR A 859 0.93 -15.31 -9.78
N TRP A 860 1.84 -14.44 -9.30
CA TRP A 860 2.72 -13.70 -10.20
C TRP A 860 3.46 -14.63 -11.15
N ALA A 861 3.86 -15.81 -10.67
CA ALA A 861 4.70 -16.71 -11.46
C ALA A 861 3.90 -17.52 -12.49
N LYS A 862 2.72 -18.00 -12.14
CA LYS A 862 1.92 -18.75 -13.11
C LYS A 862 1.55 -17.88 -14.30
N ASN A 863 1.33 -16.59 -14.06
CA ASN A 863 0.86 -15.70 -15.11
C ASN A 863 1.94 -14.78 -15.67
N ILE A 864 3.22 -15.03 -15.37
CA ILE A 864 4.25 -14.08 -15.76
C ILE A 864 4.19 -13.84 -17.26
N GLN A 865 3.68 -14.82 -18.00
CA GLN A 865 3.56 -14.68 -19.45
C GLN A 865 2.50 -13.65 -19.85
N THR A 866 1.36 -13.62 -19.17
CA THR A 866 0.39 -12.55 -19.38
C THR A 866 1.04 -11.17 -19.17
N ALA A 867 1.78 -11.02 -18.07
CA ALA A 867 2.46 -9.77 -17.77
C ALA A 867 3.49 -9.40 -18.84
N ILE A 868 4.22 -10.40 -19.34
CA ILE A 868 5.22 -10.07 -20.36
C ILE A 868 4.55 -9.53 -21.60
N ASN A 869 3.31 -9.97 -21.87
CA ASN A 869 2.71 -9.53 -23.12
C ASN A 869 2.12 -8.14 -22.99
N GLN A 870 1.50 -7.84 -21.82
CA GLN A 870 1.11 -6.48 -21.49
C GLN A 870 2.22 -5.50 -21.84
N VAL A 871 3.43 -5.84 -21.46
CA VAL A 871 4.54 -4.92 -21.66
C VAL A 871 4.99 -4.95 -23.10
N ARG A 872 5.00 -6.15 -23.70
CA ARG A 872 5.37 -6.28 -25.09
C ARG A 872 4.37 -5.57 -25.96
N SER A 873 3.08 -5.79 -25.67
CA SER A 873 2.03 -5.07 -26.38
C SER A 873 2.26 -3.57 -26.33
N LEU A 874 2.49 -3.04 -25.12
CA LEU A 874 2.85 -1.65 -24.95
C LEU A 874 4.06 -1.25 -25.79
N ILE A 875 5.12 -2.06 -25.82
CA ILE A 875 6.34 -1.61 -26.51
C ILE A 875 6.12 -1.52 -28.00
N GLY A 876 5.29 -2.40 -28.53
CA GLY A 876 5.06 -2.40 -29.95
C GLY A 876 5.34 -3.79 -30.49
N ASN A 877 5.63 -3.86 -31.78
CA ASN A 877 5.80 -5.11 -32.49
C ASN A 877 7.25 -5.21 -32.92
N GLU A 878 8.08 -5.74 -32.04
CA GLU A 878 9.49 -5.95 -32.33
C GLU A 878 9.82 -7.43 -32.12
N GLU A 879 11.09 -7.77 -32.34
CA GLU A 879 11.55 -9.15 -32.24
C GLU A 879 11.87 -9.50 -30.79
N TYR A 880 11.14 -10.47 -30.22
CA TYR A 880 11.29 -10.88 -28.82
C TYR A 880 11.74 -12.34 -28.68
N THR A 881 12.82 -12.57 -27.92
CA THR A 881 13.18 -13.91 -27.46
C THR A 881 12.40 -14.24 -26.18
N ASP A 882 12.30 -15.52 -25.85
CA ASP A 882 11.55 -15.92 -24.65
C ASP A 882 12.48 -16.65 -23.68
N TYR A 883 12.79 -16.01 -22.57
CA TYR A 883 13.73 -16.57 -21.62
C TYR A 883 13.07 -17.35 -20.50
N MET A 884 11.75 -17.31 -20.40
CA MET A 884 11.10 -17.97 -19.27
C MET A 884 11.31 -19.48 -19.39
N PRO A 885 11.73 -20.15 -18.33
CA PRO A 885 11.80 -21.62 -18.37
C PRO A 885 10.41 -22.24 -18.28
N SER A 886 10.31 -23.48 -18.74
CA SER A 886 9.06 -24.24 -18.65
C SER A 886 9.04 -25.12 -17.39
N THR B 9 12.36 -32.82 23.36
CA THR B 9 11.40 -31.82 22.88
C THR B 9 11.29 -31.90 21.33
N LEU B 10 10.16 -31.45 20.78
CA LEU B 10 9.97 -31.35 19.33
C LEU B 10 9.23 -30.04 19.03
N GLY B 11 8.03 -30.13 18.43
CA GLY B 11 7.12 -28.98 18.36
C GLY B 11 6.94 -28.27 19.69
N GLU B 12 7.35 -28.90 20.80
CA GLU B 12 7.41 -28.22 22.08
C GLU B 12 8.44 -27.10 22.09
N LYS B 13 9.53 -27.28 21.32
CA LYS B 13 10.44 -26.17 21.06
C LYS B 13 9.68 -24.94 20.56
N TRP B 14 8.67 -25.15 19.70
CA TRP B 14 7.83 -24.05 19.22
C TRP B 14 7.17 -23.31 20.38
N LYS B 15 6.29 -23.98 21.14
CA LYS B 15 5.53 -23.27 22.18
C LYS B 15 6.44 -22.64 23.22
N ASN B 16 7.67 -23.14 23.34
CA ASN B 16 8.66 -22.46 24.16
C ASN B 16 8.89 -21.06 23.63
N ARG B 17 9.44 -20.99 22.41
CA ARG B 17 9.68 -19.70 21.77
C ARG B 17 8.42 -18.85 21.74
N LEU B 18 7.27 -19.50 21.51
CA LEU B 18 5.98 -18.81 21.38
C LEU B 18 5.59 -18.02 22.63
N ASN B 19 5.09 -18.70 23.67
CA ASN B 19 4.60 -18.00 24.85
C ASN B 19 5.68 -17.15 25.51
N ALA B 20 6.95 -17.42 25.17
CA ALA B 20 8.09 -16.58 25.55
C ALA B 20 8.12 -15.23 24.85
N LEU B 21 7.27 -14.99 23.85
CA LEU B 21 7.32 -13.76 23.08
C LEU B 21 6.64 -12.61 23.80
N GLY B 22 7.20 -11.41 23.67
CA GLY B 22 6.58 -10.21 24.21
C GLY B 22 5.16 -10.00 23.74
N LYS B 23 4.44 -9.04 24.33
CA LYS B 23 3.01 -8.89 24.09
C LYS B 23 2.67 -8.57 22.63
N SER B 24 3.17 -7.43 22.11
CA SER B 24 2.97 -7.04 20.71
C SER B 24 3.47 -8.12 19.76
N GLU B 25 4.79 -8.29 19.72
CA GLU B 25 5.49 -9.33 18.97
C GLU B 25 4.69 -10.63 18.84
N PHE B 26 3.91 -10.98 19.87
CA PHE B 26 2.95 -12.08 19.80
C PHE B 26 1.84 -11.77 18.80
N GLN B 27 0.96 -10.80 19.12
CA GLN B 27 -0.16 -10.41 18.27
C GLN B 27 0.26 -10.14 16.82
N ILE B 28 1.51 -9.71 16.64
CA ILE B 28 2.13 -9.62 15.33
C ILE B 28 2.28 -11.01 14.74
N TYR B 29 2.81 -11.95 15.53
CA TYR B 29 3.03 -13.32 15.09
C TYR B 29 1.73 -14.07 14.86
N LYS B 30 0.74 -13.89 15.74
CA LYS B 30 -0.56 -14.56 15.68
C LYS B 30 -1.13 -14.66 14.26
N LYS B 31 -1.16 -13.52 13.57
CA LYS B 31 -1.81 -13.39 12.27
C LYS B 31 -0.76 -12.84 11.31
N SER B 32 -0.05 -13.74 10.62
CA SER B 32 1.03 -13.42 9.68
C SER B 32 1.11 -14.50 8.64
N GLY B 33 0.99 -14.10 7.37
CA GLY B 33 0.88 -15.04 6.27
C GLY B 33 -0.26 -16.03 6.40
N ILE B 34 -1.18 -15.79 7.32
CA ILE B 34 -2.30 -16.71 7.55
C ILE B 34 -3.45 -16.24 6.68
N GLN B 35 -4.41 -17.13 6.42
CA GLN B 35 -5.63 -16.75 5.75
C GLN B 35 -6.57 -16.18 6.79
N GLU B 36 -7.34 -15.17 6.43
CA GLU B 36 -8.21 -14.52 7.39
C GLU B 36 -9.56 -14.19 6.79
N VAL B 37 -10.59 -14.40 7.61
CA VAL B 37 -11.97 -14.06 7.27
C VAL B 37 -12.23 -12.64 7.72
N ASP B 38 -12.84 -11.86 6.83
CA ASP B 38 -13.13 -10.47 7.15
C ASP B 38 -13.83 -10.38 8.49
N ARG B 39 -15.05 -10.92 8.56
CA ARG B 39 -15.90 -10.90 9.75
C ARG B 39 -16.47 -9.51 10.04
N THR B 40 -16.05 -8.47 9.31
CA THR B 40 -16.50 -7.12 9.65
C THR B 40 -18.01 -7.03 9.51
N LEU B 41 -18.50 -6.91 8.28
CA LEU B 41 -19.92 -6.75 8.06
C LEU B 41 -20.71 -7.95 8.57
N ALA B 42 -20.06 -9.07 8.83
CA ALA B 42 -20.77 -10.21 9.42
C ALA B 42 -21.12 -9.93 10.87
N LYS B 43 -20.14 -9.50 11.66
CA LYS B 43 -20.38 -9.21 13.07
C LYS B 43 -21.12 -7.90 13.29
N GLU B 44 -21.02 -6.96 12.36
CA GLU B 44 -21.80 -5.73 12.48
C GLU B 44 -23.29 -6.03 12.31
N GLY B 45 -23.67 -6.55 11.14
CA GLY B 45 -25.08 -6.79 10.88
C GLY B 45 -25.75 -7.72 11.88
N ILE B 46 -25.02 -8.69 12.41
CA ILE B 46 -25.62 -9.53 13.44
C ILE B 46 -25.95 -8.68 14.67
N LYS B 47 -25.18 -7.60 14.90
CA LYS B 47 -25.51 -6.69 16.01
C LYS B 47 -26.81 -5.95 15.74
N ARG B 48 -27.01 -5.49 14.51
CA ARG B 48 -28.29 -4.86 14.16
C ARG B 48 -29.46 -5.83 14.21
N GLY B 49 -29.24 -7.12 14.47
CA GLY B 49 -30.30 -8.10 14.53
C GLY B 49 -30.51 -8.89 13.25
N GLU B 50 -29.81 -8.53 12.16
CA GLU B 50 -29.84 -9.34 10.95
C GLU B 50 -29.51 -10.77 11.30
N THR B 51 -30.36 -11.70 10.86
CA THR B 51 -30.27 -13.11 11.25
C THR B 51 -30.06 -14.05 10.07
N ASP B 52 -29.96 -13.51 8.85
CA ASP B 52 -29.79 -14.29 7.63
C ASP B 52 -28.38 -14.12 7.07
N HIS B 53 -28.00 -15.01 6.15
CA HIS B 53 -26.74 -14.98 5.40
C HIS B 53 -25.52 -15.03 6.31
N HIS B 54 -25.57 -14.35 7.45
CA HIS B 54 -24.40 -14.14 8.30
C HIS B 54 -23.96 -15.44 8.95
N ALA B 55 -22.71 -15.82 8.69
CA ALA B 55 -22.03 -16.81 9.51
C ALA B 55 -22.00 -16.33 10.96
N VAL B 56 -21.75 -17.27 11.85
CA VAL B 56 -21.80 -16.96 13.27
C VAL B 56 -20.43 -16.72 13.90
N SER B 57 -19.36 -17.23 13.28
CA SER B 57 -18.05 -17.14 13.91
C SER B 57 -16.97 -17.24 12.84
N ARG B 58 -15.71 -17.20 13.27
CA ARG B 58 -14.63 -17.56 12.38
C ARG B 58 -14.73 -19.01 11.94
N GLY B 59 -15.66 -19.77 12.54
CA GLY B 59 -15.69 -21.21 12.41
C GLY B 59 -16.29 -21.71 11.11
N SER B 60 -17.36 -21.07 10.63
CA SER B 60 -18.00 -21.58 9.43
C SER B 60 -17.06 -21.60 8.25
N ALA B 61 -16.20 -20.58 8.13
CA ALA B 61 -15.24 -20.58 7.05
C ALA B 61 -14.20 -21.68 7.24
N LYS B 62 -13.66 -21.78 8.46
CA LYS B 62 -12.80 -22.90 8.82
C LYS B 62 -13.30 -24.23 8.25
N LEU B 63 -14.53 -24.59 8.61
CA LEU B 63 -15.02 -25.90 8.17
C LEU B 63 -15.32 -25.93 6.69
N ARG B 64 -15.85 -24.84 6.12
CA ARG B 64 -16.00 -24.76 4.67
C ARG B 64 -14.72 -25.18 3.98
N TRP B 65 -13.59 -24.58 4.37
CA TRP B 65 -12.30 -24.84 3.75
C TRP B 65 -12.03 -26.34 3.65
N PHE B 66 -12.51 -27.10 4.65
CA PHE B 66 -12.37 -28.55 4.64
C PHE B 66 -13.34 -29.19 3.65
N VAL B 67 -14.63 -28.87 3.77
CA VAL B 67 -15.69 -29.58 3.05
C VAL B 67 -15.63 -29.35 1.54
N GLU B 68 -15.06 -28.24 1.09
CA GLU B 68 -14.89 -28.12 -0.35
C GLU B 68 -13.77 -29.02 -0.86
N ARG B 69 -12.81 -29.36 -0.01
CA ARG B 69 -11.74 -30.25 -0.45
C ARG B 69 -12.11 -31.72 -0.29
N ASN B 70 -13.35 -31.98 0.14
CA ASN B 70 -13.83 -33.35 0.34
C ASN B 70 -13.02 -34.06 1.40
N LEU B 71 -12.40 -33.28 2.28
CA LEU B 71 -11.72 -33.87 3.41
C LEU B 71 -12.72 -34.44 4.41
N VAL B 72 -13.85 -33.76 4.60
CA VAL B 72 -15.03 -34.36 5.22
C VAL B 72 -16.23 -34.18 4.29
N THR B 73 -17.18 -35.11 4.39
CA THR B 73 -18.42 -35.06 3.62
C THR B 73 -19.58 -35.20 4.60
N PRO B 74 -19.99 -34.11 5.22
CA PRO B 74 -21.12 -34.18 6.17
C PRO B 74 -22.35 -34.79 5.51
N GLU B 75 -23.12 -35.54 6.31
CA GLU B 75 -24.30 -36.24 5.81
C GLU B 75 -25.14 -36.80 6.96
N GLY B 76 -26.46 -36.81 6.76
CA GLY B 76 -27.36 -37.35 7.75
C GLY B 76 -27.27 -36.63 9.09
N LYS B 77 -27.33 -37.40 10.18
CA LYS B 77 -27.23 -36.78 11.49
C LYS B 77 -25.78 -36.34 11.71
N VAL B 78 -25.62 -35.06 11.95
CA VAL B 78 -24.37 -34.45 12.39
C VAL B 78 -24.56 -34.10 13.86
N VAL B 79 -23.55 -34.37 14.67
CA VAL B 79 -23.51 -33.80 16.01
C VAL B 79 -22.24 -32.96 16.12
N ASP B 80 -22.45 -31.70 16.49
CA ASP B 80 -21.40 -30.73 16.79
C ASP B 80 -21.21 -30.79 18.31
N LEU B 81 -20.03 -31.23 18.74
CA LEU B 81 -19.73 -31.30 20.18
C LEU B 81 -19.00 -30.02 20.56
N GLY B 82 -19.70 -29.13 21.22
CA GLY B 82 -19.15 -27.80 21.40
C GLY B 82 -19.51 -26.89 20.25
N CYS B 83 -20.77 -26.97 19.79
CA CYS B 83 -21.26 -26.05 18.76
C CYS B 83 -21.02 -24.62 19.18
N GLY B 84 -20.84 -24.38 20.48
CA GLY B 84 -20.56 -23.05 20.96
C GLY B 84 -21.72 -22.18 20.56
N ARG B 85 -21.51 -21.40 19.51
CA ARG B 85 -22.55 -20.58 18.92
C ARG B 85 -23.22 -21.25 17.74
N GLY B 86 -22.54 -22.18 17.05
CA GLY B 86 -23.18 -22.97 16.01
C GLY B 86 -22.45 -22.90 14.68
N GLY B 87 -21.32 -22.18 14.68
CA GLY B 87 -20.50 -21.96 13.51
C GLY B 87 -20.39 -23.16 12.61
N TRP B 88 -20.13 -24.32 13.20
CA TRP B 88 -20.04 -25.55 12.44
C TRP B 88 -21.38 -26.18 12.14
N SER B 89 -22.44 -25.81 12.86
CA SER B 89 -23.73 -26.47 12.67
C SER B 89 -24.66 -25.72 11.72
N TYR B 90 -24.72 -24.40 11.87
CA TYR B 90 -25.42 -23.60 10.88
C TYR B 90 -24.81 -23.78 9.50
N TYR B 91 -23.49 -23.94 9.43
CA TYR B 91 -22.88 -24.17 8.13
C TYR B 91 -23.34 -25.50 7.57
N CYS B 92 -23.35 -26.53 8.41
CA CYS B 92 -23.77 -27.84 7.95
C CYS B 92 -25.24 -27.87 7.56
N GLY B 93 -26.05 -26.95 8.10
CA GLY B 93 -27.47 -26.97 7.83
C GLY B 93 -27.80 -26.77 6.36
N GLY B 94 -26.96 -26.04 5.64
CA GLY B 94 -27.22 -25.80 4.25
C GLY B 94 -26.56 -26.76 3.29
N LEU B 95 -25.93 -27.81 3.78
CA LEU B 95 -25.13 -28.71 2.94
C LEU B 95 -25.97 -29.83 2.35
N LYS B 96 -25.55 -30.26 1.17
CA LYS B 96 -26.37 -31.09 0.29
C LYS B 96 -26.93 -32.32 0.99
N ASN B 97 -26.06 -33.18 1.54
CA ASN B 97 -26.47 -34.48 2.05
C ASN B 97 -26.79 -34.48 3.54
N VAL B 98 -26.78 -33.33 4.18
CA VAL B 98 -27.13 -33.28 5.59
C VAL B 98 -28.65 -33.33 5.71
N LYS B 99 -29.11 -33.98 6.77
CA LYS B 99 -30.54 -34.13 7.03
C LYS B 99 -30.92 -33.89 8.48
N GLU B 100 -29.95 -33.75 9.39
CA GLU B 100 -30.11 -33.53 10.83
C GLU B 100 -28.79 -33.05 11.40
N VAL B 101 -28.89 -32.10 12.34
CA VAL B 101 -27.72 -31.63 13.07
C VAL B 101 -28.11 -31.30 14.51
N LYS B 102 -27.33 -31.85 15.46
CA LYS B 102 -27.55 -31.69 16.89
C LYS B 102 -26.28 -31.07 17.46
N GLY B 103 -26.37 -29.84 17.94
CA GLY B 103 -25.22 -29.14 18.48
C GLY B 103 -25.37 -28.97 19.98
N LEU B 104 -24.28 -29.23 20.69
CA LEU B 104 -24.27 -29.27 22.15
C LEU B 104 -23.08 -28.47 22.62
N THR B 105 -23.30 -27.56 23.57
CA THR B 105 -22.20 -26.79 24.16
C THR B 105 -22.38 -26.73 25.66
N LYS B 106 -21.28 -26.63 26.39
CA LYS B 106 -21.37 -26.48 27.83
C LYS B 106 -22.20 -25.27 28.22
N GLY B 107 -22.35 -24.31 27.31
CA GLY B 107 -23.02 -23.07 27.63
C GLY B 107 -22.41 -22.40 28.83
N GLY B 108 -23.03 -22.59 29.98
CA GLY B 108 -22.57 -21.99 31.20
C GLY B 108 -22.54 -20.48 31.10
N PRO B 109 -21.97 -19.85 32.12
CA PRO B 109 -21.74 -18.40 32.07
C PRO B 109 -20.27 -18.04 31.86
N GLY B 110 -19.47 -18.96 31.33
CA GLY B 110 -18.09 -18.67 31.03
C GLY B 110 -17.70 -19.01 29.60
N HIS B 111 -18.57 -19.77 28.92
CA HIS B 111 -18.35 -20.24 27.56
C HIS B 111 -19.33 -19.55 26.61
N GLU B 112 -19.12 -19.74 25.31
CA GLU B 112 -20.03 -19.19 24.32
C GLU B 112 -21.34 -19.97 24.34
N GLU B 113 -22.43 -19.26 24.32
CA GLU B 113 -23.72 -19.93 24.31
C GLU B 113 -24.33 -19.91 22.91
N PRO B 114 -25.06 -20.96 22.53
CA PRO B 114 -25.61 -21.03 21.16
C PRO B 114 -26.35 -19.77 20.77
N ILE B 115 -26.23 -19.38 19.50
CA ILE B 115 -26.89 -18.20 18.96
C ILE B 115 -27.96 -18.61 17.97
N PRO B 116 -29.24 -18.26 18.19
CA PRO B 116 -30.30 -18.59 17.22
C PRO B 116 -30.14 -17.78 15.94
N MET B 117 -30.11 -18.42 14.76
CA MET B 117 -30.05 -17.70 13.49
C MET B 117 -31.09 -18.24 12.51
N SER B 118 -31.39 -17.46 11.46
CA SER B 118 -32.29 -17.85 10.38
C SER B 118 -31.54 -18.24 9.11
N THR B 119 -30.27 -18.57 9.28
CA THR B 119 -29.41 -19.02 8.20
C THR B 119 -30.03 -20.21 7.45
N TYR B 120 -29.66 -20.38 6.19
CA TYR B 120 -30.23 -21.45 5.37
C TYR B 120 -30.12 -22.80 6.07
N GLY B 121 -31.23 -23.54 6.06
CA GLY B 121 -31.26 -24.80 6.77
C GLY B 121 -31.35 -24.68 8.28
N TRP B 122 -31.56 -23.46 8.82
CA TRP B 122 -31.71 -23.30 10.26
C TRP B 122 -32.77 -24.22 10.82
N ASN B 123 -33.79 -24.53 10.01
CA ASN B 123 -34.94 -25.30 10.46
C ASN B 123 -34.59 -26.69 10.96
N LEU B 124 -33.39 -27.18 10.69
CA LEU B 124 -33.08 -28.54 11.12
C LEU B 124 -31.78 -28.55 11.88
N VAL B 125 -31.55 -27.48 12.63
CA VAL B 125 -30.47 -27.37 13.60
C VAL B 125 -31.10 -27.30 14.98
N ARG B 126 -30.64 -28.17 15.88
CA ARG B 126 -31.03 -28.16 17.29
C ARG B 126 -29.78 -27.97 18.13
N LEU B 127 -29.72 -26.83 18.83
CA LEU B 127 -28.57 -26.43 19.64
C LEU B 127 -28.95 -26.40 21.10
N GLN B 128 -28.29 -27.23 21.91
CA GLN B 128 -28.58 -27.38 23.34
C GLN B 128 -27.43 -26.81 24.18
N SER B 129 -27.75 -25.85 25.06
CA SER B 129 -26.77 -25.27 25.95
C SER B 129 -26.66 -26.11 27.23
N GLY B 130 -25.65 -25.78 28.03
CA GLY B 130 -25.44 -26.47 29.30
C GLY B 130 -25.41 -27.98 29.18
N VAL B 131 -24.63 -28.51 28.24
CA VAL B 131 -24.55 -29.95 27.95
C VAL B 131 -23.08 -30.35 27.77
N ASP B 132 -22.37 -30.51 28.90
CA ASP B 132 -21.01 -31.03 28.94
C ASP B 132 -20.97 -32.37 28.22
N VAL B 133 -20.71 -32.29 26.92
CA VAL B 133 -20.61 -33.40 25.97
C VAL B 133 -19.82 -34.59 26.54
N PHE B 134 -18.87 -34.29 27.44
CA PHE B 134 -18.08 -35.37 28.04
C PHE B 134 -18.95 -36.36 28.79
N PHE B 135 -20.13 -35.92 29.29
CA PHE B 135 -21.01 -36.74 30.12
C PHE B 135 -22.35 -36.99 29.45
N THR B 136 -22.45 -36.73 28.19
CA THR B 136 -23.67 -37.23 27.58
C THR B 136 -23.39 -38.58 26.90
N PRO B 137 -24.33 -39.52 26.96
CA PRO B 137 -24.10 -40.83 26.35
C PRO B 137 -24.03 -40.70 24.84
N PRO B 138 -23.09 -41.40 24.19
CA PRO B 138 -23.08 -41.44 22.72
C PRO B 138 -24.44 -41.84 22.16
N GLU B 139 -24.75 -41.26 21.01
CA GLU B 139 -25.97 -41.58 20.27
C GLU B 139 -25.56 -42.10 18.89
N LYS B 140 -26.54 -42.21 17.99
CA LYS B 140 -26.27 -42.51 16.60
C LYS B 140 -26.12 -41.22 15.83
N CYS B 141 -25.13 -41.19 14.93
CA CYS B 141 -24.90 -40.04 14.06
C CYS B 141 -23.98 -40.45 12.93
N ASP B 142 -24.32 -40.01 11.72
CA ASP B 142 -23.57 -40.37 10.52
C ASP B 142 -22.24 -39.62 10.42
N THR B 143 -22.17 -38.39 10.93
CA THR B 143 -20.90 -37.67 11.01
C THR B 143 -20.84 -36.94 12.34
N LEU B 144 -19.63 -36.75 12.84
CA LEU B 144 -19.45 -36.10 14.14
C LEU B 144 -18.35 -35.06 14.03
N LEU B 145 -18.57 -33.89 14.62
CA LEU B 145 -17.56 -32.84 14.63
C LEU B 145 -17.32 -32.36 16.05
N CYS B 146 -16.08 -31.99 16.32
CA CYS B 146 -15.70 -31.54 17.65
C CYS B 146 -14.64 -30.45 17.55
N ASP B 147 -15.03 -29.20 17.78
CA ASP B 147 -14.08 -28.10 17.89
C ASP B 147 -13.84 -27.80 19.38
N ILE B 148 -13.80 -28.84 20.22
CA ILE B 148 -13.59 -28.69 21.67
C ILE B 148 -12.11 -28.47 21.94
N GLY B 149 -11.81 -27.33 22.56
CA GLY B 149 -10.44 -27.11 22.98
C GLY B 149 -10.33 -25.88 23.85
N GLU B 150 -9.13 -25.73 24.42
CA GLU B 150 -8.68 -24.52 25.09
C GLU B 150 -7.17 -24.57 25.18
N SER B 151 -6.48 -23.65 24.49
CA SER B 151 -5.03 -23.67 24.48
C SER B 151 -4.51 -23.28 25.86
N SER B 152 -3.19 -23.30 26.02
CA SER B 152 -2.59 -23.04 27.32
C SER B 152 -1.14 -22.62 27.17
N PRO B 153 -0.60 -21.83 28.10
CA PRO B 153 0.85 -21.63 28.13
C PRO B 153 1.62 -22.85 28.61
N ASN B 154 0.95 -23.94 28.96
CA ASN B 154 1.64 -25.14 29.42
C ASN B 154 1.34 -26.31 28.47
N PRO B 155 2.33 -26.79 27.71
CA PRO B 155 2.06 -27.95 26.83
C PRO B 155 1.64 -29.19 27.59
N THR B 156 2.13 -29.38 28.82
CA THR B 156 1.78 -30.59 29.55
C THR B 156 0.27 -30.67 29.75
N VAL B 157 -0.36 -29.59 30.19
CA VAL B 157 -1.81 -29.59 30.33
C VAL B 157 -2.52 -29.60 28.98
N GLU B 158 -1.78 -29.38 27.89
CA GLU B 158 -2.40 -29.40 26.56
C GLU B 158 -2.71 -30.85 26.13
N ALA B 159 -1.72 -31.75 26.23
CA ALA B 159 -2.02 -33.17 26.11
C ALA B 159 -3.12 -33.58 27.07
N GLY B 160 -3.16 -32.97 28.27
CA GLY B 160 -4.19 -33.27 29.25
C GLY B 160 -5.59 -32.86 28.83
N ARG B 161 -5.74 -31.74 28.14
CA ARG B 161 -7.07 -31.35 27.68
C ARG B 161 -7.43 -32.08 26.38
N THR B 162 -6.44 -32.32 25.51
CA THR B 162 -6.75 -32.86 24.19
C THR B 162 -7.05 -34.36 24.26
N LEU B 163 -6.10 -35.17 24.80
CA LEU B 163 -6.24 -36.62 24.92
C LEU B 163 -7.67 -36.96 25.30
N ARG B 164 -8.18 -36.14 26.23
CA ARG B 164 -9.55 -36.25 26.71
C ARG B 164 -10.56 -36.13 25.57
N VAL B 165 -10.48 -35.03 24.82
CA VAL B 165 -11.40 -34.78 23.71
C VAL B 165 -11.41 -35.96 22.75
N LEU B 166 -10.21 -36.46 22.42
CA LEU B 166 -10.10 -37.61 21.50
C LEU B 166 -10.75 -38.87 22.06
N ASN B 167 -10.31 -39.31 23.25
CA ASN B 167 -10.82 -40.51 23.87
C ASN B 167 -12.28 -40.31 24.34
N LEU B 168 -12.86 -39.14 24.05
CA LEU B 168 -14.29 -38.86 24.13
C LEU B 168 -15.01 -39.12 22.81
N VAL B 169 -14.41 -38.72 21.67
CA VAL B 169 -15.01 -38.96 20.36
C VAL B 169 -14.67 -40.36 19.89
N GLU B 170 -13.58 -40.95 20.42
CA GLU B 170 -13.32 -42.37 20.25
C GLU B 170 -14.60 -43.20 20.35
N ASN B 171 -15.32 -43.02 21.47
CA ASN B 171 -16.57 -43.72 21.69
C ASN B 171 -17.57 -43.38 20.58
N TRP B 172 -18.26 -42.23 20.73
CA TRP B 172 -19.12 -41.59 19.74
C TRP B 172 -18.96 -42.02 18.29
N LEU B 173 -17.78 -42.52 17.93
CA LEU B 173 -17.45 -42.86 16.55
C LEU B 173 -18.18 -44.12 16.07
N ASN B 174 -17.53 -44.86 15.18
CA ASN B 174 -18.00 -46.10 14.55
C ASN B 174 -17.19 -46.24 13.29
N ASN B 175 -17.32 -47.36 12.58
CA ASN B 175 -16.46 -47.65 11.44
C ASN B 175 -17.03 -47.16 10.10
N ASN B 176 -18.16 -46.41 10.15
CA ASN B 176 -18.78 -45.90 8.92
C ASN B 176 -19.27 -44.47 9.09
N THR B 177 -18.63 -43.69 9.95
CA THR B 177 -18.99 -42.30 10.17
C THR B 177 -17.90 -41.39 9.62
N GLN B 178 -18.29 -40.14 9.39
CA GLN B 178 -17.35 -39.08 9.03
C GLN B 178 -17.14 -38.18 10.23
N PHE B 179 -15.97 -37.54 10.28
CA PHE B 179 -15.61 -36.80 11.48
C PHE B 179 -14.64 -35.67 11.16
N CYS B 180 -14.62 -34.67 12.04
CA CYS B 180 -13.59 -33.64 11.99
C CYS B 180 -13.42 -33.13 13.42
N ILE B 181 -12.24 -33.39 14.00
CA ILE B 181 -12.04 -33.17 15.43
C ILE B 181 -10.84 -32.26 15.63
N LYS B 182 -11.06 -31.16 16.37
CA LYS B 182 -9.98 -30.29 16.84
C LYS B 182 -8.99 -31.08 17.67
N VAL B 183 -7.82 -31.35 17.11
CA VAL B 183 -6.70 -31.89 17.89
C VAL B 183 -5.89 -30.67 18.33
N LEU B 184 -6.25 -30.12 19.50
CA LEU B 184 -5.63 -28.89 19.98
C LEU B 184 -4.10 -28.99 19.94
N ASN B 185 -3.52 -29.85 20.78
CA ASN B 185 -2.07 -30.05 20.83
C ASN B 185 -1.72 -31.40 20.25
N PRO B 186 -1.16 -31.46 19.05
CA PRO B 186 -0.95 -32.74 18.36
C PRO B 186 0.50 -33.06 18.15
N TYR B 187 1.37 -32.31 18.79
CA TYR B 187 2.80 -32.48 18.58
C TYR B 187 3.50 -33.19 19.73
N MET B 188 2.76 -33.45 20.82
CA MET B 188 3.42 -34.11 21.97
C MET B 188 3.33 -35.64 21.86
N PRO B 189 4.29 -36.36 22.43
CA PRO B 189 4.26 -37.81 22.32
C PRO B 189 3.03 -38.37 22.98
N SER B 190 2.69 -37.81 24.14
CA SER B 190 1.42 -38.02 24.85
C SER B 190 0.20 -38.06 23.93
N VAL B 191 0.16 -37.14 22.95
CA VAL B 191 -0.90 -37.05 21.95
C VAL B 191 -0.59 -37.92 20.74
N ILE B 192 0.57 -37.66 20.11
CA ILE B 192 0.98 -38.26 18.84
C ILE B 192 0.77 -39.77 18.88
N GLU B 193 0.98 -40.35 20.06
CA GLU B 193 0.72 -41.77 20.32
C GLU B 193 -0.72 -42.14 19.96
N LYS B 194 -1.68 -41.67 20.78
CA LYS B 194 -3.11 -41.94 20.60
C LYS B 194 -3.54 -41.74 19.16
N MET B 195 -3.03 -40.67 18.54
CA MET B 195 -3.35 -40.37 17.15
C MET B 195 -3.03 -41.55 16.23
N GLU B 196 -1.76 -41.97 16.22
CA GLU B 196 -1.29 -43.10 15.41
C GLU B 196 -2.21 -44.29 15.54
N ALA B 197 -2.63 -44.56 16.78
CA ALA B 197 -3.46 -45.71 17.10
C ALA B 197 -4.88 -45.52 16.58
N LEU B 198 -5.49 -44.38 16.94
CA LEU B 198 -6.83 -44.05 16.44
C LEU B 198 -6.85 -43.99 14.92
N GLN B 199 -5.79 -43.43 14.34
CA GLN B 199 -5.60 -43.36 12.90
C GLN B 199 -5.59 -44.75 12.26
N ARG B 200 -5.45 -45.81 13.04
CA ARG B 200 -5.53 -47.14 12.44
C ARG B 200 -6.91 -47.76 12.57
N LYS B 201 -7.60 -47.52 13.69
CA LYS B 201 -8.92 -48.13 13.87
C LYS B 201 -9.96 -47.50 12.94
N TYR B 202 -9.89 -46.19 12.74
CA TYR B 202 -10.82 -45.48 11.88
C TYR B 202 -10.14 -44.85 10.68
N GLY B 203 -8.92 -44.34 10.83
CA GLY B 203 -8.24 -43.80 9.69
C GLY B 203 -8.30 -42.29 9.60
N GLY B 204 -8.22 -41.77 8.39
CA GLY B 204 -8.09 -40.33 8.23
C GLY B 204 -6.64 -39.92 8.05
N ALA B 205 -6.31 -38.83 8.76
CA ALA B 205 -5.05 -38.08 8.69
C ALA B 205 -5.25 -36.71 9.36
N LEU B 206 -4.16 -36.07 9.78
CA LEU B 206 -4.25 -34.75 10.41
C LEU B 206 -3.76 -33.69 9.43
N VAL B 207 -4.55 -32.62 9.32
CA VAL B 207 -4.33 -31.57 8.34
C VAL B 207 -4.48 -30.23 9.04
N ARG B 208 -3.64 -29.27 8.68
CA ARG B 208 -3.77 -27.93 9.27
C ARG B 208 -4.60 -27.04 8.36
N ASN B 209 -5.65 -26.44 8.93
CA ASN B 209 -6.48 -25.47 8.22
C ASN B 209 -5.73 -24.14 8.13
N PRO B 210 -5.48 -23.60 6.94
CA PRO B 210 -4.71 -22.34 6.87
C PRO B 210 -5.35 -21.18 7.60
N LEU B 211 -6.64 -21.27 7.89
CA LEU B 211 -7.41 -20.23 8.57
C LEU B 211 -7.13 -20.15 10.06
N SER B 212 -6.30 -21.05 10.58
CA SER B 212 -5.94 -21.02 11.99
C SER B 212 -4.76 -20.09 12.16
N ARG B 213 -4.84 -19.21 13.16
CA ARG B 213 -3.76 -18.28 13.46
C ARG B 213 -2.53 -19.03 13.98
N ASN B 214 -1.34 -18.42 13.80
CA ASN B 214 -0.09 -19.10 14.14
C ASN B 214 -0.08 -19.52 15.61
N SER B 215 -0.64 -18.66 16.47
CA SER B 215 -0.69 -18.84 17.92
C SER B 215 -1.38 -20.13 18.38
N THR B 216 -1.27 -21.19 17.58
CA THR B 216 -1.78 -22.52 17.91
C THR B 216 -1.25 -23.56 16.95
N HIS B 217 -1.13 -24.80 17.40
CA HIS B 217 -0.72 -25.93 16.59
C HIS B 217 -1.91 -26.77 16.13
N GLU B 218 -3.12 -26.22 16.21
CA GLU B 218 -4.35 -26.90 15.85
C GLU B 218 -4.20 -27.64 14.53
N MET B 219 -4.34 -28.95 14.59
CA MET B 219 -4.58 -29.72 13.39
C MET B 219 -5.93 -30.41 13.54
N TYR B 220 -6.54 -30.73 12.41
CA TYR B 220 -7.89 -31.29 12.45
C TYR B 220 -7.83 -32.72 11.96
N TRP B 221 -8.36 -33.62 12.78
CA TRP B 221 -8.47 -35.00 12.36
C TRP B 221 -9.73 -35.08 11.50
N VAL B 222 -9.55 -35.48 10.25
CA VAL B 222 -10.54 -35.36 9.20
C VAL B 222 -10.64 -36.71 8.51
N SER B 223 -11.88 -37.19 8.32
CA SER B 223 -12.06 -38.60 7.96
C SER B 223 -11.47 -38.92 6.59
N ASN B 224 -11.91 -38.22 5.56
CA ASN B 224 -11.57 -38.65 4.20
C ASN B 224 -10.12 -38.31 3.75
N ALA B 225 -9.21 -37.94 4.65
CA ALA B 225 -7.81 -37.73 4.30
C ALA B 225 -6.96 -38.98 4.56
N SER B 226 -5.66 -38.88 4.26
CA SER B 226 -4.71 -39.98 4.54
C SER B 226 -3.27 -39.50 4.36
N GLY B 227 -2.51 -39.49 5.45
CA GLY B 227 -1.08 -39.24 5.46
C GLY B 227 -0.43 -39.67 6.77
N ASN B 228 0.85 -40.07 6.76
CA ASN B 228 1.49 -40.50 8.01
C ASN B 228 1.46 -39.36 9.01
N ILE B 229 0.91 -39.65 10.20
CA ILE B 229 0.72 -38.62 11.23
C ILE B 229 2.03 -37.88 11.50
N VAL B 230 2.93 -38.53 12.24
CA VAL B 230 4.28 -38.05 12.55
C VAL B 230 4.82 -37.00 11.59
N SER B 231 4.90 -37.33 10.29
CA SER B 231 5.57 -36.45 9.32
C SER B 231 4.80 -35.15 9.11
N SER B 232 3.49 -35.27 8.94
CA SER B 232 2.57 -34.15 8.83
C SER B 232 2.76 -33.12 9.94
N VAL B 233 2.75 -33.60 11.20
CA VAL B 233 2.91 -32.71 12.37
C VAL B 233 4.18 -31.92 12.26
N ASN B 234 5.29 -32.62 12.02
CA ASN B 234 6.60 -32.02 11.79
C ASN B 234 6.54 -30.78 10.90
N MET B 235 5.90 -30.91 9.73
CA MET B 235 5.80 -29.80 8.78
C MET B 235 5.28 -28.53 9.46
N ILE B 236 4.15 -28.65 10.15
CA ILE B 236 3.54 -27.48 10.77
C ILE B 236 4.45 -26.89 11.83
N SER B 237 5.05 -27.78 12.66
CA SER B 237 6.08 -27.36 13.61
C SER B 237 7.14 -26.52 12.91
N ARG B 238 7.73 -27.06 11.84
CA ARG B 238 8.76 -26.40 11.05
C ARG B 238 8.25 -25.06 10.53
N MET B 239 7.22 -25.13 9.68
CA MET B 239 6.52 -23.97 9.16
C MET B 239 6.31 -22.87 10.19
N LEU B 240 5.51 -23.14 11.23
CA LEU B 240 5.26 -22.13 12.26
C LEU B 240 6.54 -21.62 12.89
N ILE B 241 7.63 -22.40 12.87
CA ILE B 241 8.91 -21.91 13.36
C ILE B 241 9.59 -20.99 12.36
N ASN B 242 9.53 -21.36 11.07
CA ASN B 242 10.02 -20.47 10.03
C ASN B 242 9.23 -19.17 10.03
N ARG B 243 7.95 -19.26 10.35
CA ARG B 243 7.02 -18.14 10.32
C ARG B 243 7.37 -17.13 11.41
N PHE B 244 8.29 -17.52 12.30
CA PHE B 244 8.86 -16.61 13.28
C PHE B 244 9.74 -15.58 12.56
N THR B 245 10.65 -16.06 11.70
CA THR B 245 11.54 -15.28 10.85
C THR B 245 10.81 -14.61 9.65
N MET B 246 9.48 -14.64 9.56
CA MET B 246 8.81 -14.10 8.39
C MET B 246 9.07 -12.61 8.22
N ARG B 247 9.38 -12.22 6.99
CA ARG B 247 9.70 -10.85 6.63
C ARG B 247 8.46 -10.08 6.18
N HIS B 248 7.72 -10.62 5.23
CA HIS B 248 6.52 -9.97 4.72
C HIS B 248 5.33 -10.68 5.33
N LYS B 249 4.70 -10.03 6.30
CA LYS B 249 3.89 -10.68 7.31
C LYS B 249 2.40 -10.38 7.18
N LYS B 250 2.01 -9.54 6.21
CA LYS B 250 0.61 -9.26 5.94
C LYS B 250 -0.14 -10.58 5.75
N ALA B 251 -1.43 -10.62 6.01
CA ALA B 251 -2.22 -11.85 5.90
C ALA B 251 -3.24 -11.73 4.79
N THR B 252 -3.36 -12.79 3.99
CA THR B 252 -4.29 -12.78 2.87
C THR B 252 -5.72 -13.00 3.36
N TYR B 253 -6.67 -12.28 2.77
CA TYR B 253 -8.07 -12.33 3.18
C TYR B 253 -8.91 -13.05 2.13
N GLU B 254 -9.81 -13.90 2.61
CA GLU B 254 -10.88 -14.42 1.78
C GLU B 254 -12.20 -13.88 2.30
N PRO B 255 -13.17 -13.62 1.43
CA PRO B 255 -14.50 -13.22 1.92
C PRO B 255 -15.12 -14.32 2.77
N ASP B 256 -16.07 -13.92 3.61
CA ASP B 256 -16.67 -14.85 4.57
C ASP B 256 -17.83 -15.63 3.94
N VAL B 257 -18.33 -16.62 4.67
CA VAL B 257 -19.32 -17.52 4.11
C VAL B 257 -20.71 -16.87 4.20
N ASP B 258 -21.40 -16.78 3.05
CA ASP B 258 -22.81 -16.39 3.01
C ASP B 258 -23.62 -17.66 3.15
N LEU B 259 -24.17 -17.91 4.33
CA LEU B 259 -24.90 -19.15 4.57
C LEU B 259 -26.37 -19.03 4.19
N GLY B 260 -26.77 -17.96 3.54
CA GLY B 260 -28.07 -17.91 2.92
C GLY B 260 -29.21 -17.74 3.90
N SER B 261 -30.38 -18.16 3.43
CA SER B 261 -31.62 -17.79 4.08
C SER B 261 -32.66 -18.86 3.80
N GLY B 262 -33.60 -18.99 4.71
CA GLY B 262 -34.79 -19.76 4.45
C GLY B 262 -34.75 -21.12 5.13
N THR B 263 -35.72 -21.95 4.77
CA THR B 263 -35.93 -23.26 5.37
C THR B 263 -35.70 -24.33 4.32
N ARG B 264 -34.99 -25.38 4.71
CA ARG B 264 -34.79 -26.53 3.83
C ARG B 264 -35.95 -27.50 3.91
N ASN B 265 -36.44 -27.92 2.73
CA ASN B 265 -37.51 -28.92 2.60
C ASN B 265 -37.12 -29.82 1.44
N ILE B 266 -36.64 -31.05 1.71
CA ILE B 266 -36.08 -31.88 0.64
C ILE B 266 -37.01 -31.88 -0.60
N GLY B 267 -38.32 -31.82 -0.33
CA GLY B 267 -39.42 -31.76 -1.28
C GLY B 267 -39.48 -30.56 -2.21
N ILE B 268 -38.99 -29.38 -1.80
CA ILE B 268 -38.93 -28.24 -2.71
C ILE B 268 -37.51 -27.96 -3.24
N GLU B 269 -36.45 -28.50 -2.62
CA GLU B 269 -35.07 -28.14 -2.96
C GLU B 269 -34.61 -28.54 -4.37
N SER B 270 -34.68 -29.82 -4.71
CA SER B 270 -34.17 -30.30 -6.00
C SER B 270 -34.94 -29.72 -7.17
N GLU B 271 -34.27 -29.63 -8.32
CA GLU B 271 -34.89 -29.14 -9.54
C GLU B 271 -35.49 -30.32 -10.29
N THR B 272 -36.77 -30.22 -10.64
CA THR B 272 -37.38 -31.20 -11.53
C THR B 272 -37.24 -30.68 -12.94
N PRO B 273 -36.20 -31.11 -13.71
CA PRO B 273 -36.04 -30.56 -15.07
C PRO B 273 -37.26 -30.84 -15.94
N ASN B 274 -37.21 -30.36 -17.18
CA ASN B 274 -38.24 -30.58 -18.17
C ASN B 274 -37.52 -31.11 -19.41
N LEU B 275 -37.06 -32.37 -19.30
CA LEU B 275 -35.95 -32.85 -20.11
C LEU B 275 -36.33 -33.13 -21.56
N ASP B 276 -37.63 -33.24 -21.90
CA ASP B 276 -37.93 -33.18 -23.32
C ASP B 276 -38.25 -31.75 -23.78
N ILE B 277 -37.54 -30.79 -23.20
CA ILE B 277 -37.25 -29.48 -23.80
C ILE B 277 -35.76 -29.19 -23.74
N ILE B 278 -35.16 -29.35 -22.55
CA ILE B 278 -33.73 -29.08 -22.44
C ILE B 278 -32.86 -30.26 -22.85
N GLY B 279 -33.42 -31.48 -22.93
CA GLY B 279 -32.57 -32.64 -23.12
C GLY B 279 -32.07 -32.76 -24.56
N LYS B 280 -32.89 -32.33 -25.52
CA LYS B 280 -32.48 -32.25 -26.91
C LYS B 280 -31.19 -31.44 -27.06
N ARG B 281 -30.90 -30.56 -26.11
CA ARG B 281 -29.67 -29.80 -26.08
C ARG B 281 -28.53 -30.54 -25.39
N ILE B 282 -28.82 -31.40 -24.40
CA ILE B 282 -27.73 -32.00 -23.63
C ILE B 282 -26.99 -33.03 -24.48
N GLU B 283 -27.74 -33.95 -25.11
CA GLU B 283 -27.12 -34.91 -26.03
C GLU B 283 -26.16 -34.23 -26.98
N LYS B 284 -26.53 -33.06 -27.50
CA LYS B 284 -25.67 -32.26 -28.35
C LYS B 284 -24.28 -32.05 -27.74
N ILE B 285 -24.23 -31.56 -26.49
CA ILE B 285 -22.94 -31.26 -25.90
C ILE B 285 -22.23 -32.55 -25.52
N LYS B 286 -22.98 -33.60 -25.23
CA LYS B 286 -22.37 -34.87 -24.85
C LYS B 286 -21.86 -35.63 -26.07
N GLN B 287 -22.46 -35.43 -27.24
CA GLN B 287 -21.84 -35.98 -28.44
C GLN B 287 -20.67 -35.12 -28.88
N GLU B 288 -20.74 -33.81 -28.63
CA GLU B 288 -19.64 -32.91 -28.93
C GLU B 288 -18.41 -33.21 -28.08
N HIS B 289 -18.56 -34.01 -27.03
CA HIS B 289 -17.40 -34.48 -26.26
C HIS B 289 -17.40 -35.99 -26.24
N GLU B 290 -17.99 -36.62 -25.21
CA GLU B 290 -18.14 -38.07 -25.07
C GLU B 290 -16.83 -38.79 -24.79
N THR B 291 -15.75 -38.41 -25.51
CA THR B 291 -14.42 -38.94 -25.21
C THR B 291 -13.89 -38.28 -23.94
N SER B 292 -14.80 -37.81 -23.07
CA SER B 292 -14.48 -37.21 -21.77
C SER B 292 -15.74 -37.16 -20.89
N TRP B 293 -16.91 -37.31 -21.51
CA TRP B 293 -18.18 -37.20 -20.82
C TRP B 293 -18.42 -38.28 -19.76
N HIS B 294 -18.49 -37.88 -18.49
CA HIS B 294 -18.90 -38.77 -17.41
C HIS B 294 -20.06 -38.15 -16.64
N TYR B 295 -20.43 -38.80 -15.54
CA TYR B 295 -21.38 -38.29 -14.57
C TYR B 295 -20.68 -38.34 -13.22
N ASP B 296 -19.97 -37.25 -12.88
CA ASP B 296 -19.45 -37.13 -11.53
C ASP B 296 -20.61 -37.29 -10.55
N GLN B 297 -20.60 -38.42 -9.84
CA GLN B 297 -21.60 -38.71 -8.84
C GLN B 297 -21.43 -37.82 -7.59
N ASP B 298 -20.39 -36.98 -7.55
CA ASP B 298 -20.08 -36.11 -6.42
C ASP B 298 -20.26 -34.63 -6.75
N HIS B 299 -21.14 -34.31 -7.71
CA HIS B 299 -21.48 -32.91 -7.97
C HIS B 299 -22.03 -32.27 -6.70
N PRO B 300 -21.93 -30.91 -6.56
CA PRO B 300 -22.31 -30.24 -5.30
C PRO B 300 -23.62 -29.46 -5.29
N TYR B 301 -24.44 -29.61 -6.32
CA TYR B 301 -25.64 -28.80 -6.48
C TYR B 301 -26.83 -29.37 -5.74
N LYS B 302 -27.59 -28.49 -5.06
CA LYS B 302 -28.79 -28.84 -4.31
C LYS B 302 -30.08 -28.38 -4.98
N THR B 303 -30.06 -27.28 -5.71
CA THR B 303 -31.29 -26.75 -6.29
C THR B 303 -31.23 -26.68 -7.81
N TRP B 304 -30.12 -27.09 -8.43
CA TRP B 304 -29.95 -27.15 -9.89
C TRP B 304 -29.78 -28.60 -10.33
N ALA B 305 -30.43 -28.97 -11.43
CA ALA B 305 -30.28 -30.32 -11.96
C ALA B 305 -28.88 -30.50 -12.54
N TYR B 306 -28.14 -31.49 -12.02
CA TYR B 306 -26.88 -31.88 -12.65
C TYR B 306 -27.14 -32.86 -13.78
N HIS B 307 -26.18 -32.98 -14.70
CA HIS B 307 -26.41 -33.84 -15.86
C HIS B 307 -25.18 -34.59 -16.33
N GLY B 308 -24.00 -34.15 -15.89
CA GLY B 308 -22.74 -34.63 -16.45
C GLY B 308 -21.66 -33.57 -16.60
N SER B 309 -20.45 -34.00 -16.98
CA SER B 309 -19.33 -33.08 -17.16
C SER B 309 -18.29 -33.73 -18.07
N TYR B 310 -17.22 -32.96 -18.32
CA TYR B 310 -16.11 -33.36 -19.17
C TYR B 310 -14.91 -32.50 -18.80
N GLU B 311 -13.76 -32.77 -19.43
CA GLU B 311 -12.54 -32.04 -19.09
C GLU B 311 -12.37 -30.78 -19.95
N THR B 312 -11.79 -29.74 -19.35
CA THR B 312 -11.59 -28.45 -19.98
C THR B 312 -10.25 -27.90 -19.54
N LYS B 313 -9.73 -26.95 -20.31
CA LYS B 313 -8.56 -26.19 -19.90
C LYS B 313 -9.02 -25.03 -19.00
N GLN B 314 -8.40 -24.94 -17.81
CA GLN B 314 -8.72 -23.97 -16.76
C GLN B 314 -8.82 -22.52 -17.27
N THR B 315 -9.61 -21.71 -16.56
CA THR B 315 -10.01 -20.38 -17.03
C THR B 315 -10.74 -19.63 -15.88
N SER B 319 -7.49 -11.31 -15.21
CA SER B 319 -7.99 -10.42 -16.26
C SER B 319 -8.15 -8.94 -15.82
N SER B 320 -7.23 -8.45 -14.94
CA SER B 320 -7.23 -7.06 -14.42
C SER B 320 -5.82 -6.47 -14.54
N MET B 321 -5.47 -5.98 -15.72
CA MET B 321 -4.22 -5.24 -15.87
C MET B 321 -4.41 -3.79 -15.43
N VAL B 322 -3.32 -3.13 -15.09
CA VAL B 322 -3.44 -1.73 -14.71
C VAL B 322 -3.16 -0.86 -15.92
N ASN B 323 -3.88 0.25 -16.02
CA ASN B 323 -3.63 1.25 -17.06
C ASN B 323 -2.46 2.10 -16.61
N GLY B 324 -1.31 1.88 -17.24
CA GLY B 324 -0.10 2.60 -16.88
C GLY B 324 -0.21 4.10 -17.10
N VAL B 325 -0.94 4.51 -18.14
CA VAL B 325 -1.08 5.94 -18.41
C VAL B 325 -1.80 6.63 -17.26
N VAL B 326 -2.89 6.05 -16.78
CA VAL B 326 -3.61 6.69 -15.68
C VAL B 326 -2.79 6.62 -14.40
N ARG B 327 -2.21 5.46 -14.09
CA ARG B 327 -1.53 5.31 -12.81
C ARG B 327 -0.35 6.27 -12.70
N LEU B 328 0.45 6.40 -13.76
CA LEU B 328 1.54 7.35 -13.76
C LEU B 328 1.08 8.77 -13.44
N LEU B 329 -0.16 9.11 -13.80
CA LEU B 329 -0.66 10.45 -13.50
C LEU B 329 -1.57 10.52 -12.27
N THR B 330 -1.71 9.43 -11.52
CA THR B 330 -2.45 9.49 -10.25
C THR B 330 -1.61 8.92 -9.11
N LYS B 331 -0.44 9.55 -8.85
CA LYS B 331 0.55 8.93 -7.97
C LYS B 331 0.10 8.87 -6.52
N PRO B 332 -0.43 9.93 -5.90
CA PRO B 332 -0.87 9.83 -4.50
C PRO B 332 -1.68 8.59 -4.22
N TRP B 333 -2.37 8.06 -5.22
CA TRP B 333 -3.25 6.92 -5.02
C TRP B 333 -2.53 5.60 -5.18
N ASP B 334 -1.21 5.62 -5.44
CA ASP B 334 -0.45 4.39 -5.38
C ASP B 334 -0.36 3.83 -3.97
N ILE B 335 -0.71 4.61 -2.94
CA ILE B 335 -0.67 4.15 -1.57
C ILE B 335 -2.04 3.76 -1.06
N ILE B 336 -3.08 4.44 -1.52
CA ILE B 336 -4.41 4.17 -0.99
C ILE B 336 -4.75 2.72 -1.30
N PRO B 337 -4.89 1.86 -0.29
CA PRO B 337 -5.27 0.47 -0.60
C PRO B 337 -6.56 0.39 -1.39
N MET B 338 -7.56 1.18 -1.02
CA MET B 338 -8.86 1.07 -1.66
C MET B 338 -8.79 1.29 -3.17
N VAL B 339 -7.66 1.75 -3.69
CA VAL B 339 -7.44 1.88 -5.10
C VAL B 339 -6.58 0.69 -5.54
N THR B 340 -5.37 0.58 -4.98
CA THR B 340 -4.42 -0.46 -5.37
C THR B 340 -4.98 -1.86 -5.14
N GLN B 341 -5.89 -2.02 -4.19
CA GLN B 341 -6.65 -3.26 -4.09
C GLN B 341 -7.24 -3.59 -5.45
N MET B 342 -8.26 -2.83 -5.85
CA MET B 342 -9.07 -3.02 -7.06
C MET B 342 -8.39 -3.69 -8.26
N ALA B 343 -7.07 -3.80 -8.26
CA ALA B 343 -6.33 -4.36 -9.40
C ALA B 343 -5.77 -5.74 -9.13
N MET B 344 -6.06 -6.32 -7.99
CA MET B 344 -5.47 -7.61 -7.67
C MET B 344 -6.54 -8.69 -7.64
N PRO B 349 -8.90 -19.34 -6.51
CA PRO B 349 -9.02 -20.45 -5.55
C PRO B 349 -10.18 -21.40 -5.85
N PHE B 350 -10.93 -21.74 -4.79
CA PHE B 350 -12.29 -22.24 -4.94
C PHE B 350 -13.23 -21.03 -5.12
N GLY B 351 -12.82 -20.10 -5.96
CA GLY B 351 -13.46 -18.81 -6.04
C GLY B 351 -14.85 -18.86 -6.60
N GLN B 352 -14.98 -19.07 -7.92
CA GLN B 352 -16.30 -19.02 -8.53
C GLN B 352 -17.25 -20.02 -7.89
N GLN B 353 -16.73 -21.20 -7.53
CA GLN B 353 -17.56 -22.23 -6.92
C GLN B 353 -18.18 -21.74 -5.61
N ARG B 354 -17.40 -20.99 -4.83
CA ARG B 354 -17.86 -20.50 -3.54
C ARG B 354 -19.08 -19.59 -3.68
N VAL B 355 -19.06 -18.67 -4.62
CA VAL B 355 -20.23 -17.83 -4.78
C VAL B 355 -21.40 -18.61 -5.39
N PHE B 356 -21.12 -19.65 -6.18
CA PHE B 356 -22.23 -20.35 -6.81
C PHE B 356 -23.09 -21.04 -5.77
N LYS B 357 -22.44 -21.78 -4.88
CA LYS B 357 -23.16 -22.58 -3.91
C LYS B 357 -23.77 -21.74 -2.79
N GLU B 358 -23.36 -20.48 -2.65
CA GLU B 358 -23.88 -19.60 -1.61
C GLU B 358 -24.87 -18.57 -2.12
N LYS B 359 -24.76 -18.17 -3.38
CA LYS B 359 -25.61 -17.12 -3.92
C LYS B 359 -26.59 -17.60 -4.96
N VAL B 360 -26.22 -18.61 -5.76
CA VAL B 360 -26.96 -18.97 -6.95
C VAL B 360 -27.76 -20.25 -6.74
N ASP B 361 -27.15 -21.22 -6.06
CA ASP B 361 -27.73 -22.50 -5.68
C ASP B 361 -28.73 -22.33 -4.53
N THR B 362 -29.67 -21.40 -4.70
CA THR B 362 -30.70 -21.09 -3.74
C THR B 362 -32.04 -21.56 -4.31
N ARG B 363 -33.11 -21.30 -3.57
CA ARG B 363 -34.44 -21.49 -4.13
C ARG B 363 -35.40 -20.57 -3.41
N THR B 364 -36.30 -19.94 -4.17
CA THR B 364 -37.27 -19.00 -3.65
C THR B 364 -38.59 -19.72 -3.42
N GLN B 365 -39.02 -19.70 -2.15
CA GLN B 365 -40.34 -20.18 -1.75
C GLN B 365 -41.39 -19.62 -2.71
N GLU B 366 -42.24 -20.50 -3.21
CA GLU B 366 -43.22 -20.04 -4.22
C GLU B 366 -44.19 -19.04 -3.61
N PRO B 367 -44.53 -17.96 -4.31
CA PRO B 367 -45.48 -16.99 -3.75
C PRO B 367 -46.83 -17.65 -3.43
N LYS B 368 -47.70 -16.98 -2.64
CA LYS B 368 -49.00 -17.54 -2.23
C LYS B 368 -50.11 -17.17 -3.21
N GLU B 369 -51.20 -17.94 -3.15
CA GLU B 369 -52.21 -17.83 -4.18
C GLU B 369 -52.68 -16.40 -4.37
N GLY B 370 -52.49 -15.54 -3.36
CA GLY B 370 -52.94 -14.16 -3.45
C GLY B 370 -51.97 -13.21 -4.12
N THR B 371 -50.73 -13.17 -3.63
CA THR B 371 -49.68 -12.48 -4.36
C THR B 371 -49.72 -12.79 -5.85
N LYS B 372 -49.81 -14.08 -6.19
CA LYS B 372 -49.73 -14.47 -7.58
C LYS B 372 -50.82 -13.80 -8.42
N LYS B 373 -52.02 -13.64 -7.85
CA LYS B 373 -53.03 -12.89 -8.59
C LYS B 373 -52.72 -11.39 -8.60
N LEU B 374 -52.19 -10.85 -7.50
CA LEU B 374 -51.72 -9.47 -7.49
C LEU B 374 -50.81 -9.19 -8.68
N MET B 375 -49.71 -9.96 -8.77
CA MET B 375 -48.70 -9.72 -9.80
C MET B 375 -49.32 -9.81 -11.20
N LYS B 376 -50.04 -10.90 -11.49
CA LYS B 376 -50.68 -11.06 -12.78
C LYS B 376 -51.64 -9.90 -13.08
N ILE B 377 -52.47 -9.53 -12.10
CA ILE B 377 -53.40 -8.41 -12.30
C ILE B 377 -52.63 -7.12 -12.56
N THR B 378 -51.49 -6.95 -11.89
CA THR B 378 -50.65 -5.75 -12.08
C THR B 378 -49.81 -5.83 -13.35
N ALA B 379 -49.22 -6.99 -13.64
CA ALA B 379 -48.42 -7.11 -14.87
C ALA B 379 -49.29 -6.88 -16.10
N GLU B 380 -50.35 -7.69 -16.24
CA GLU B 380 -51.41 -7.48 -17.23
C GLU B 380 -51.61 -5.99 -17.47
N TRP B 381 -51.96 -5.27 -16.40
CA TRP B 381 -52.19 -3.84 -16.48
C TRP B 381 -50.99 -3.15 -17.07
N LEU B 382 -49.86 -3.27 -16.39
CA LEU B 382 -48.62 -2.61 -16.78
C LEU B 382 -48.23 -2.89 -18.23
N TRP B 383 -48.26 -4.15 -18.65
CA TRP B 383 -47.91 -4.48 -20.03
C TRP B 383 -48.86 -3.83 -21.03
N LYS B 384 -50.02 -3.36 -20.58
CA LYS B 384 -50.91 -2.62 -21.46
C LYS B 384 -50.63 -1.12 -21.43
N GLU B 385 -50.36 -0.55 -20.26
CA GLU B 385 -49.96 0.84 -20.11
C GLU B 385 -48.69 1.09 -20.89
N LEU B 386 -47.56 0.57 -20.40
CA LEU B 386 -46.39 0.38 -21.23
C LEU B 386 -46.86 -0.12 -22.58
N GLY B 387 -46.58 0.63 -23.63
CA GLY B 387 -46.95 0.16 -24.95
C GLY B 387 -48.40 0.41 -25.33
N LYS B 388 -49.21 1.02 -24.46
CA LYS B 388 -50.43 1.65 -24.92
C LYS B 388 -50.17 2.58 -26.09
N LYS B 389 -48.96 3.14 -26.18
CA LYS B 389 -48.57 3.97 -27.32
C LYS B 389 -47.28 3.46 -27.97
N LYS B 390 -47.09 2.13 -28.00
CA LYS B 390 -45.96 1.52 -28.68
C LYS B 390 -46.39 0.18 -29.21
N THR B 391 -45.57 -0.39 -30.10
CA THR B 391 -45.90 -1.66 -30.71
C THR B 391 -44.65 -2.52 -30.76
N PRO B 392 -44.71 -3.77 -30.30
CA PRO B 392 -43.56 -4.66 -30.41
C PRO B 392 -43.22 -4.94 -31.86
N ARG B 393 -42.01 -5.42 -32.06
CA ARG B 393 -41.49 -5.52 -33.41
C ARG B 393 -40.38 -6.56 -33.46
N MET B 394 -40.32 -7.30 -34.57
CA MET B 394 -39.16 -8.15 -34.84
C MET B 394 -37.90 -7.29 -34.89
N CYS B 395 -36.74 -7.93 -34.93
CA CYS B 395 -35.55 -7.12 -35.08
C CYS B 395 -34.75 -7.64 -36.26
N THR B 396 -34.45 -6.72 -37.19
CA THR B 396 -33.63 -6.97 -38.36
C THR B 396 -32.31 -7.60 -37.96
N ARG B 397 -31.66 -8.22 -38.93
CA ARG B 397 -30.26 -8.57 -38.80
C ARG B 397 -29.37 -7.39 -39.16
N GLU B 398 -29.94 -6.34 -39.76
CA GLU B 398 -29.15 -5.15 -40.06
C GLU B 398 -28.72 -4.48 -38.77
N GLU B 399 -29.68 -4.15 -37.91
CA GLU B 399 -29.31 -3.58 -36.61
C GLU B 399 -28.39 -4.49 -35.82
N PHE B 400 -28.54 -5.83 -35.94
CA PHE B 400 -27.62 -6.69 -35.22
C PHE B 400 -26.19 -6.54 -35.76
N THR B 401 -26.03 -6.64 -37.07
CA THR B 401 -24.74 -6.35 -37.67
C THR B 401 -24.29 -4.93 -37.31
N ARG B 402 -25.17 -3.96 -37.55
CA ARG B 402 -24.86 -2.56 -37.25
C ARG B 402 -24.44 -2.40 -35.80
N LYS B 403 -25.21 -2.99 -34.87
CA LYS B 403 -24.86 -2.93 -33.46
C LYS B 403 -23.46 -3.49 -33.21
N VAL B 404 -23.23 -4.73 -33.63
CA VAL B 404 -21.95 -5.41 -33.42
C VAL B 404 -20.79 -4.54 -33.88
N ARG B 405 -20.94 -3.94 -35.07
CA ARG B 405 -19.90 -3.10 -35.67
C ARG B 405 -19.83 -1.72 -34.98
N SER B 406 -19.83 -1.75 -33.63
CA SER B 406 -19.74 -0.62 -32.72
C SER B 406 -20.24 -1.06 -31.34
N ASN B 407 -19.37 -1.69 -30.54
CA ASN B 407 -19.72 -2.36 -29.26
C ASN B 407 -20.95 -1.82 -28.52
N TRP B 420 -15.27 -19.06 -36.45
CA TRP B 420 -14.96 -17.63 -36.30
C TRP B 420 -14.27 -17.34 -34.96
N LYS B 421 -13.72 -16.12 -34.78
CA LYS B 421 -13.13 -15.75 -33.51
C LYS B 421 -13.45 -14.31 -33.11
N SER B 422 -14.27 -13.58 -33.87
CA SER B 422 -14.72 -12.25 -33.48
C SER B 422 -16.18 -12.10 -33.86
N ALA B 423 -16.92 -11.30 -33.08
CA ALA B 423 -18.29 -10.99 -33.49
C ALA B 423 -18.28 -10.16 -34.76
N ARG B 424 -17.37 -9.17 -34.82
CA ARG B 424 -17.18 -8.40 -36.04
C ARG B 424 -16.86 -9.32 -37.20
N GLU B 425 -16.11 -10.40 -36.94
CA GLU B 425 -15.95 -11.46 -37.94
C GLU B 425 -17.29 -12.09 -38.33
N ALA B 426 -17.77 -13.05 -37.54
CA ALA B 426 -18.90 -13.91 -37.89
C ALA B 426 -20.08 -13.19 -38.56
N VAL B 427 -20.52 -12.09 -37.95
CA VAL B 427 -21.61 -11.25 -38.46
C VAL B 427 -21.52 -10.98 -39.96
N GLU B 428 -20.31 -11.09 -40.52
CA GLU B 428 -20.06 -10.99 -41.97
C GLU B 428 -19.50 -12.33 -42.46
N ASP B 429 -20.39 -13.32 -42.58
CA ASP B 429 -20.05 -14.68 -43.01
C ASP B 429 -21.36 -15.46 -43.11
N SER B 430 -21.77 -15.85 -44.32
CA SER B 430 -23.01 -16.63 -44.45
C SER B 430 -22.98 -17.87 -43.59
N GLY B 431 -21.78 -18.33 -43.20
CA GLY B 431 -21.59 -19.36 -42.19
C GLY B 431 -22.45 -19.12 -40.97
N PHE B 432 -22.10 -18.13 -40.14
CA PHE B 432 -22.88 -17.75 -38.97
C PHE B 432 -24.38 -17.76 -39.29
N TRP B 433 -24.82 -16.83 -40.14
CA TRP B 433 -26.24 -16.66 -40.46
C TRP B 433 -26.91 -17.95 -40.89
N GLU B 434 -26.12 -18.90 -41.38
CA GLU B 434 -26.65 -20.22 -41.71
C GLU B 434 -26.73 -21.16 -40.50
N LEU B 435 -25.95 -20.91 -39.45
CA LEU B 435 -26.18 -21.66 -38.22
C LEU B 435 -27.35 -21.09 -37.42
N VAL B 436 -27.57 -19.78 -37.48
CA VAL B 436 -28.74 -19.15 -36.90
C VAL B 436 -30.00 -19.81 -37.48
N ASP B 437 -30.23 -19.57 -38.78
CA ASP B 437 -31.40 -20.05 -39.52
C ASP B 437 -31.76 -21.50 -39.22
N LYS B 438 -30.74 -22.34 -38.96
CA LYS B 438 -30.97 -23.67 -38.42
C LYS B 438 -31.75 -23.57 -37.11
N GLU B 439 -31.05 -23.25 -36.00
CA GLU B 439 -31.64 -23.21 -34.67
C GLU B 439 -32.88 -22.34 -34.63
N ARG B 440 -32.87 -21.24 -35.39
CA ARG B 440 -34.09 -20.47 -35.62
C ARG B 440 -35.25 -21.38 -36.03
N ASN B 441 -35.16 -21.92 -37.24
CA ASN B 441 -36.13 -22.87 -37.79
C ASN B 441 -36.52 -24.01 -36.82
N LEU B 442 -35.79 -24.19 -35.69
CA LEU B 442 -36.13 -25.15 -34.63
C LEU B 442 -36.97 -24.53 -33.53
N HIS B 443 -36.58 -23.33 -33.09
CA HIS B 443 -37.40 -22.57 -32.15
C HIS B 443 -38.84 -22.47 -32.69
N LEU B 444 -38.98 -22.13 -33.96
CA LEU B 444 -40.27 -22.18 -34.63
C LEU B 444 -41.05 -23.46 -34.35
N GLU B 445 -40.34 -24.58 -34.35
CA GLU B 445 -40.99 -25.85 -34.11
C GLU B 445 -41.28 -26.06 -32.62
N GLY B 446 -40.28 -25.81 -31.77
CA GLY B 446 -40.46 -25.93 -30.34
C GLY B 446 -39.34 -26.68 -29.65
N LYS B 447 -38.10 -26.48 -30.11
CA LYS B 447 -36.95 -27.05 -29.42
C LYS B 447 -35.75 -26.14 -29.63
N CYS B 448 -34.74 -26.36 -28.79
CA CYS B 448 -33.41 -25.78 -28.97
C CYS B 448 -32.38 -26.88 -29.05
N GLU B 449 -31.26 -26.53 -29.68
CA GLU B 449 -30.07 -27.34 -29.76
C GLU B 449 -28.90 -26.51 -29.29
N THR B 450 -28.96 -25.22 -29.62
CA THR B 450 -27.83 -24.32 -29.52
C THR B 450 -28.24 -23.08 -28.75
N CYS B 451 -28.65 -23.24 -27.50
CA CYS B 451 -29.13 -22.13 -26.68
C CYS B 451 -28.82 -22.41 -25.21
N VAL B 452 -27.54 -22.64 -24.92
CA VAL B 452 -27.09 -22.85 -23.55
C VAL B 452 -26.29 -21.62 -23.12
N TYR B 453 -26.26 -21.39 -21.81
CA TYR B 453 -25.50 -20.31 -21.21
C TYR B 453 -24.18 -20.86 -20.66
N ASN B 454 -23.12 -20.07 -20.79
CA ASN B 454 -21.80 -20.43 -20.26
C ASN B 454 -21.46 -19.46 -19.12
N MET B 455 -21.37 -19.98 -17.90
CA MET B 455 -21.24 -19.15 -16.71
C MET B 455 -19.78 -19.00 -16.28
N MET B 456 -19.46 -17.82 -15.74
CA MET B 456 -18.13 -17.52 -15.22
C MET B 456 -18.17 -16.30 -14.28
N ARG B 473 -19.37 -10.98 -8.58
CA ARG B 473 -20.64 -11.21 -9.31
C ARG B 473 -20.55 -12.45 -10.24
N ALA B 474 -21.55 -12.61 -11.12
CA ALA B 474 -21.70 -13.78 -11.98
C ALA B 474 -22.25 -13.37 -13.34
N ILE B 475 -21.66 -13.88 -14.41
CA ILE B 475 -22.05 -13.50 -15.76
C ILE B 475 -22.30 -14.75 -16.59
N TRP B 476 -23.38 -14.73 -17.38
CA TRP B 476 -23.81 -15.85 -18.24
C TRP B 476 -23.62 -15.44 -19.70
N TYR B 477 -22.48 -15.78 -20.30
CA TYR B 477 -22.29 -15.51 -21.72
C TYR B 477 -23.28 -16.35 -22.54
N MET B 478 -23.48 -15.97 -23.80
CA MET B 478 -24.33 -16.78 -24.65
C MET B 478 -23.80 -16.74 -26.08
N TRP B 479 -23.82 -17.91 -26.73
CA TRP B 479 -23.33 -18.06 -28.09
C TRP B 479 -24.04 -17.07 -29.01
N LEU B 480 -23.25 -16.20 -29.63
CA LEU B 480 -23.71 -15.02 -30.37
C LEU B 480 -24.95 -15.25 -31.24
N GLY B 481 -25.06 -16.43 -31.82
CA GLY B 481 -26.26 -16.79 -32.55
C GLY B 481 -27.48 -16.58 -31.67
N ALA B 482 -27.47 -17.20 -30.49
CA ALA B 482 -28.62 -17.12 -29.58
C ALA B 482 -28.85 -15.71 -29.10
N ARG B 483 -27.76 -14.98 -28.79
CA ARG B 483 -27.85 -13.57 -28.43
C ARG B 483 -28.59 -12.77 -29.50
N PHE B 484 -28.77 -13.34 -30.70
CA PHE B 484 -29.49 -12.65 -31.78
C PHE B 484 -30.98 -12.99 -31.80
N LEU B 485 -31.34 -14.27 -31.92
CA LEU B 485 -32.75 -14.62 -31.95
C LEU B 485 -33.46 -14.12 -30.71
N GLU B 486 -32.75 -14.15 -29.57
CA GLU B 486 -33.13 -13.37 -28.40
C GLU B 486 -33.44 -11.93 -28.77
N PHE B 487 -32.40 -11.24 -29.23
CA PHE B 487 -32.52 -9.83 -29.61
C PHE B 487 -33.55 -9.61 -30.70
N GLU B 488 -33.81 -10.62 -31.52
CA GLU B 488 -34.82 -10.43 -32.54
C GLU B 488 -36.22 -10.48 -31.96
N ALA B 489 -36.45 -11.38 -30.99
CA ALA B 489 -37.75 -11.48 -30.36
C ALA B 489 -38.03 -10.28 -29.46
N LEU B 490 -37.17 -10.02 -28.48
CA LEU B 490 -37.42 -9.03 -27.47
C LEU B 490 -36.47 -7.85 -27.53
N GLY B 491 -35.67 -7.74 -28.59
CA GLY B 491 -34.83 -6.58 -28.72
C GLY B 491 -35.64 -5.30 -28.82
N PHE B 492 -36.90 -5.39 -29.24
CA PHE B 492 -37.69 -4.18 -29.35
C PHE B 492 -37.78 -3.44 -28.04
N LEU B 493 -37.60 -4.14 -26.91
CA LEU B 493 -37.80 -3.50 -25.61
C LEU B 493 -36.82 -2.36 -25.40
N ASN B 494 -35.53 -2.63 -25.55
CA ASN B 494 -34.59 -1.58 -25.21
C ASN B 494 -34.07 -0.85 -26.44
N GLU B 495 -34.56 -1.21 -27.63
CA GLU B 495 -34.38 -0.43 -28.85
C GLU B 495 -35.46 0.62 -29.03
N ASP B 496 -36.74 0.22 -28.89
CA ASP B 496 -37.78 1.23 -28.92
C ASP B 496 -37.91 1.98 -27.65
N HIS B 497 -36.98 1.82 -26.71
CA HIS B 497 -36.97 2.61 -25.48
C HIS B 497 -38.29 2.49 -24.73
N TRP B 498 -38.71 1.24 -24.51
CA TRP B 498 -39.95 0.98 -23.78
C TRP B 498 -39.87 1.42 -22.31
N PHE B 499 -38.67 1.50 -21.74
CA PHE B 499 -38.53 1.88 -20.33
C PHE B 499 -37.91 3.27 -20.17
N SER B 500 -37.99 4.09 -21.22
CA SER B 500 -37.84 5.53 -21.08
C SER B 500 -38.75 6.05 -19.98
N ARG B 501 -38.30 7.11 -19.31
CA ARG B 501 -39.21 7.78 -18.38
C ARG B 501 -40.40 8.39 -19.13
N GLU B 502 -40.19 8.76 -20.40
CA GLU B 502 -41.29 9.30 -21.20
C GLU B 502 -42.45 8.32 -21.27
N ASN B 503 -42.15 7.04 -21.50
CA ASN B 503 -43.17 6.02 -21.65
C ASN B 503 -43.38 5.19 -20.38
N SER B 504 -42.34 4.80 -19.67
CA SER B 504 -42.61 3.93 -18.52
C SER B 504 -42.94 4.70 -17.25
N LEU B 505 -42.82 6.03 -17.25
CA LEU B 505 -43.04 6.87 -16.07
C LEU B 505 -42.14 6.57 -14.88
N SER B 506 -41.78 5.30 -14.67
CA SER B 506 -40.86 4.91 -13.61
C SER B 506 -39.42 4.74 -14.09
N GLY B 507 -39.24 4.20 -15.30
CA GLY B 507 -37.91 3.84 -15.76
C GLY B 507 -37.04 5.05 -16.02
N VAL B 508 -35.73 4.82 -16.11
CA VAL B 508 -34.85 5.94 -16.42
C VAL B 508 -33.87 5.54 -17.50
N GLU B 509 -34.35 4.73 -18.43
CA GLU B 509 -33.49 4.25 -19.50
C GLU B 509 -33.16 5.38 -20.46
N GLY B 510 -31.93 5.39 -20.96
CA GLY B 510 -31.51 6.44 -21.84
C GLY B 510 -31.21 7.76 -21.16
N GLU B 511 -31.35 7.84 -19.85
CA GLU B 511 -31.05 9.06 -19.11
C GLU B 511 -29.64 8.95 -18.55
N GLY B 512 -28.79 9.91 -18.89
CA GLY B 512 -27.43 9.90 -18.38
C GLY B 512 -27.38 10.20 -16.89
N LEU B 513 -26.17 10.02 -16.34
CA LEU B 513 -25.93 10.41 -14.95
C LEU B 513 -26.35 11.84 -14.69
N HIS B 514 -26.17 12.73 -15.68
CA HIS B 514 -26.48 14.14 -15.51
C HIS B 514 -27.97 14.41 -15.36
N LYS B 515 -28.82 13.41 -15.56
CA LYS B 515 -30.26 13.58 -15.44
C LYS B 515 -30.84 12.91 -14.21
N LEU B 516 -30.38 11.71 -13.89
CA LEU B 516 -30.83 10.97 -12.73
C LEU B 516 -30.96 11.83 -11.47
N GLY B 517 -29.87 12.48 -11.07
CA GLY B 517 -29.94 13.36 -9.92
C GLY B 517 -31.09 14.36 -10.01
N TYR B 518 -31.29 14.97 -11.18
CA TYR B 518 -32.43 15.86 -11.36
C TYR B 518 -33.75 15.11 -11.18
N ILE B 519 -33.76 13.81 -11.44
CA ILE B 519 -35.00 13.05 -11.47
C ILE B 519 -35.44 12.64 -10.07
N LEU B 520 -34.50 12.17 -9.24
CA LEU B 520 -34.79 12.01 -7.82
C LEU B 520 -35.29 13.31 -7.23
N ARG B 521 -34.64 14.41 -7.62
CA ARG B 521 -35.05 15.74 -7.19
C ARG B 521 -36.51 16.02 -7.55
N ASP B 522 -36.96 15.54 -8.72
CA ASP B 522 -38.35 15.74 -9.11
C ASP B 522 -39.29 14.81 -8.36
N VAL B 523 -38.83 13.61 -8.01
CA VAL B 523 -39.68 12.71 -7.24
C VAL B 523 -39.84 13.25 -5.83
N SER B 524 -38.83 13.94 -5.31
CA SER B 524 -38.97 14.53 -3.98
C SER B 524 -39.95 15.69 -3.98
N LYS B 525 -40.06 16.43 -5.10
CA LYS B 525 -41.04 17.51 -5.16
C LYS B 525 -42.47 16.97 -5.05
N LYS B 526 -42.66 15.68 -5.31
CA LYS B 526 -43.94 15.03 -5.10
C LYS B 526 -44.35 15.12 -3.63
N GLU B 527 -45.60 14.78 -3.36
CA GLU B 527 -46.20 14.91 -2.03
C GLU B 527 -46.37 13.53 -1.40
N GLY B 528 -45.67 13.31 -0.28
CA GLY B 528 -45.74 11.98 0.33
C GLY B 528 -44.92 11.78 1.59
N GLY B 529 -44.37 10.57 1.75
CA GLY B 529 -43.61 10.22 2.94
C GLY B 529 -42.11 10.41 2.79
N ALA B 530 -41.34 9.40 3.17
CA ALA B 530 -39.91 9.47 2.92
C ALA B 530 -39.60 8.81 1.59
N MET B 531 -38.40 9.07 1.09
CA MET B 531 -37.93 8.36 -0.09
C MET B 531 -37.25 7.08 0.36
N TYR B 532 -37.64 5.96 -0.23
CA TYR B 532 -37.11 4.66 0.15
C TYR B 532 -36.31 4.08 -1.01
N ALA B 533 -35.11 3.55 -0.71
CA ALA B 533 -34.20 3.03 -1.72
C ALA B 533 -33.71 1.63 -1.31
N ASP B 534 -34.62 0.67 -1.28
CA ASP B 534 -34.28 -0.63 -0.70
C ASP B 534 -33.63 -1.56 -1.74
N ASP B 535 -32.47 -2.11 -1.38
CA ASP B 535 -31.72 -3.01 -2.24
C ASP B 535 -32.19 -4.44 -2.06
N THR B 536 -32.50 -5.12 -3.16
CA THR B 536 -32.79 -6.55 -3.12
C THR B 536 -31.51 -7.38 -3.06
N ALA B 537 -31.46 -8.35 -2.12
CA ALA B 537 -30.32 -9.24 -1.98
C ALA B 537 -30.36 -10.32 -3.05
N GLY B 538 -29.39 -10.29 -3.96
CA GLY B 538 -29.27 -11.33 -4.98
C GLY B 538 -30.41 -11.33 -5.96
N TRP B 539 -30.85 -10.14 -6.39
CA TRP B 539 -32.11 -10.00 -7.11
C TRP B 539 -32.24 -11.01 -8.24
N ASP B 540 -31.19 -11.16 -9.04
CA ASP B 540 -31.33 -11.98 -10.24
C ASP B 540 -31.77 -13.38 -9.88
N THR B 541 -31.37 -13.85 -8.69
CA THR B 541 -31.72 -15.18 -8.21
C THR B 541 -33.11 -15.23 -7.61
N ARG B 542 -33.70 -14.09 -7.25
CA ARG B 542 -35.01 -14.06 -6.61
C ARG B 542 -36.15 -13.99 -7.63
N ILE B 543 -35.84 -14.11 -8.91
CA ILE B 543 -36.89 -14.17 -9.92
C ILE B 543 -37.55 -15.55 -9.88
N THR B 544 -38.85 -15.56 -9.60
CA THR B 544 -39.64 -16.76 -9.55
C THR B 544 -40.17 -17.09 -10.94
N LEU B 545 -40.50 -18.36 -11.16
CA LEU B 545 -41.13 -18.74 -12.42
C LEU B 545 -42.42 -17.96 -12.63
N GLU B 546 -43.08 -17.56 -11.55
CA GLU B 546 -44.22 -16.66 -11.71
C GLU B 546 -43.80 -15.39 -12.44
N ASP B 547 -42.70 -14.77 -12.00
CA ASP B 547 -42.23 -13.53 -12.61
C ASP B 547 -41.97 -13.73 -14.10
N LEU B 548 -41.31 -14.83 -14.45
CA LEU B 548 -41.06 -15.13 -15.85
C LEU B 548 -42.36 -15.21 -16.62
N LYS B 549 -43.31 -16.03 -16.12
CA LYS B 549 -44.59 -16.18 -16.80
C LYS B 549 -45.35 -14.87 -16.88
N ASN B 550 -45.05 -13.94 -15.96
CA ASN B 550 -45.69 -12.61 -15.97
C ASN B 550 -44.99 -11.67 -16.95
N GLU B 551 -43.66 -11.77 -17.07
CA GLU B 551 -42.94 -10.97 -18.04
C GLU B 551 -43.18 -11.46 -19.46
N GLU B 552 -43.29 -12.79 -19.65
CA GLU B 552 -43.67 -13.37 -20.92
C GLU B 552 -44.99 -12.81 -21.44
N MET B 553 -45.85 -12.30 -20.55
CA MET B 553 -47.16 -11.79 -20.95
C MET B 553 -47.08 -10.63 -21.95
N VAL B 554 -45.88 -10.28 -22.46
CA VAL B 554 -45.80 -9.31 -23.57
C VAL B 554 -46.11 -9.99 -24.89
N THR B 555 -46.10 -11.32 -24.92
CA THR B 555 -46.51 -12.03 -26.12
C THR B 555 -47.98 -11.79 -26.45
N ASN B 556 -48.82 -11.59 -25.43
CA ASN B 556 -50.22 -11.28 -25.68
C ASN B 556 -50.40 -9.99 -26.48
N HIS B 557 -49.29 -9.29 -26.76
CA HIS B 557 -49.33 -8.05 -27.51
C HIS B 557 -48.61 -8.13 -28.87
N MET B 558 -48.23 -9.32 -29.31
CA MET B 558 -47.57 -9.52 -30.59
C MET B 558 -48.34 -10.55 -31.42
N GLU B 559 -48.00 -10.63 -32.71
CA GLU B 559 -48.73 -11.45 -33.66
C GLU B 559 -47.79 -12.38 -34.40
N GLY B 560 -48.38 -13.34 -35.11
CA GLY B 560 -47.70 -14.17 -36.08
C GLY B 560 -46.34 -14.71 -35.74
N GLU B 561 -45.41 -14.64 -36.70
CA GLU B 561 -44.09 -15.24 -36.55
C GLU B 561 -43.38 -14.70 -35.33
N HIS B 562 -43.49 -13.39 -35.11
CA HIS B 562 -42.90 -12.74 -33.94
C HIS B 562 -43.21 -13.50 -32.67
N LYS B 563 -44.51 -13.65 -32.37
CA LYS B 563 -44.99 -14.43 -31.24
C LYS B 563 -44.30 -15.78 -31.14
N LYS B 564 -44.54 -16.66 -32.12
CA LYS B 564 -44.00 -18.01 -32.09
C LYS B 564 -42.52 -18.02 -31.72
N LEU B 565 -41.80 -17.02 -32.22
CA LEU B 565 -40.38 -16.90 -31.91
C LEU B 565 -40.16 -16.41 -30.49
N ALA B 566 -40.88 -15.36 -30.08
CA ALA B 566 -40.73 -14.82 -28.74
C ALA B 566 -41.00 -15.88 -27.69
N GLU B 567 -42.16 -16.54 -27.79
CA GLU B 567 -42.47 -17.62 -26.86
C GLU B 567 -41.32 -18.62 -26.79
N ALA B 568 -40.77 -18.97 -27.96
CA ALA B 568 -39.62 -19.87 -28.00
C ALA B 568 -38.48 -19.38 -27.11
N ILE B 569 -38.26 -18.07 -27.07
CA ILE B 569 -37.25 -17.51 -26.17
C ILE B 569 -37.66 -17.74 -24.73
N PHE B 570 -38.82 -17.22 -24.35
CA PHE B 570 -39.32 -17.37 -22.99
C PHE B 570 -39.37 -18.85 -22.59
N LYS B 571 -40.23 -19.62 -23.25
CA LYS B 571 -40.53 -20.97 -22.78
C LYS B 571 -39.28 -21.83 -22.75
N LEU B 572 -38.45 -21.76 -23.81
CA LEU B 572 -37.38 -22.73 -24.00
C LEU B 572 -36.02 -22.26 -23.52
N THR B 573 -35.76 -20.95 -23.57
CA THR B 573 -34.45 -20.45 -23.16
C THR B 573 -34.48 -19.61 -21.89
N TYR B 574 -35.63 -19.22 -21.38
CA TYR B 574 -35.68 -18.40 -20.18
C TYR B 574 -36.26 -19.12 -18.98
N GLN B 575 -37.31 -19.93 -19.18
CA GLN B 575 -37.87 -20.72 -18.10
C GLN B 575 -37.41 -22.17 -18.19
N ASN B 576 -36.45 -22.45 -19.06
CA ASN B 576 -35.97 -23.81 -19.28
C ASN B 576 -34.52 -23.77 -19.75
N LYS B 577 -33.64 -23.18 -18.95
CA LYS B 577 -32.29 -22.88 -19.37
C LYS B 577 -31.30 -23.95 -18.94
N VAL B 578 -30.35 -24.24 -19.81
CA VAL B 578 -29.23 -25.14 -19.53
C VAL B 578 -27.95 -24.31 -19.60
N VAL B 579 -27.02 -24.63 -18.71
CA VAL B 579 -25.89 -23.77 -18.38
C VAL B 579 -24.69 -24.68 -18.17
N ARG B 580 -23.51 -24.24 -18.57
CA ARG B 580 -22.28 -24.94 -18.22
C ARG B 580 -21.45 -24.05 -17.31
N VAL B 581 -21.01 -24.63 -16.20
CA VAL B 581 -20.18 -23.96 -15.21
C VAL B 581 -18.99 -24.86 -14.95
N GLN B 582 -17.84 -24.26 -14.67
CA GLN B 582 -16.63 -25.02 -14.46
C GLN B 582 -16.32 -25.13 -12.96
N ARG B 583 -16.09 -26.35 -12.51
CA ARG B 583 -15.72 -26.68 -11.14
C ARG B 583 -14.41 -27.45 -11.14
N PRO B 584 -13.50 -27.19 -10.17
CA PRO B 584 -12.29 -28.00 -10.07
C PRO B 584 -12.52 -29.32 -9.33
N THR B 585 -12.32 -30.44 -10.03
CA THR B 585 -12.26 -31.77 -9.43
C THR B 585 -10.85 -32.02 -8.91
N PRO B 586 -10.67 -33.06 -8.10
CA PRO B 586 -9.30 -33.59 -7.91
C PRO B 586 -8.63 -34.01 -9.21
N ARG B 587 -9.40 -34.56 -10.15
CA ARG B 587 -8.90 -34.94 -11.45
C ARG B 587 -8.66 -33.73 -12.38
N GLY B 588 -8.89 -32.51 -11.89
CA GLY B 588 -8.62 -31.30 -12.64
C GLY B 588 -9.88 -30.47 -12.81
N THR B 589 -9.82 -29.55 -13.77
CA THR B 589 -10.93 -28.65 -14.06
C THR B 589 -11.95 -29.34 -14.95
N VAL B 590 -13.14 -29.56 -14.42
CA VAL B 590 -14.24 -30.12 -15.21
C VAL B 590 -15.23 -29.01 -15.51
N MET B 591 -16.06 -29.24 -16.52
CA MET B 591 -17.11 -28.31 -16.94
C MET B 591 -18.43 -29.05 -16.72
N ASP B 592 -19.07 -28.84 -15.57
CA ASP B 592 -20.39 -29.41 -15.38
C ASP B 592 -21.40 -28.66 -16.22
N ILE B 593 -22.53 -29.29 -16.47
CA ILE B 593 -23.63 -28.63 -17.14
C ILE B 593 -24.88 -28.94 -16.35
N ILE B 594 -25.69 -27.89 -16.10
CA ILE B 594 -26.71 -27.93 -15.07
C ILE B 594 -27.94 -27.21 -15.57
N SER B 595 -29.07 -27.52 -14.93
CA SER B 595 -30.36 -27.01 -15.34
C SER B 595 -30.98 -26.21 -14.22
N ARG B 596 -31.78 -25.22 -14.60
CA ARG B 596 -32.67 -24.54 -13.68
C ARG B 596 -33.71 -23.80 -14.50
N ARG B 597 -34.97 -23.95 -14.14
CA ARG B 597 -36.07 -23.26 -14.81
C ARG B 597 -36.43 -21.93 -14.15
N ASP B 598 -36.35 -21.88 -12.80
CA ASP B 598 -36.41 -20.66 -12.02
C ASP B 598 -35.32 -19.68 -12.43
N GLN B 599 -35.17 -18.59 -11.66
CA GLN B 599 -34.00 -17.72 -11.70
C GLN B 599 -33.95 -16.90 -12.98
N ARG B 600 -33.22 -15.80 -12.93
CA ARG B 600 -32.97 -14.99 -14.08
C ARG B 600 -31.50 -15.12 -14.46
N GLY B 601 -31.25 -14.97 -15.74
CA GLY B 601 -29.93 -14.83 -16.27
C GLY B 601 -30.28 -14.78 -17.74
N SER B 602 -29.75 -13.82 -18.50
CA SER B 602 -30.14 -13.67 -19.89
C SER B 602 -29.44 -12.48 -20.54
N GLY B 603 -30.01 -11.97 -21.62
CA GLY B 603 -29.29 -11.01 -22.43
C GLY B 603 -29.11 -9.70 -21.73
N GLN B 604 -27.92 -9.48 -21.12
CA GLN B 604 -27.54 -8.25 -20.42
C GLN B 604 -28.46 -7.06 -20.63
N VAL B 605 -28.92 -6.82 -21.85
CA VAL B 605 -29.76 -5.66 -22.16
C VAL B 605 -31.25 -5.97 -21.97
N VAL B 606 -31.71 -7.14 -22.41
CA VAL B 606 -33.11 -7.51 -22.17
C VAL B 606 -33.37 -7.94 -20.74
N THR B 607 -32.36 -8.43 -20.01
CA THR B 607 -32.54 -8.61 -18.57
C THR B 607 -32.64 -7.29 -17.81
N TYR B 608 -32.11 -6.20 -18.36
CA TYR B 608 -32.31 -4.89 -17.73
C TYR B 608 -33.76 -4.45 -17.78
N GLY B 609 -34.44 -4.71 -18.90
CA GLY B 609 -35.79 -4.23 -19.07
C GLY B 609 -36.81 -5.09 -18.35
N LEU B 610 -36.63 -6.41 -18.45
CA LEU B 610 -37.44 -7.32 -17.66
C LEU B 610 -37.23 -7.08 -16.17
N ASN B 611 -35.98 -6.87 -15.74
CA ASN B 611 -35.73 -6.54 -14.34
C ASN B 611 -36.44 -5.25 -13.93
N THR B 612 -36.47 -4.25 -14.81
CA THR B 612 -37.20 -3.04 -14.46
C THR B 612 -38.70 -3.27 -14.45
N PHE B 613 -39.22 -4.03 -15.42
CA PHE B 613 -40.66 -4.31 -15.45
C PHE B 613 -41.08 -5.02 -14.16
N THR B 614 -40.42 -6.12 -13.81
CA THR B 614 -40.80 -6.85 -12.60
C THR B 614 -40.59 -6.00 -11.35
N ASN B 615 -39.49 -5.23 -11.29
CA ASN B 615 -39.32 -4.33 -10.16
C ASN B 615 -40.39 -3.25 -10.14
N MET B 616 -40.88 -2.82 -11.30
CA MET B 616 -41.95 -1.84 -11.29
C MET B 616 -43.22 -2.47 -10.73
N GLU B 617 -43.60 -3.64 -11.24
CA GLU B 617 -44.75 -4.35 -10.70
C GLU B 617 -44.55 -4.66 -9.22
N ALA B 618 -43.34 -5.09 -8.81
CA ALA B 618 -43.06 -5.29 -7.39
C ALA B 618 -43.36 -4.03 -6.58
N GLN B 619 -42.73 -2.91 -6.94
CA GLN B 619 -42.82 -1.70 -6.10
C GLN B 619 -44.21 -1.07 -6.10
N LEU B 620 -45.03 -1.34 -7.12
CA LEU B 620 -46.42 -0.92 -7.06
C LEU B 620 -47.17 -1.70 -6.00
N ILE B 621 -47.03 -3.03 -6.01
CA ILE B 621 -47.70 -3.87 -5.04
C ILE B 621 -47.35 -3.42 -3.63
N ARG B 622 -46.09 -3.07 -3.40
CA ARG B 622 -45.70 -2.61 -2.07
C ARG B 622 -46.40 -1.29 -1.72
N GLN B 623 -46.54 -0.39 -2.68
CA GLN B 623 -47.32 0.82 -2.42
C GLN B 623 -48.76 0.46 -2.09
N MET B 624 -49.39 -0.38 -2.94
CA MET B 624 -50.73 -0.91 -2.66
C MET B 624 -50.85 -1.39 -1.22
N GLU B 625 -49.88 -2.20 -0.79
CA GLU B 625 -49.93 -2.73 0.56
C GLU B 625 -49.92 -1.61 1.59
N GLY B 626 -49.08 -0.60 1.37
CA GLY B 626 -48.99 0.48 2.34
C GLY B 626 -50.29 1.26 2.44
N GLU B 627 -50.92 1.55 1.29
CA GLU B 627 -52.21 2.22 1.21
C GLU B 627 -53.38 1.30 1.53
N GLY B 628 -53.10 0.04 1.90
CA GLY B 628 -54.13 -0.87 2.35
C GLY B 628 -55.13 -1.34 1.29
N VAL B 629 -54.77 -1.33 0.01
CA VAL B 629 -55.77 -1.72 -0.98
C VAL B 629 -56.02 -3.23 -0.96
N PHE B 630 -55.24 -3.95 -0.16
CA PHE B 630 -55.48 -5.37 0.11
C PHE B 630 -54.84 -5.75 1.44
N LYS B 631 -55.41 -6.75 2.11
CA LYS B 631 -55.14 -7.00 3.53
C LYS B 631 -54.27 -8.23 3.79
N SER B 632 -54.24 -9.22 2.89
CA SER B 632 -53.32 -10.34 3.10
C SER B 632 -53.03 -11.09 1.82
N ILE B 633 -51.73 -11.33 1.60
CA ILE B 633 -51.20 -12.03 0.43
C ILE B 633 -51.69 -13.46 0.30
N GLN B 634 -52.29 -14.00 1.37
CA GLN B 634 -52.62 -15.42 1.44
C GLN B 634 -53.78 -15.78 0.52
N HIS B 635 -54.68 -14.83 0.25
CA HIS B 635 -55.69 -15.01 -0.78
C HIS B 635 -56.45 -13.69 -0.93
N LEU B 636 -56.46 -13.15 -2.14
CA LEU B 636 -57.23 -11.97 -2.48
C LEU B 636 -58.72 -12.29 -2.52
N THR B 637 -59.54 -11.29 -2.22
CA THR B 637 -60.98 -11.41 -2.35
C THR B 637 -61.43 -10.90 -3.72
N VAL B 638 -62.63 -11.32 -4.14
CA VAL B 638 -63.20 -10.74 -5.33
C VAL B 638 -63.47 -9.24 -5.11
N THR B 639 -63.86 -8.86 -3.90
CA THR B 639 -64.04 -7.44 -3.64
C THR B 639 -62.71 -6.69 -3.50
N GLU B 640 -61.58 -7.38 -3.46
CA GLU B 640 -60.30 -6.70 -3.43
C GLU B 640 -59.58 -6.79 -4.77
N GLU B 641 -59.82 -7.88 -5.51
CA GLU B 641 -59.38 -8.02 -6.89
C GLU B 641 -59.87 -6.88 -7.78
N ILE B 642 -60.94 -6.19 -7.39
CA ILE B 642 -61.42 -5.02 -8.12
C ILE B 642 -60.83 -3.73 -7.57
N ALA B 643 -60.65 -3.62 -6.24
CA ALA B 643 -60.03 -2.43 -5.68
C ALA B 643 -58.65 -2.19 -6.27
N VAL B 644 -57.86 -3.25 -6.45
CA VAL B 644 -56.60 -3.13 -7.17
C VAL B 644 -56.83 -2.76 -8.62
N LYS B 645 -57.77 -3.45 -9.28
CA LYS B 645 -58.05 -3.16 -10.69
C LYS B 645 -58.58 -1.74 -10.85
N ASN B 646 -59.23 -1.21 -9.80
CA ASN B 646 -59.64 0.18 -9.77
C ASN B 646 -58.53 1.11 -9.29
N TRP B 647 -57.71 0.66 -8.34
CA TRP B 647 -56.58 1.48 -7.89
C TRP B 647 -55.65 1.81 -9.05
N LEU B 648 -55.20 0.78 -9.78
CA LEU B 648 -54.26 1.01 -10.86
C LEU B 648 -54.83 1.95 -11.92
N VAL B 649 -56.07 1.71 -12.36
CA VAL B 649 -56.63 2.56 -13.41
C VAL B 649 -56.92 3.97 -12.90
N ARG B 650 -57.07 4.13 -11.59
CA ARG B 650 -57.34 5.44 -11.01
C ARG B 650 -56.09 6.17 -10.54
N VAL B 651 -55.10 5.48 -9.95
CA VAL B 651 -53.86 6.17 -9.55
C VAL B 651 -52.58 5.50 -10.05
N GLY B 652 -52.70 4.41 -10.82
CA GLY B 652 -51.52 3.69 -11.32
C GLY B 652 -50.40 4.52 -11.91
N ARG B 653 -50.68 5.20 -13.02
CA ARG B 653 -49.69 6.05 -13.66
C ARG B 653 -49.15 7.08 -12.67
N GLU B 654 -49.96 7.47 -11.69
CA GLU B 654 -49.42 8.42 -10.73
C GLU B 654 -48.36 7.78 -9.87
N ARG B 655 -48.59 6.53 -9.46
CA ARG B 655 -47.69 5.91 -8.50
C ARG B 655 -46.38 5.50 -9.16
N LEU B 656 -46.43 5.14 -10.45
CA LEU B 656 -45.18 4.94 -11.21
C LEU B 656 -44.31 6.18 -11.16
N SER B 657 -44.91 7.35 -11.40
CA SER B 657 -44.17 8.60 -11.39
C SER B 657 -43.56 8.90 -10.03
N ARG B 658 -43.86 8.12 -9.02
CA ARG B 658 -43.24 8.33 -7.73
C ARG B 658 -41.97 7.53 -7.60
N MET B 659 -41.59 6.81 -8.65
CA MET B 659 -40.50 5.86 -8.59
C MET B 659 -39.45 6.16 -9.65
N ALA B 660 -38.20 6.03 -9.26
CA ALA B 660 -37.08 5.97 -10.18
C ALA B 660 -36.54 4.55 -10.10
N ILE B 661 -36.70 3.77 -11.16
CA ILE B 661 -36.35 2.36 -11.16
C ILE B 661 -35.39 2.06 -12.29
N SER B 662 -34.27 1.43 -11.94
CA SER B 662 -33.25 0.99 -12.90
C SER B 662 -32.89 -0.46 -12.55
N GLY B 663 -33.30 -1.40 -13.39
CA GLY B 663 -33.12 -2.80 -13.07
C GLY B 663 -33.63 -3.16 -11.69
N ASP B 664 -32.73 -3.73 -10.88
CA ASP B 664 -33.02 -4.09 -9.50
C ASP B 664 -32.95 -2.90 -8.58
N ASP B 665 -32.64 -1.72 -9.11
CA ASP B 665 -32.39 -0.54 -8.29
C ASP B 665 -33.61 0.37 -8.36
N CYS B 666 -34.20 0.65 -7.21
CA CYS B 666 -35.39 1.47 -7.24
C CYS B 666 -35.30 2.56 -6.17
N VAL B 667 -36.05 3.61 -6.40
CA VAL B 667 -36.23 4.69 -5.44
C VAL B 667 -37.68 5.07 -5.47
N VAL B 668 -38.33 4.99 -4.31
CA VAL B 668 -39.77 5.18 -4.18
C VAL B 668 -40.03 6.28 -3.15
N LYS B 669 -41.01 7.12 -3.47
CA LYS B 669 -41.59 8.06 -2.49
C LYS B 669 -43.10 7.86 -2.45
N PRO B 670 -43.60 7.05 -1.52
CA PRO B 670 -45.03 6.72 -1.52
C PRO B 670 -45.86 7.80 -0.84
N LEU B 671 -47.19 7.65 -0.94
CA LEU B 671 -48.13 8.59 -0.31
C LEU B 671 -47.74 8.91 1.13
N ASP B 672 -47.42 7.89 1.92
CA ASP B 672 -47.14 8.02 3.35
C ASP B 672 -46.15 6.95 3.77
N ASP B 673 -45.79 6.96 5.05
CA ASP B 673 -44.77 6.05 5.55
C ASP B 673 -45.34 4.71 5.99
N ARG B 674 -46.58 4.40 5.61
CA ARG B 674 -47.07 3.04 5.74
C ARG B 674 -46.19 2.10 4.92
N PHE B 675 -45.65 2.61 3.80
CA PHE B 675 -44.78 1.87 2.92
C PHE B 675 -43.67 1.15 3.68
N ALA B 676 -43.01 1.84 4.61
CA ALA B 676 -41.91 1.21 5.30
C ALA B 676 -42.28 0.00 6.09
N SER B 677 -43.56 -0.34 6.23
CA SER B 677 -43.98 -1.52 6.98
C SER B 677 -44.66 -2.56 6.12
N ALA B 678 -45.20 -2.17 4.97
CA ALA B 678 -45.75 -3.11 3.99
C ALA B 678 -44.67 -4.05 3.45
N LEU B 679 -44.53 -5.23 4.06
CA LEU B 679 -43.54 -6.20 3.67
C LEU B 679 -44.06 -7.61 3.40
N THR B 680 -45.34 -7.87 3.61
CA THR B 680 -45.77 -9.24 3.39
C THR B 680 -45.66 -9.62 1.92
N ALA B 681 -46.06 -8.72 1.02
CA ALA B 681 -46.04 -9.03 -0.40
C ALA B 681 -44.64 -8.95 -0.97
N LEU B 682 -43.87 -7.93 -0.59
CA LEU B 682 -42.49 -7.82 -1.03
C LEU B 682 -41.71 -9.08 -0.69
N ASN B 683 -41.80 -9.53 0.56
CA ASN B 683 -41.11 -10.75 0.94
C ASN B 683 -41.64 -11.97 0.21
N ASP B 684 -42.96 -12.13 0.15
CA ASP B 684 -43.52 -13.33 -0.46
C ASP B 684 -43.15 -13.42 -1.93
N MET B 685 -43.10 -12.28 -2.62
CA MET B 685 -42.64 -12.24 -4.00
C MET B 685 -41.19 -12.69 -4.17
N GLY B 686 -40.44 -12.86 -3.08
CA GLY B 686 -39.08 -13.35 -3.16
C GLY B 686 -38.05 -12.26 -3.17
N LYS B 687 -38.47 -11.01 -3.33
CA LYS B 687 -37.58 -9.87 -3.42
C LYS B 687 -37.29 -9.33 -2.02
N VAL B 688 -36.61 -10.17 -1.22
CA VAL B 688 -36.32 -9.84 0.16
C VAL B 688 -35.16 -8.84 0.21
N ARG B 689 -35.36 -7.74 0.94
CA ARG B 689 -34.38 -6.67 1.03
C ARG B 689 -33.05 -7.16 1.60
N LYS B 690 -31.97 -6.52 1.16
CA LYS B 690 -30.61 -6.82 1.62
C LYS B 690 -30.33 -6.04 2.90
N ASP B 691 -29.50 -6.63 3.75
CA ASP B 691 -28.92 -5.93 4.90
C ASP B 691 -30.00 -5.37 5.84
N ILE B 692 -30.92 -6.24 6.22
CA ILE B 692 -31.97 -5.87 7.18
C ILE B 692 -32.78 -7.10 7.55
N GLN B 693 -33.14 -7.21 8.84
CA GLN B 693 -34.05 -8.28 9.27
C GLN B 693 -35.35 -8.21 8.48
N GLN B 694 -35.99 -9.37 8.29
CA GLN B 694 -37.01 -9.49 7.24
C GLN B 694 -38.26 -8.64 7.48
N TRP B 695 -38.54 -8.28 8.74
CA TRP B 695 -39.74 -7.52 9.05
C TRP B 695 -39.47 -6.20 9.73
N GLU B 696 -38.22 -5.90 10.09
CA GLU B 696 -37.88 -4.56 10.55
C GLU B 696 -38.26 -3.56 9.46
N PRO B 697 -38.99 -2.50 9.80
CA PRO B 697 -39.41 -1.56 8.76
C PRO B 697 -38.21 -0.95 8.01
N SER B 698 -38.51 -0.39 6.85
CA SER B 698 -37.47 0.17 6.02
C SER B 698 -37.00 1.54 6.53
N ARG B 699 -35.73 1.85 6.29
CA ARG B 699 -35.15 3.15 6.63
C ARG B 699 -35.38 4.15 5.49
N GLY B 700 -36.14 5.21 5.77
CA GLY B 700 -36.45 6.19 4.75
C GLY B 700 -35.37 7.26 4.57
N TRP B 701 -35.66 8.19 3.65
CA TRP B 701 -34.78 9.32 3.36
C TRP B 701 -35.61 10.58 3.20
N ASN B 702 -35.22 11.62 3.94
CA ASN B 702 -35.96 12.87 3.90
C ASN B 702 -35.17 13.97 3.21
N ASP B 703 -34.10 13.60 2.51
CA ASP B 703 -33.27 14.55 1.76
C ASP B 703 -32.71 13.80 0.58
N TRP B 704 -33.17 14.13 -0.64
CA TRP B 704 -32.81 13.30 -1.80
C TRP B 704 -31.31 13.26 -2.04
N THR B 705 -30.58 14.31 -1.65
CA THR B 705 -29.13 14.34 -1.88
C THR B 705 -28.43 13.24 -1.06
N GLN B 706 -29.21 12.32 -0.51
CA GLN B 706 -28.68 11.20 0.24
C GLN B 706 -29.22 9.86 -0.22
N VAL B 707 -30.29 9.81 -0.99
CA VAL B 707 -30.82 8.53 -1.47
C VAL B 707 -29.85 7.95 -2.49
N PRO B 708 -29.42 6.70 -2.34
CA PRO B 708 -28.52 6.12 -3.33
C PRO B 708 -29.31 5.74 -4.56
N PHE B 709 -28.75 6.00 -5.72
CA PHE B 709 -29.41 5.52 -6.92
C PHE B 709 -28.36 5.32 -7.99
N CYS B 710 -28.40 4.16 -8.66
CA CYS B 710 -27.46 3.82 -9.71
C CYS B 710 -26.03 4.00 -9.25
N SER B 711 -25.74 3.50 -8.05
CA SER B 711 -24.37 3.46 -7.54
C SER B 711 -23.79 4.86 -7.33
N HIS B 712 -24.69 5.81 -7.05
CA HIS B 712 -24.40 7.23 -7.05
C HIS B 712 -25.31 7.94 -6.06
N HIS B 713 -24.79 9.01 -5.47
CA HIS B 713 -25.67 10.04 -4.92
C HIS B 713 -25.51 11.31 -5.76
N PHE B 714 -26.29 12.34 -5.42
CA PHE B 714 -26.36 13.52 -6.28
C PHE B 714 -26.42 14.76 -5.40
N HIS B 715 -25.31 15.50 -5.35
CA HIS B 715 -25.26 16.78 -4.66
C HIS B 715 -26.01 17.85 -5.46
N GLU B 716 -26.33 18.94 -4.78
CA GLU B 716 -26.98 20.07 -5.43
C GLU B 716 -26.06 21.26 -5.31
N LEU B 717 -25.67 21.78 -6.45
CA LEU B 717 -24.47 22.58 -6.55
C LEU B 717 -24.85 23.92 -7.16
N ILE B 718 -24.42 24.99 -6.51
CA ILE B 718 -24.85 26.35 -6.86
C ILE B 718 -23.77 27.00 -7.69
N MET B 719 -24.13 27.38 -8.91
CA MET B 719 -23.18 28.03 -9.81
C MET B 719 -22.76 29.41 -9.29
N LYS B 720 -21.96 30.15 -10.06
CA LYS B 720 -21.58 31.49 -9.64
C LYS B 720 -22.62 32.53 -10.04
N ASP B 721 -23.20 32.38 -11.22
CA ASP B 721 -24.36 33.15 -11.67
C ASP B 721 -25.62 32.72 -11.00
N GLY B 722 -25.50 31.95 -9.94
CA GLY B 722 -26.64 31.56 -9.14
C GLY B 722 -27.56 30.54 -9.76
N ARG B 723 -27.03 29.64 -10.59
CA ARG B 723 -27.82 28.55 -11.15
C ARG B 723 -27.47 27.24 -10.47
N VAL B 724 -28.40 26.29 -10.55
CA VAL B 724 -28.38 25.07 -9.74
C VAL B 724 -28.15 23.87 -10.63
N LEU B 725 -27.09 23.13 -10.33
CA LEU B 725 -26.77 21.88 -10.99
C LEU B 725 -27.00 20.75 -10.00
N VAL B 726 -27.76 19.73 -10.42
CA VAL B 726 -27.82 18.48 -9.67
C VAL B 726 -26.81 17.56 -10.36
N VAL B 727 -25.65 17.41 -9.74
CA VAL B 727 -24.52 16.68 -10.34
C VAL B 727 -24.39 15.30 -9.71
N PRO B 728 -23.88 14.32 -10.45
CA PRO B 728 -23.67 12.99 -9.86
C PRO B 728 -22.41 12.94 -9.02
N CYS B 729 -22.39 11.99 -8.08
CA CYS B 729 -21.26 11.87 -7.18
C CYS B 729 -21.24 10.46 -6.60
N ARG B 730 -20.09 10.09 -6.04
CA ARG B 730 -19.74 8.70 -5.72
C ARG B 730 -18.40 8.75 -5.01
N ASN B 731 -18.11 7.74 -4.17
CA ASN B 731 -16.82 7.73 -3.48
C ASN B 731 -15.69 7.95 -4.48
N GLN B 732 -14.76 8.84 -4.15
CA GLN B 732 -13.80 9.14 -5.21
C GLN B 732 -12.85 7.97 -5.53
N ASP B 733 -12.65 7.02 -4.61
CA ASP B 733 -11.64 6.01 -4.84
C ASP B 733 -12.11 4.97 -5.83
N GLU B 734 -13.40 4.66 -5.82
CA GLU B 734 -13.95 3.77 -6.83
C GLU B 734 -13.81 4.35 -8.22
N LEU B 735 -13.87 5.69 -8.34
CA LEU B 735 -13.71 6.34 -9.65
C LEU B 735 -12.27 6.23 -10.18
N ILE B 736 -11.26 6.45 -9.33
CA ILE B 736 -9.87 6.35 -9.77
C ILE B 736 -9.47 4.89 -9.99
N GLY B 737 -9.88 3.98 -9.10
CA GLY B 737 -9.53 2.57 -9.27
C GLY B 737 -10.03 2.00 -10.57
N ARG B 738 -11.31 2.23 -10.87
CA ARG B 738 -11.84 1.90 -12.18
C ARG B 738 -10.93 2.40 -13.28
N ALA B 739 -10.47 3.65 -13.18
CA ALA B 739 -9.83 4.33 -14.29
C ALA B 739 -8.48 3.74 -14.62
N ARG B 740 -7.77 3.26 -13.61
CA ARG B 740 -6.49 2.61 -13.78
C ARG B 740 -6.59 1.10 -13.92
N ILE B 741 -7.76 0.57 -14.29
CA ILE B 741 -7.90 -0.81 -14.72
C ILE B 741 -8.00 -0.87 -16.24
N SER B 742 -7.34 -1.86 -16.84
CA SER B 742 -7.53 -2.19 -18.24
C SER B 742 -8.33 -3.47 -18.33
N GLN B 743 -8.87 -3.72 -19.50
CA GLN B 743 -9.69 -4.90 -19.75
C GLN B 743 -8.95 -5.79 -20.74
N GLY B 744 -8.90 -7.07 -20.45
CA GLY B 744 -8.28 -7.99 -21.40
C GLY B 744 -6.84 -7.63 -21.69
N ALA B 745 -6.41 -8.04 -22.88
CA ALA B 745 -5.01 -7.99 -23.29
C ALA B 745 -4.88 -7.27 -24.62
N GLY B 746 -3.64 -7.18 -25.10
CA GLY B 746 -3.36 -6.70 -26.43
C GLY B 746 -3.40 -5.20 -26.60
N TRP B 747 -3.53 -4.46 -25.50
CA TRP B 747 -3.49 -3.00 -25.52
C TRP B 747 -2.13 -2.50 -25.97
N SER B 748 -1.97 -1.18 -26.10
CA SER B 748 -0.80 -0.76 -26.85
C SER B 748 -0.37 0.69 -26.64
N LEU B 749 -0.37 1.16 -25.41
CA LEU B 749 -0.01 2.55 -25.15
C LEU B 749 -1.02 3.46 -25.83
N ARG B 750 -1.14 3.39 -27.15
CA ARG B 750 -2.16 4.19 -27.80
C ARG B 750 -3.54 3.75 -27.34
N GLU B 751 -3.89 2.46 -27.48
CA GLU B 751 -5.19 2.01 -27.00
C GLU B 751 -5.29 2.17 -25.48
N THR B 752 -4.17 2.03 -24.79
CA THR B 752 -4.14 2.24 -23.35
C THR B 752 -4.32 3.70 -23.00
N ALA B 753 -3.64 4.60 -23.72
CA ALA B 753 -3.80 6.02 -23.47
C ALA B 753 -5.16 6.52 -23.89
N CYS B 754 -5.73 5.98 -24.95
CA CYS B 754 -7.08 6.35 -25.31
C CYS B 754 -8.11 5.86 -24.30
N LEU B 755 -7.84 4.78 -23.58
CA LEU B 755 -8.79 4.37 -22.56
C LEU B 755 -8.72 5.28 -21.35
N GLY B 756 -7.53 5.78 -21.03
CA GLY B 756 -7.44 6.81 -20.01
C GLY B 756 -8.18 8.05 -20.43
N LYS B 757 -7.96 8.50 -21.67
CA LYS B 757 -8.67 9.65 -22.22
C LYS B 757 -10.18 9.50 -22.08
N SER B 758 -10.69 8.28 -22.26
CA SER B 758 -12.11 8.04 -22.06
C SER B 758 -12.51 8.30 -20.61
N TYR B 759 -11.66 7.90 -19.66
CA TYR B 759 -12.03 8.16 -18.26
C TYR B 759 -11.90 9.64 -17.93
N ALA B 760 -10.83 10.29 -18.40
CA ALA B 760 -10.64 11.71 -18.13
C ALA B 760 -11.82 12.52 -18.62
N GLN B 761 -12.19 12.36 -19.89
CA GLN B 761 -13.26 13.16 -20.44
C GLN B 761 -14.57 12.90 -19.71
N MET B 762 -14.79 11.69 -19.23
CA MET B 762 -15.99 11.46 -18.41
C MET B 762 -15.91 12.16 -17.05
N TRP B 763 -14.75 12.14 -16.39
CA TRP B 763 -14.62 12.89 -15.13
C TRP B 763 -14.89 14.37 -15.35
N SER B 764 -14.23 14.98 -16.33
CA SER B 764 -14.37 16.41 -16.48
C SER B 764 -15.78 16.84 -16.90
N LEU B 765 -16.64 15.90 -17.21
CA LEU B 765 -18.01 16.18 -17.62
C LEU B 765 -19.07 15.70 -16.65
N MET B 766 -18.82 14.63 -15.90
CA MET B 766 -19.74 14.14 -14.87
C MET B 766 -19.29 14.49 -13.46
N TYR B 767 -18.01 14.58 -13.24
CA TYR B 767 -17.47 14.83 -11.92
C TYR B 767 -16.52 16.02 -11.95
N PHE B 768 -16.85 17.01 -12.79
CA PHE B 768 -16.10 18.26 -12.84
C PHE B 768 -16.04 18.95 -11.50
N HIS B 769 -16.99 18.64 -10.60
CA HIS B 769 -17.06 19.28 -9.29
C HIS B 769 -16.10 18.70 -8.28
N ARG B 770 -15.36 17.66 -8.62
CA ARG B 770 -14.45 17.04 -7.69
C ARG B 770 -13.05 17.50 -8.06
N ARG B 771 -12.42 18.24 -7.16
CA ARG B 771 -11.17 18.91 -7.48
C ARG B 771 -10.12 18.00 -8.10
N ASP B 772 -9.86 16.84 -7.47
CA ASP B 772 -8.78 15.98 -7.96
C ASP B 772 -9.13 15.32 -9.28
N LEU B 773 -10.38 14.90 -9.42
CA LEU B 773 -10.79 14.32 -10.69
C LEU B 773 -10.74 15.34 -11.79
N ARG B 774 -11.03 16.59 -11.48
CA ARG B 774 -10.80 17.56 -12.52
C ARG B 774 -9.32 17.78 -12.77
N LEU B 775 -8.49 17.93 -11.73
CA LEU B 775 -7.07 18.10 -11.99
C LEU B 775 -6.52 16.89 -12.71
N ALA B 776 -6.94 15.69 -12.30
CA ALA B 776 -6.42 14.47 -12.93
C ALA B 776 -6.87 14.37 -14.37
N ALA B 777 -8.14 14.67 -14.64
CA ALA B 777 -8.61 14.62 -16.01
C ALA B 777 -7.86 15.61 -16.88
N ASN B 778 -7.57 16.78 -16.33
CA ASN B 778 -6.87 17.78 -17.13
C ASN B 778 -5.47 17.27 -17.46
N ALA B 779 -4.85 16.59 -16.50
CA ALA B 779 -3.50 16.06 -16.68
C ALA B 779 -3.46 14.94 -17.70
N ILE B 780 -4.40 13.98 -17.61
CA ILE B 780 -4.49 12.89 -18.58
C ILE B 780 -4.68 13.45 -19.99
N CYS B 781 -5.59 14.42 -20.13
CA CYS B 781 -5.81 15.03 -21.42
C CYS B 781 -4.63 15.84 -21.92
N SER B 782 -3.77 16.33 -21.05
CA SER B 782 -2.62 17.08 -21.54
C SER B 782 -1.48 16.14 -21.88
N ALA B 783 -1.58 14.89 -21.44
CA ALA B 783 -0.58 13.89 -21.73
C ALA B 783 -0.92 13.01 -22.90
N VAL B 784 -2.19 12.92 -23.30
CA VAL B 784 -2.58 12.11 -24.44
C VAL B 784 -2.70 13.01 -25.66
N PRO B 785 -2.14 12.61 -26.81
CA PRO B 785 -2.25 13.44 -28.02
C PRO B 785 -3.66 13.96 -28.26
N SER B 786 -3.76 15.28 -28.42
CA SER B 786 -5.03 16.00 -28.43
C SER B 786 -6.06 15.39 -29.38
N HIS B 787 -5.60 14.76 -30.46
CA HIS B 787 -6.45 14.27 -31.53
C HIS B 787 -6.65 12.76 -31.51
N TRP B 788 -6.06 12.04 -30.55
CA TRP B 788 -6.36 10.63 -30.40
C TRP B 788 -7.75 10.45 -29.81
N VAL B 789 -8.56 9.62 -30.47
CA VAL B 789 -10.00 9.53 -30.18
C VAL B 789 -10.25 8.48 -29.09
N PRO B 790 -11.01 8.79 -28.05
CA PRO B 790 -11.09 7.85 -26.92
C PRO B 790 -11.77 6.54 -27.27
N THR B 791 -11.41 5.50 -26.52
CA THR B 791 -11.66 4.13 -26.91
C THR B 791 -12.26 3.33 -25.76
N SER B 792 -12.86 2.22 -26.14
CA SER B 792 -13.37 1.13 -25.31
C SER B 792 -14.36 1.46 -24.20
N ARG B 793 -14.51 0.49 -23.28
CA ARG B 793 -15.65 0.47 -22.36
C ARG B 793 -15.32 1.16 -21.04
N THR B 794 -15.86 2.37 -20.85
CA THR B 794 -15.64 3.18 -19.63
C THR B 794 -16.52 2.67 -18.47
N THR B 801 -25.58 7.02 -21.75
CA THR B 801 -25.25 8.10 -22.67
C THR B 801 -23.78 8.53 -22.54
N HIS B 802 -22.97 8.37 -23.58
CA HIS B 802 -21.52 8.57 -23.51
C HIS B 802 -21.09 9.75 -24.38
N GLU B 803 -21.40 10.96 -23.92
CA GLU B 803 -21.07 12.15 -24.71
C GLU B 803 -19.60 12.54 -24.59
N TRP B 804 -18.84 11.87 -23.73
CA TRP B 804 -17.43 12.13 -23.50
C TRP B 804 -16.54 11.29 -24.40
N MET B 805 -17.10 10.63 -25.41
CA MET B 805 -16.33 9.81 -26.32
C MET B 805 -16.00 10.50 -27.63
N THR B 806 -16.21 11.81 -27.73
CA THR B 806 -15.83 12.59 -28.89
C THR B 806 -14.48 13.20 -28.62
N THR B 807 -14.03 14.09 -29.50
CA THR B 807 -12.91 14.96 -29.21
C THR B 807 -13.29 16.43 -29.34
N GLU B 808 -14.55 16.75 -29.08
CA GLU B 808 -14.97 18.13 -29.03
C GLU B 808 -14.37 18.78 -27.79
N ASP B 809 -14.27 20.11 -27.81
CA ASP B 809 -13.92 20.84 -26.61
C ASP B 809 -14.88 20.40 -25.52
N MET B 810 -14.34 19.92 -24.38
CA MET B 810 -15.24 19.44 -23.33
C MET B 810 -16.02 20.57 -22.70
N LEU B 811 -15.61 21.81 -22.93
CA LEU B 811 -16.46 22.93 -22.60
C LEU B 811 -17.70 22.93 -23.46
N THR B 812 -17.52 22.61 -24.75
CA THR B 812 -18.66 22.50 -25.65
C THR B 812 -19.62 21.40 -25.19
N VAL B 813 -19.10 20.27 -24.79
CA VAL B 813 -19.99 19.19 -24.38
C VAL B 813 -20.57 19.51 -23.02
N TRP B 814 -19.81 20.18 -22.15
CA TRP B 814 -20.36 20.65 -20.89
C TRP B 814 -21.52 21.61 -21.12
N ASN B 815 -21.31 22.66 -21.91
CA ASN B 815 -22.39 23.62 -22.14
C ASN B 815 -23.61 22.95 -22.75
N ARG B 816 -23.43 21.90 -23.53
CA ARG B 816 -24.60 21.29 -24.15
C ARG B 816 -25.33 20.39 -23.18
N VAL B 817 -24.58 19.74 -22.30
CA VAL B 817 -25.17 18.73 -21.43
C VAL B 817 -25.88 19.39 -20.28
N TRP B 818 -25.21 20.30 -19.61
CA TRP B 818 -25.74 20.88 -18.39
C TRP B 818 -26.57 22.14 -18.60
N ILE B 819 -26.33 22.88 -19.68
CA ILE B 819 -26.99 24.15 -19.90
C ILE B 819 -27.91 24.11 -21.12
N GLN B 820 -27.39 23.77 -22.29
CA GLN B 820 -28.19 23.80 -23.51
C GLN B 820 -29.36 22.81 -23.50
N GLU B 821 -29.06 21.54 -23.26
CA GLU B 821 -30.04 20.47 -23.40
C GLU B 821 -30.64 20.05 -22.07
N ASN B 822 -30.39 20.82 -21.01
CA ASN B 822 -30.89 20.49 -19.67
C ASN B 822 -32.29 21.06 -19.49
N PRO B 823 -33.31 20.24 -19.23
CA PRO B 823 -34.67 20.79 -19.10
C PRO B 823 -34.90 21.52 -17.79
N TRP B 824 -34.13 21.23 -16.74
CA TRP B 824 -34.17 21.97 -15.49
C TRP B 824 -33.17 23.13 -15.48
N MET B 825 -32.79 23.61 -16.66
CA MET B 825 -32.03 24.85 -16.82
C MET B 825 -32.89 25.80 -17.64
N GLU B 826 -33.54 26.79 -17.00
CA GLU B 826 -34.37 27.71 -17.77
C GLU B 826 -33.54 28.77 -18.51
N ASP B 827 -32.44 29.21 -17.91
CA ASP B 827 -31.55 30.21 -18.50
C ASP B 827 -30.44 29.51 -19.29
N LYS B 828 -30.44 29.69 -20.62
CA LYS B 828 -29.46 29.05 -21.48
C LYS B 828 -28.21 29.88 -21.72
N THR B 829 -27.92 30.88 -20.92
CA THR B 829 -26.65 31.57 -21.12
C THR B 829 -25.51 30.57 -20.99
N PRO B 830 -24.62 30.48 -21.97
CA PRO B 830 -23.50 29.53 -21.89
C PRO B 830 -22.37 30.00 -21.00
N VAL B 831 -21.61 29.05 -20.55
CA VAL B 831 -20.38 29.24 -19.80
C VAL B 831 -19.23 29.32 -20.79
N GLU B 832 -18.27 30.22 -20.55
CA GLU B 832 -17.18 30.39 -21.49
C GLU B 832 -15.81 30.04 -20.93
N SER B 833 -15.73 29.61 -19.68
CA SER B 833 -14.48 29.13 -19.10
C SER B 833 -14.78 28.02 -18.13
N TRP B 834 -13.77 27.21 -17.79
CA TRP B 834 -13.96 26.32 -16.65
C TRP B 834 -13.90 27.09 -15.34
N GLU B 835 -13.18 28.21 -15.30
CA GLU B 835 -13.19 29.08 -14.12
C GLU B 835 -14.60 29.48 -13.72
N GLU B 836 -15.58 29.27 -14.58
CA GLU B 836 -16.98 29.49 -14.25
C GLU B 836 -17.65 28.27 -13.68
N ILE B 837 -17.07 27.09 -13.84
CA ILE B 837 -17.72 25.86 -13.43
C ILE B 837 -17.23 25.48 -12.04
N PRO B 838 -18.13 25.12 -11.16
CA PRO B 838 -17.84 25.06 -9.73
C PRO B 838 -17.28 23.72 -9.28
N TYR B 839 -16.76 23.73 -8.07
CA TYR B 839 -16.48 22.51 -7.35
C TYR B 839 -17.52 22.38 -6.24
N LEU B 840 -17.59 21.20 -5.65
CA LEU B 840 -18.29 21.04 -4.39
C LEU B 840 -17.63 21.92 -3.35
N GLY B 841 -18.25 22.04 -2.19
CA GLY B 841 -17.55 22.56 -1.05
C GLY B 841 -16.42 21.63 -0.61
N LYS B 842 -15.30 22.24 -0.21
CA LYS B 842 -14.20 21.44 0.35
C LYS B 842 -14.66 20.42 1.36
N ARG B 843 -15.77 20.67 2.07
CA ARG B 843 -16.23 19.70 3.06
C ARG B 843 -16.83 18.46 2.39
N GLU B 844 -17.79 18.65 1.48
CA GLU B 844 -18.33 17.50 0.75
C GLU B 844 -17.25 16.82 -0.09
N ASP B 845 -16.36 17.60 -0.71
CA ASP B 845 -15.35 17.02 -1.58
C ASP B 845 -14.53 15.98 -0.82
N GLN B 846 -14.08 16.34 0.40
CA GLN B 846 -13.32 15.43 1.24
C GLN B 846 -14.19 14.29 1.79
N TRP B 847 -15.48 14.56 2.01
CA TRP B 847 -16.42 13.50 2.39
C TRP B 847 -16.55 12.49 1.28
N CYS B 848 -17.20 12.87 0.16
CA CYS B 848 -17.25 12.07 -1.04
C CYS B 848 -15.76 11.54 -1.51
N GLY B 849 -14.64 11.78 -0.82
CA GLY B 849 -13.47 10.96 -1.01
C GLY B 849 -12.21 11.67 -1.46
N SER B 850 -12.23 12.99 -1.39
CA SER B 850 -11.18 13.76 -2.04
C SER B 850 -9.86 13.60 -1.28
N LEU B 851 -8.82 14.26 -1.80
CA LEU B 851 -7.50 14.25 -1.17
C LEU B 851 -6.95 15.67 -1.01
N ILE B 852 -7.74 16.70 -1.28
CA ILE B 852 -7.26 18.04 -0.97
C ILE B 852 -7.06 18.17 0.53
N GLY B 853 -5.99 18.84 0.91
CA GLY B 853 -5.63 18.94 2.31
C GLY B 853 -4.40 18.09 2.56
N LEU B 854 -4.48 16.81 2.21
CA LEU B 854 -3.37 15.91 2.49
C LEU B 854 -2.12 16.37 1.73
N THR B 855 -0.97 16.17 2.34
CA THR B 855 0.24 16.77 1.80
C THR B 855 0.75 16.00 0.59
N SER B 856 0.32 14.74 0.46
CA SER B 856 0.60 13.96 -0.73
C SER B 856 -0.03 14.59 -1.96
N ARG B 857 -1.24 15.13 -1.81
CA ARG B 857 -1.99 15.62 -2.96
C ARG B 857 -1.47 16.96 -3.41
N ALA B 858 -1.16 17.86 -2.48
CA ALA B 858 -0.69 19.17 -2.87
C ALA B 858 0.62 19.09 -3.64
N THR B 859 1.44 18.08 -3.35
CA THR B 859 2.68 17.86 -4.08
C THR B 859 2.41 17.39 -5.49
N TRP B 860 1.37 16.56 -5.64
CA TRP B 860 0.96 16.05 -6.95
C TRP B 860 0.59 17.18 -7.89
N ALA B 861 -0.15 18.17 -7.36
CA ALA B 861 -0.64 19.28 -8.16
C ALA B 861 0.48 20.26 -8.52
N LYS B 862 1.34 20.61 -7.57
CA LYS B 862 2.41 21.55 -7.89
C LYS B 862 3.30 21.01 -9.01
N ASN B 863 3.47 19.70 -9.09
CA ASN B 863 4.36 19.09 -10.07
C ASN B 863 3.63 18.34 -11.18
N ILE B 864 2.31 18.48 -11.30
CA ILE B 864 1.58 17.61 -12.20
C ILE B 864 2.07 17.78 -13.62
N GLN B 865 2.70 18.93 -13.91
CA GLN B 865 3.32 19.09 -15.22
C GLN B 865 4.53 18.17 -15.40
N THR B 866 5.23 17.80 -14.34
CA THR B 866 6.31 16.83 -14.51
C THR B 866 5.76 15.45 -14.83
N ALA B 867 4.62 15.08 -14.24
CA ALA B 867 3.99 13.80 -14.57
C ALA B 867 3.48 13.79 -16.00
N ILE B 868 2.76 14.84 -16.39
CA ILE B 868 2.28 14.97 -17.77
C ILE B 868 3.42 14.72 -18.78
N ASN B 869 4.62 15.18 -18.48
CA ASN B 869 5.72 14.96 -19.41
C ASN B 869 6.32 13.56 -19.34
N GLN B 870 6.36 12.93 -18.16
CA GLN B 870 6.83 11.56 -18.09
C GLN B 870 6.05 10.70 -19.07
N VAL B 871 4.75 10.98 -19.18
CA VAL B 871 3.85 10.27 -20.07
C VAL B 871 3.91 10.79 -21.50
N ARG B 872 4.06 12.11 -21.65
CA ARG B 872 4.27 12.67 -22.98
C ARG B 872 5.52 12.07 -23.63
N SER B 873 6.66 12.07 -22.90
CA SER B 873 7.89 11.54 -23.47
C SER B 873 7.79 10.05 -23.73
N LEU B 874 6.94 9.35 -22.97
CA LEU B 874 6.66 7.94 -23.15
C LEU B 874 5.93 7.68 -24.47
N ILE B 875 4.76 8.31 -24.66
CA ILE B 875 3.96 8.10 -25.85
C ILE B 875 4.73 8.51 -27.09
N GLY B 876 5.51 9.58 -26.98
CA GLY B 876 6.51 9.78 -28.00
C GLY B 876 6.45 11.20 -28.55
N ASN B 877 6.82 11.31 -29.82
CA ASN B 877 7.03 12.62 -30.43
C ASN B 877 5.73 13.06 -31.10
N GLU B 878 4.86 13.73 -30.35
CA GLU B 878 3.54 14.12 -30.85
C GLU B 878 3.32 15.57 -30.47
N GLU B 879 2.12 16.09 -30.69
CA GLU B 879 1.81 17.44 -30.27
C GLU B 879 0.63 17.39 -29.31
N TYR B 880 0.85 17.93 -28.13
CA TYR B 880 -0.12 17.90 -27.06
C TYR B 880 -0.65 19.29 -26.81
N THR B 881 -1.84 19.34 -26.24
CA THR B 881 -2.46 20.56 -25.77
C THR B 881 -2.37 20.59 -24.26
N ASP B 882 -2.36 21.80 -23.71
CA ASP B 882 -2.26 22.01 -22.28
C ASP B 882 -3.62 22.43 -21.76
N TYR B 883 -4.10 21.73 -20.74
CA TYR B 883 -5.35 22.06 -20.09
C TYR B 883 -5.18 22.49 -18.66
N MET B 884 -3.98 22.35 -18.12
CA MET B 884 -3.71 22.78 -16.77
C MET B 884 -3.71 24.30 -16.75
N PRO B 885 -4.50 24.95 -15.87
CA PRO B 885 -4.39 26.40 -15.69
C PRO B 885 -3.72 26.78 -14.36
#